data_9GRJ
# 
_entry.id   9GRJ 
# 
_audit_conform.dict_name       mmcif_pdbx.dic 
_audit_conform.dict_version    5.409 
_audit_conform.dict_location   http://mmcif.pdb.org/dictionaries/ascii/mmcif_pdbx.dic 
# 
loop_
_database_2.database_id 
_database_2.database_code 
_database_2.pdbx_database_accession 
_database_2.pdbx_DOI 
PDB   9GRJ         pdb_00009grj 10.2210/pdb9grj/pdb 
WWPDB D_1292141689 ?            ?                   
# 
_pdbx_audit_revision_history.ordinal             1 
_pdbx_audit_revision_history.data_content_type   'Structure model' 
_pdbx_audit_revision_history.major_revision      1 
_pdbx_audit_revision_history.minor_revision      0 
_pdbx_audit_revision_history.revision_date       2025-12-24 
_pdbx_audit_revision_history.part_number         ? 
# 
_pdbx_audit_revision_details.ordinal             1 
_pdbx_audit_revision_details.revision_ordinal    1 
_pdbx_audit_revision_details.data_content_type   'Structure model' 
_pdbx_audit_revision_details.provider            repository 
_pdbx_audit_revision_details.type                'Initial release' 
_pdbx_audit_revision_details.description         ? 
_pdbx_audit_revision_details.details             ? 
# 
_pdbx_database_status.status_code                     REL 
_pdbx_database_status.status_code_sf                  REL 
_pdbx_database_status.status_code_mr                  ? 
_pdbx_database_status.entry_id                        9GRJ 
_pdbx_database_status.recvd_initial_deposition_date   2024-09-11 
_pdbx_database_status.SG_entry                        N 
_pdbx_database_status.deposit_site                    PDBE 
_pdbx_database_status.process_site                    PDBE 
_pdbx_database_status.status_code_cs                  ? 
_pdbx_database_status.status_code_nmr_data            ? 
_pdbx_database_status.methods_development_category    ? 
_pdbx_database_status.pdb_format_compatible           Y 
# 
_pdbx_contact_author.id                 2 
_pdbx_contact_author.email              rhurtado@bifi.es 
_pdbx_contact_author.name_first         Ramon 
_pdbx_contact_author.name_last          Hurtado-Guerrero 
_pdbx_contact_author.name_mi            ? 
_pdbx_contact_author.role               'principal investigator/group leader' 
_pdbx_contact_author.identifier_ORCID   0000-0002-3122-9401 
# 
loop_
_audit_author.name 
_audit_author.pdbx_ordinal 
_audit_author.identifier_ORCID 
'Veloz, B.'            1 ? 
'Taleb, V.'            2 ? 
'Hurtado-Guerrero, R.' 3 ? 
# 
_citation.abstract                  ? 
_citation.abstract_id_CAS           ? 
_citation.book_id_ISBN              ? 
_citation.book_publisher            ? 
_citation.book_publisher_city       ? 
_citation.book_title                ? 
_citation.coordinate_linkage        ? 
_citation.country                   UK 
_citation.database_id_Medline       ? 
_citation.details                   ? 
_citation.id                        primary 
_citation.journal_abbrev            'Nat Commun' 
_citation.journal_id_ASTM           ? 
_citation.journal_id_CSD            ? 
_citation.journal_id_ISSN           2041-1723 
_citation.journal_full              ? 
_citation.journal_issue             ? 
_citation.journal_volume            16 
_citation.language                  ? 
_citation.page_first                9058 
_citation.page_last                 9058 
_citation.title                     
'Microbial binding module employs sophisticated clustered saccharide patches to selectively adhere to mucins.' 
_citation.year                      2025 
_citation.database_id_CSD           ? 
_citation.pdbx_database_id_DOI      10.1038/s41467-025-63756-w 
_citation.pdbx_database_id_PubMed   41083434 
_citation.pdbx_database_id_patent   ? 
_citation.unpublished_flag          ? 
# 
loop_
_citation_author.citation_id 
_citation_author.name 
_citation_author.ordinal 
_citation_author.identifier_ORCID 
primary 'Jaroentomeechai, T.'  1  ?                   
primary 'Veloz, B.'            2  0009-0002-8231-6430 
primary 'Soares, C.O.'         3  ?                   
primary 'Goerdeler, F.'        4  0000-0002-7190-9145 
primary 'Grosso, A.S.'         5  ?                   
primary 'Bull, C.'             6  0000-0001-7785-2920 
primary 'Miller, R.L.'         7  0000-0001-8574-1948 
primary 'Furukawa, S.'         8  ?                   
primary 'Gines-Alcober, I.'    9  ?                   
primary 'Taleb, V.'            10 ?                   
primary 'Merino, P.'           11 0000-0002-2202-3460 
primary 'Ghirardello, M.'      12 0000-0002-2855-4801 
primary 'Companon, I.'         13 ?                   
primary 'Coelho, H.'           14 0000-0003-1992-8557 
primary 'Dias, J.S.'           15 0000-0001-9725-1882 
primary 'Vincentelli, R.'      16 0000-0001-9667-0196 
primary 'Henrissat, B.'        17 0000-0002-3434-8588 
primary 'Joshi, H.'            18 0000-0002-8192-2829 
primary 'Clausen, H.'          19 0000-0002-0915-5055 
primary 'Corzana, F.'          20 0000-0001-5597-8127 
primary 'Marcelo, F.'          21 0000-0001-5049-8511 
primary 'Hurtado-Guerrero, R.' 22 0000-0002-3122-9401 
primary 'Narimatsu, Y.'        23 0000-0003-1428-5695 
# 
loop_
_entity.id 
_entity.type 
_entity.src_method 
_entity.pdbx_description 
_entity.formula_weight 
_entity.pdbx_number_of_molecules 
_entity.pdbx_ec 
_entity.pdbx_mutation 
_entity.pdbx_fragment 
_entity.details 
1 polymer     man 'Metalloprotease StcE'                      11187.743 1  3.4.24.- ? ? ? 
2 polymer     man penta-Tn-glycopeptide                       1262.343  1  ?        ? ? ? 
3 non-polymer syn GLYCEROL                                    92.094    4  ?        ? ? ? 
4 non-polymer syn 2-acetamido-2-deoxy-alpha-D-galactopyranose 221.208   5  ?        ? ? ? 
5 water       nat water                                       18.015    99 ?        ? ? ? 
# 
_entity_name_com.entity_id   1 
_entity_name_com.name        'Mucinase,Neutral zinc metalloprotease StcE,Secreted protease of C1 esterase inhibitor from EHEC' 
# 
loop_
_entity_poly.entity_id 
_entity_poly.type 
_entity_poly.nstd_linkage 
_entity_poly.nstd_monomer 
_entity_poly.pdbx_seq_one_letter_code 
_entity_poly.pdbx_seq_one_letter_code_can 
_entity_poly.pdbx_strand_id 
_entity_poly.pdbx_target_identifier 
1 'polypeptide(L)' no no 
;ALPAKENEGCIVSVNSGKRYCLPVGQRSGYSLPDWIVGQEVYVDSGAKAKVLLSDWDNLSYNRIGEFVGNVNPADMKKVK
AWNGQYLDFSKPRSMRVVYK
;
;ALPAKENEGCIVSVNSGKRYCLPVGQRSGYSLPDWIVGQEVYVDSGAKAKVLLSDWDNLSYNRIGEFVGNVNPADMKKVK
AWNGQYLDFSKPRSMRVVYK
;
A ? 
2 'polypeptide(L)' no no AEAPTTSTTSAPK                                                                                           
AEAPTTSTTSAPK                                                                                           M ? 
# 
loop_
_pdbx_entity_nonpoly.entity_id 
_pdbx_entity_nonpoly.name 
_pdbx_entity_nonpoly.comp_id 
3 GLYCEROL                                    GOL 
4 2-acetamido-2-deoxy-alpha-D-galactopyranose A2G 
5 water                                       HOH 
# 
loop_
_entity_poly_seq.entity_id 
_entity_poly_seq.num 
_entity_poly_seq.mon_id 
_entity_poly_seq.hetero 
1 1   ALA n 
1 2   LEU n 
1 3   PRO n 
1 4   ALA n 
1 5   LYS n 
1 6   GLU n 
1 7   ASN n 
1 8   GLU n 
1 9   GLY n 
1 10  CYS n 
1 11  ILE n 
1 12  VAL n 
1 13  SER n 
1 14  VAL n 
1 15  ASN n 
1 16  SER n 
1 17  GLY n 
1 18  LYS n 
1 19  ARG n 
1 20  TYR n 
1 21  CYS n 
1 22  LEU n 
1 23  PRO n 
1 24  VAL n 
1 25  GLY n 
1 26  GLN n 
1 27  ARG n 
1 28  SER n 
1 29  GLY n 
1 30  TYR n 
1 31  SER n 
1 32  LEU n 
1 33  PRO n 
1 34  ASP n 
1 35  TRP n 
1 36  ILE n 
1 37  VAL n 
1 38  GLY n 
1 39  GLN n 
1 40  GLU n 
1 41  VAL n 
1 42  TYR n 
1 43  VAL n 
1 44  ASP n 
1 45  SER n 
1 46  GLY n 
1 47  ALA n 
1 48  LYS n 
1 49  ALA n 
1 50  LYS n 
1 51  VAL n 
1 52  LEU n 
1 53  LEU n 
1 54  SER n 
1 55  ASP n 
1 56  TRP n 
1 57  ASP n 
1 58  ASN n 
1 59  LEU n 
1 60  SER n 
1 61  TYR n 
1 62  ASN n 
1 63  ARG n 
1 64  ILE n 
1 65  GLY n 
1 66  GLU n 
1 67  PHE n 
1 68  VAL n 
1 69  GLY n 
1 70  ASN n 
1 71  VAL n 
1 72  ASN n 
1 73  PRO n 
1 74  ALA n 
1 75  ASP n 
1 76  MET n 
1 77  LYS n 
1 78  LYS n 
1 79  VAL n 
1 80  LYS n 
1 81  ALA n 
1 82  TRP n 
1 83  ASN n 
1 84  GLY n 
1 85  GLN n 
1 86  TYR n 
1 87  LEU n 
1 88  ASP n 
1 89  PHE n 
1 90  SER n 
1 91  LYS n 
1 92  PRO n 
1 93  ARG n 
1 94  SER n 
1 95  MET n 
1 96  ARG n 
1 97  VAL n 
1 98  VAL n 
1 99  TYR n 
1 100 LYS n 
2 1   ALA n 
2 2   GLU n 
2 3   ALA n 
2 4   PRO n 
2 5   THR n 
2 6   THR n 
2 7   SER n 
2 8   THR n 
2 9   THR n 
2 10  SER n 
2 11  ALA n 
2 12  PRO n 
2 13  LYS n 
# 
loop_
_entity_src_gen.entity_id 
_entity_src_gen.pdbx_src_id 
_entity_src_gen.pdbx_alt_source_flag 
_entity_src_gen.pdbx_seq_type 
_entity_src_gen.pdbx_beg_seq_num 
_entity_src_gen.pdbx_end_seq_num 
_entity_src_gen.gene_src_common_name 
_entity_src_gen.gene_src_genus 
_entity_src_gen.pdbx_gene_src_gene 
_entity_src_gen.gene_src_species 
_entity_src_gen.gene_src_strain 
_entity_src_gen.gene_src_tissue 
_entity_src_gen.gene_src_tissue_fraction 
_entity_src_gen.gene_src_details 
_entity_src_gen.pdbx_gene_src_fragment 
_entity_src_gen.pdbx_gene_src_scientific_name 
_entity_src_gen.pdbx_gene_src_ncbi_taxonomy_id 
_entity_src_gen.pdbx_gene_src_variant 
_entity_src_gen.pdbx_gene_src_cell_line 
_entity_src_gen.pdbx_gene_src_atcc 
_entity_src_gen.pdbx_gene_src_organ 
_entity_src_gen.pdbx_gene_src_organelle 
_entity_src_gen.pdbx_gene_src_cell 
_entity_src_gen.pdbx_gene_src_cellular_location 
_entity_src_gen.host_org_common_name 
_entity_src_gen.pdbx_host_org_scientific_name 
_entity_src_gen.pdbx_host_org_ncbi_taxonomy_id 
_entity_src_gen.host_org_genus 
_entity_src_gen.pdbx_host_org_gene 
_entity_src_gen.pdbx_host_org_organ 
_entity_src_gen.host_org_species 
_entity_src_gen.pdbx_host_org_tissue 
_entity_src_gen.pdbx_host_org_tissue_fraction 
_entity_src_gen.pdbx_host_org_strain 
_entity_src_gen.pdbx_host_org_variant 
_entity_src_gen.pdbx_host_org_cell_line 
_entity_src_gen.pdbx_host_org_atcc 
_entity_src_gen.pdbx_host_org_culture_collection 
_entity_src_gen.pdbx_host_org_cell 
_entity_src_gen.pdbx_host_org_organelle 
_entity_src_gen.pdbx_host_org_cellular_location 
_entity_src_gen.pdbx_host_org_vector_type 
_entity_src_gen.pdbx_host_org_vector 
_entity_src_gen.host_org_details 
_entity_src_gen.expression_system_id 
_entity_src_gen.plasmid_name 
_entity_src_gen.plasmid_details 
_entity_src_gen.pdbx_description 
1 1 sample 'Biological sequence' 1 100 ? ? 'stcE, tagA, L7031, ECO57PM83' ? ? ? ? ? ? 'Escherichia coli'    562   ? ? ? ? ? ? ? ? 
'Escherichia coli' 562  ? ? ? ? ? ? ? ? ?      ? ? ? ? ? ? ? ? ? ? ? ? 
2 1 sample 'Biological sequence' 1 13  ? ? ?                              ? ? ? ? ? ? 'synthetic construct' 32630 ? ? ? ? ? ? ? 
human 'Homo sapiens'     9606 ? ? ? ? ? ? ? ? HEK293 ? ? ? ? ? ? ? ? ? ? ? ? 
# 
loop_
_chem_comp.id 
_chem_comp.type 
_chem_comp.mon_nstd_flag 
_chem_comp.name 
_chem_comp.pdbx_synonyms 
_chem_comp.formula 
_chem_comp.formula_weight 
A2G 'D-saccharide, alpha linking' . 2-acetamido-2-deoxy-alpha-D-galactopyranose 
;N-acetyl-alpha-D-galactosamine; 2-acetamido-2-deoxy-alpha-D-galactose; 2-acetamido-2-deoxy-D-galactose; 2-acetamido-2-deoxy-galactose; N-ACETYL-2-DEOXY-2-AMINO-GALACTOSE
;
'C8 H15 N O6'    221.208 
ALA 'L-peptide linking'           y ALANINE                                     ? 'C3 H7 N O2'     89.093  
ARG 'L-peptide linking'           y ARGININE                                    ? 'C6 H15 N4 O2 1' 175.209 
ASN 'L-peptide linking'           y ASPARAGINE                                  ? 'C4 H8 N2 O3'    132.118 
ASP 'L-peptide linking'           y 'ASPARTIC ACID'                             ? 'C4 H7 N O4'     133.103 
CYS 'L-peptide linking'           y CYSTEINE                                    ? 'C3 H7 N O2 S'   121.158 
GLN 'L-peptide linking'           y GLUTAMINE                                   ? 'C5 H10 N2 O3'   146.144 
GLU 'L-peptide linking'           y 'GLUTAMIC ACID'                             ? 'C5 H9 N O4'     147.129 
GLY 'peptide linking'             y GLYCINE                                     ? 'C2 H5 N O2'     75.067  
GOL non-polymer                   . GLYCEROL                                    'GLYCERIN; PROPANE-1,2,3-TRIOL' 'C3 H8 O3'       
92.094  
HOH non-polymer                   . WATER                                       ? 'H2 O'           18.015  
ILE 'L-peptide linking'           y ISOLEUCINE                                  ? 'C6 H13 N O2'    131.173 
LEU 'L-peptide linking'           y LEUCINE                                     ? 'C6 H13 N O2'    131.173 
LYS 'L-peptide linking'           y LYSINE                                      ? 'C6 H15 N2 O2 1' 147.195 
MET 'L-peptide linking'           y METHIONINE                                  ? 'C5 H11 N O2 S'  149.211 
PHE 'L-peptide linking'           y PHENYLALANINE                               ? 'C9 H11 N O2'    165.189 
PRO 'L-peptide linking'           y PROLINE                                     ? 'C5 H9 N O2'     115.130 
SER 'L-peptide linking'           y SERINE                                      ? 'C3 H7 N O3'     105.093 
THR 'L-peptide linking'           y THREONINE                                   ? 'C4 H9 N O3'     119.119 
TRP 'L-peptide linking'           y TRYPTOPHAN                                  ? 'C11 H12 N2 O2'  204.225 
TYR 'L-peptide linking'           y TYROSINE                                    ? 'C9 H11 N O3'    181.189 
VAL 'L-peptide linking'           y VALINE                                      ? 'C5 H11 N O2'    117.146 
# 
loop_
_pdbx_chem_comp_identifier.comp_id 
_pdbx_chem_comp_identifier.type 
_pdbx_chem_comp_identifier.program 
_pdbx_chem_comp_identifier.program_version 
_pdbx_chem_comp_identifier.identifier 
A2G 'CONDENSED IUPAC CARBOHYDRATE SYMBOL' GMML     1.0 DGalpNAca                        
A2G 'COMMON NAME'                         GMML     1.0 N-acetyl-a-D-galactopyranosamine 
A2G 'IUPAC CARBOHYDRATE SYMBOL'           PDB-CARE 1.0 a-D-GalpNAc                      
A2G 'SNFG CARBOHYDRATE SYMBOL'            GMML     1.0 GalNAc                           
# 
loop_
_pdbx_poly_seq_scheme.asym_id 
_pdbx_poly_seq_scheme.entity_id 
_pdbx_poly_seq_scheme.seq_id 
_pdbx_poly_seq_scheme.mon_id 
_pdbx_poly_seq_scheme.ndb_seq_num 
_pdbx_poly_seq_scheme.pdb_seq_num 
_pdbx_poly_seq_scheme.auth_seq_num 
_pdbx_poly_seq_scheme.pdb_mon_id 
_pdbx_poly_seq_scheme.auth_mon_id 
_pdbx_poly_seq_scheme.pdb_strand_id 
_pdbx_poly_seq_scheme.pdb_ins_code 
_pdbx_poly_seq_scheme.hetero 
A 1 1   ALA 1   799 799 ALA ALA A . n 
A 1 2   LEU 2   800 800 LEU LEU A . n 
A 1 3   PRO 3   801 801 PRO PRO A . n 
A 1 4   ALA 4   802 802 ALA ALA A . n 
A 1 5   LYS 5   803 803 LYS LYS A . n 
A 1 6   GLU 6   804 804 GLU GLU A . n 
A 1 7   ASN 7   805 805 ASN ASN A . n 
A 1 8   GLU 8   806 806 GLU GLU A . n 
A 1 9   GLY 9   807 807 GLY GLY A . n 
A 1 10  CYS 10  808 808 CYS CYS A . n 
A 1 11  ILE 11  809 809 ILE ILE A . n 
A 1 12  VAL 12  810 810 VAL VAL A . n 
A 1 13  SER 13  811 811 SER SER A . n 
A 1 14  VAL 14  812 812 VAL VAL A . n 
A 1 15  ASN 15  813 813 ASN ASN A . n 
A 1 16  SER 16  814 814 SER SER A . n 
A 1 17  GLY 17  815 815 GLY GLY A . n 
A 1 18  LYS 18  816 816 LYS LYS A . n 
A 1 19  ARG 19  817 817 ARG ARG A . n 
A 1 20  TYR 20  818 818 TYR TYR A . n 
A 1 21  CYS 21  819 819 CYS CYS A . n 
A 1 22  LEU 22  820 820 LEU LEU A . n 
A 1 23  PRO 23  821 821 PRO PRO A . n 
A 1 24  VAL 24  822 822 VAL VAL A . n 
A 1 25  GLY 25  823 823 GLY GLY A . n 
A 1 26  GLN 26  824 824 GLN GLN A . n 
A 1 27  ARG 27  825 825 ARG ARG A . n 
A 1 28  SER 28  826 826 SER SER A . n 
A 1 29  GLY 29  827 827 GLY GLY A . n 
A 1 30  TYR 30  828 828 TYR TYR A . n 
A 1 31  SER 31  829 829 SER SER A . n 
A 1 32  LEU 32  830 830 LEU LEU A . n 
A 1 33  PRO 33  831 831 PRO PRO A . n 
A 1 34  ASP 34  832 832 ASP ASP A . n 
A 1 35  TRP 35  833 833 TRP TRP A . n 
A 1 36  ILE 36  834 834 ILE ILE A . n 
A 1 37  VAL 37  835 835 VAL VAL A . n 
A 1 38  GLY 38  836 836 GLY GLY A . n 
A 1 39  GLN 39  837 837 GLN GLN A . n 
A 1 40  GLU 40  838 838 GLU GLU A . n 
A 1 41  VAL 41  839 839 VAL VAL A . n 
A 1 42  TYR 42  840 840 TYR TYR A . n 
A 1 43  VAL 43  841 841 VAL VAL A . n 
A 1 44  ASP 44  842 842 ASP ASP A . n 
A 1 45  SER 45  843 843 SER SER A . n 
A 1 46  GLY 46  844 844 GLY GLY A . n 
A 1 47  ALA 47  845 845 ALA ALA A . n 
A 1 48  LYS 48  846 846 LYS LYS A . n 
A 1 49  ALA 49  847 847 ALA ALA A . n 
A 1 50  LYS 50  848 848 LYS LYS A . n 
A 1 51  VAL 51  849 849 VAL VAL A . n 
A 1 52  LEU 52  850 850 LEU LEU A . n 
A 1 53  LEU 53  851 851 LEU LEU A . n 
A 1 54  SER 54  852 852 SER SER A . n 
A 1 55  ASP 55  853 853 ASP ASP A . n 
A 1 56  TRP 56  854 854 TRP TRP A . n 
A 1 57  ASP 57  855 855 ASP ASP A . n 
A 1 58  ASN 58  856 856 ASN ASN A . n 
A 1 59  LEU 59  857 857 LEU LEU A . n 
A 1 60  SER 60  858 858 SER SER A . n 
A 1 61  TYR 61  859 859 TYR TYR A . n 
A 1 62  ASN 62  860 860 ASN ASN A . n 
A 1 63  ARG 63  861 861 ARG ARG A . n 
A 1 64  ILE 64  862 862 ILE ILE A . n 
A 1 65  GLY 65  863 863 GLY GLY A . n 
A 1 66  GLU 66  864 864 GLU GLU A . n 
A 1 67  PHE 67  865 865 PHE PHE A . n 
A 1 68  VAL 68  866 866 VAL VAL A . n 
A 1 69  GLY 69  867 867 GLY GLY A . n 
A 1 70  ASN 70  868 868 ASN ASN A . n 
A 1 71  VAL 71  869 869 VAL VAL A . n 
A 1 72  ASN 72  870 870 ASN ASN A . n 
A 1 73  PRO 73  871 871 PRO PRO A . n 
A 1 74  ALA 74  872 872 ALA ALA A . n 
A 1 75  ASP 75  873 873 ASP ASP A . n 
A 1 76  MET 76  874 874 MET MET A . n 
A 1 77  LYS 77  875 875 LYS LYS A . n 
A 1 78  LYS 78  876 876 LYS LYS A . n 
A 1 79  VAL 79  877 877 VAL VAL A . n 
A 1 80  LYS 80  878 878 LYS LYS A . n 
A 1 81  ALA 81  879 879 ALA ALA A . n 
A 1 82  TRP 82  880 880 TRP TRP A . n 
A 1 83  ASN 83  881 881 ASN ASN A . n 
A 1 84  GLY 84  882 882 GLY GLY A . n 
A 1 85  GLN 85  883 883 GLN GLN A . n 
A 1 86  TYR 86  884 884 TYR TYR A . n 
A 1 87  LEU 87  885 885 LEU LEU A . n 
A 1 88  ASP 88  886 886 ASP ASP A . n 
A 1 89  PHE 89  887 887 PHE PHE A . n 
A 1 90  SER 90  888 888 SER SER A . n 
A 1 91  LYS 91  889 889 LYS LYS A . n 
A 1 92  PRO 92  890 890 PRO PRO A . n 
A 1 93  ARG 93  891 891 ARG ARG A . n 
A 1 94  SER 94  892 892 SER SER A . n 
A 1 95  MET 95  893 893 MET MET A . n 
A 1 96  ARG 96  894 894 ARG ARG A . n 
A 1 97  VAL 97  895 895 VAL VAL A . n 
A 1 98  VAL 98  896 896 VAL VAL A . n 
A 1 99  TYR 99  897 897 TYR TYR A . n 
A 1 100 LYS 100 898 898 LYS LYS A . n 
B 2 1   ALA 1   1   ?   ?   ?   M . n 
B 2 2   GLU 2   2   ?   ?   ?   M . n 
B 2 3   ALA 3   3   901 ALA DRG M . n 
B 2 4   PRO 4   4   901 PRO DRG M . n 
B 2 5   THR 5   5   901 THR DRG M . n 
B 2 6   THR 6   6   901 THR DRG M . n 
B 2 7   SER 7   7   901 SER DRG M . n 
B 2 8   THR 8   8   901 THR DRG M . n 
B 2 9   THR 9   9   901 THR DRG M . n 
B 2 10  SER 10  10  901 SER DRG M . n 
B 2 11  ALA 11  11  901 ALA DRG M . n 
B 2 12  PRO 12  12  901 PRO DRG M . n 
B 2 13  LYS 13  13  901 LYS DRG M . n 
# 
_pdbx_entity_instance_feature.ordinal        1 
_pdbx_entity_instance_feature.comp_id        A2G 
_pdbx_entity_instance_feature.asym_id        ? 
_pdbx_entity_instance_feature.seq_num        ? 
_pdbx_entity_instance_feature.auth_comp_id   A2G 
_pdbx_entity_instance_feature.auth_asym_id   ? 
_pdbx_entity_instance_feature.auth_seq_num   ? 
_pdbx_entity_instance_feature.feature_type   'SUBJECT OF INVESTIGATION' 
_pdbx_entity_instance_feature.details        ? 
# 
loop_
_pdbx_nonpoly_scheme.asym_id 
_pdbx_nonpoly_scheme.entity_id 
_pdbx_nonpoly_scheme.mon_id 
_pdbx_nonpoly_scheme.ndb_seq_num 
_pdbx_nonpoly_scheme.pdb_seq_num 
_pdbx_nonpoly_scheme.auth_seq_num 
_pdbx_nonpoly_scheme.pdb_mon_id 
_pdbx_nonpoly_scheme.auth_mon_id 
_pdbx_nonpoly_scheme.pdb_strand_id 
_pdbx_nonpoly_scheme.pdb_ins_code 
C 3 GOL 1  901  901 GOL GOL A . 
D 3 GOL 1  902  902 GOL GOL A . 
E 3 GOL 1  903  115 GOL GOL A . 
F 4 A2G 1  101  901 A2G DRG M . 
G 4 A2G 1  102  901 A2G DRG M . 
H 4 A2G 1  103  901 A2G DRG M . 
I 4 A2G 1  104  901 A2G DRG M . 
J 4 A2G 1  105  901 A2G DRG M . 
K 3 GOL 1  106  902 GOL GOL M . 
L 5 HOH 1  1001 102 HOH HOH A . 
L 5 HOH 2  1002 6   HOH HOH A . 
L 5 HOH 3  1003 81  HOH HOH A . 
L 5 HOH 4  1004 13  HOH HOH A . 
L 5 HOH 5  1005 17  HOH HOH A . 
L 5 HOH 6  1006 53  HOH HOH A . 
L 5 HOH 7  1007 34  HOH HOH A . 
L 5 HOH 8  1008 24  HOH HOH A . 
L 5 HOH 9  1009 52  HOH HOH A . 
L 5 HOH 10 1010 88  HOH HOH A . 
L 5 HOH 11 1011 40  HOH HOH A . 
L 5 HOH 12 1012 50  HOH HOH A . 
L 5 HOH 13 1013 54  HOH HOH A . 
L 5 HOH 14 1014 39  HOH HOH A . 
L 5 HOH 15 1015 57  HOH HOH A . 
L 5 HOH 16 1016 9   HOH HOH A . 
L 5 HOH 17 1017 1   HOH HOH A . 
L 5 HOH 18 1018 65  HOH HOH A . 
L 5 HOH 19 1019 60  HOH HOH A . 
L 5 HOH 20 1020 5   HOH HOH A . 
L 5 HOH 21 1021 55  HOH HOH A . 
L 5 HOH 22 1022 10  HOH HOH A . 
L 5 HOH 23 1023 28  HOH HOH A . 
L 5 HOH 24 1024 12  HOH HOH A . 
L 5 HOH 25 1025 18  HOH HOH A . 
L 5 HOH 26 1026 42  HOH HOH A . 
L 5 HOH 27 1027 87  HOH HOH A . 
L 5 HOH 28 1028 64  HOH HOH A . 
L 5 HOH 29 1029 19  HOH HOH A . 
L 5 HOH 30 1030 23  HOH HOH A . 
L 5 HOH 31 1031 106 HOH HOH A . 
L 5 HOH 32 1032 45  HOH HOH A . 
L 5 HOH 33 1033 3   HOH HOH A . 
L 5 HOH 34 1034 77  HOH HOH A . 
L 5 HOH 35 1035 85  HOH HOH A . 
L 5 HOH 36 1036 43  HOH HOH A . 
L 5 HOH 37 1037 26  HOH HOH A . 
L 5 HOH 38 1038 44  HOH HOH A . 
L 5 HOH 39 1039 25  HOH HOH A . 
L 5 HOH 40 1040 100 HOH HOH A . 
L 5 HOH 41 1041 63  HOH HOH A . 
L 5 HOH 42 1042 71  HOH HOH A . 
L 5 HOH 43 1043 31  HOH HOH A . 
L 5 HOH 44 1044 108 HOH HOH A . 
L 5 HOH 45 1045 1   HOH HOH A . 
L 5 HOH 46 1046 70  HOH HOH A . 
L 5 HOH 47 1047 20  HOH HOH A . 
L 5 HOH 48 1048 46  HOH HOH A . 
L 5 HOH 49 1049 97  HOH HOH A . 
L 5 HOH 50 1050 35  HOH HOH A . 
L 5 HOH 51 1051 73  HOH HOH A . 
L 5 HOH 52 1052 27  HOH HOH A . 
L 5 HOH 53 1053 69  HOH HOH A . 
L 5 HOH 54 1054 92  HOH HOH A . 
L 5 HOH 55 1055 51  HOH HOH A . 
L 5 HOH 56 1056 2   HOH HOH A . 
L 5 HOH 57 1057 29  HOH HOH A . 
L 5 HOH 58 1058 59  HOH HOH A . 
L 5 HOH 59 1059 9   HOH HOH A . 
L 5 HOH 60 1060 66  HOH HOH A . 
L 5 HOH 61 1061 8   HOH HOH A . 
L 5 HOH 62 1062 58  HOH HOH A . 
L 5 HOH 63 1063 7   HOH HOH A . 
L 5 HOH 64 1064 4   HOH HOH A . 
L 5 HOH 65 1065 95  HOH HOH A . 
L 5 HOH 66 1066 109 HOH HOH A . 
L 5 HOH 67 1067 11  HOH HOH A . 
L 5 HOH 68 1068 75  HOH HOH A . 
L 5 HOH 69 1069 104 HOH HOH A . 
L 5 HOH 70 1070 4   HOH HOH A . 
L 5 HOH 71 1071 5   HOH HOH A . 
L 5 HOH 72 1072 107 HOH HOH A . 
L 5 HOH 73 1073 84  HOH HOH A . 
L 5 HOH 74 1074 111 HOH HOH A . 
L 5 HOH 75 1075 2   HOH HOH A . 
L 5 HOH 76 1076 62  HOH HOH A . 
L 5 HOH 77 1077 8   HOH HOH A . 
L 5 HOH 78 1078 114 HOH HOH A . 
L 5 HOH 79 1079 6   HOH HOH A . 
M 5 HOH 1  201  11  HOH HOH M . 
M 5 HOH 2  202  7   HOH HOH M . 
M 5 HOH 3  203  16  HOH HOH M . 
M 5 HOH 4  204  36  HOH HOH M . 
M 5 HOH 5  205  10  HOH HOH M . 
M 5 HOH 6  206  33  HOH HOH M . 
M 5 HOH 7  207  99  HOH HOH M . 
M 5 HOH 8  208  72  HOH HOH M . 
M 5 HOH 9  209  30  HOH HOH M . 
M 5 HOH 10 210  94  HOH HOH M . 
M 5 HOH 11 211  41  HOH HOH M . 
M 5 HOH 12 212  14  HOH HOH M . 
M 5 HOH 13 213  3   HOH HOH M . 
M 5 HOH 14 214  49  HOH HOH M . 
M 5 HOH 15 215  37  HOH HOH M . 
M 5 HOH 16 216  48  HOH HOH M . 
M 5 HOH 17 217  112 HOH HOH M . 
M 5 HOH 18 218  78  HOH HOH M . 
M 5 HOH 19 219  103 HOH HOH M . 
M 5 HOH 20 220  76  HOH HOH M . 
# 
loop_
_pdbx_unobs_or_zero_occ_atoms.id 
_pdbx_unobs_or_zero_occ_atoms.PDB_model_num 
_pdbx_unobs_or_zero_occ_atoms.polymer_flag 
_pdbx_unobs_or_zero_occ_atoms.occupancy_flag 
_pdbx_unobs_or_zero_occ_atoms.auth_asym_id 
_pdbx_unobs_or_zero_occ_atoms.auth_comp_id 
_pdbx_unobs_or_zero_occ_atoms.auth_seq_id 
_pdbx_unobs_or_zero_occ_atoms.PDB_ins_code 
_pdbx_unobs_or_zero_occ_atoms.auth_atom_id 
_pdbx_unobs_or_zero_occ_atoms.label_alt_id 
_pdbx_unobs_or_zero_occ_atoms.label_asym_id 
_pdbx_unobs_or_zero_occ_atoms.label_comp_id 
_pdbx_unobs_or_zero_occ_atoms.label_seq_id 
_pdbx_unobs_or_zero_occ_atoms.label_atom_id 
1 1 Y 1 M ALA 3 ? N  ? B ALA 3 N  
2 1 Y 1 M ALA 3 ? CA ? B ALA 3 CA 
3 1 Y 1 M ALA 3 ? CB ? B ALA 3 CB 
# 
loop_
_software.citation_id 
_software.classification 
_software.compiler_name 
_software.compiler_version 
_software.contact_author 
_software.contact_author_email 
_software.date 
_software.description 
_software.dependencies 
_software.hardware 
_software.language 
_software.location 
_software.mods 
_software.name 
_software.os 
_software.os_version 
_software.type 
_software.version 
_software.pdbx_ordinal 
? refinement       ? ? ? ? ? ? ? ? ? ? ? REFMAC ? ? ? 5.8.0405 1 
? 'data reduction' ? ? ? ? ? ? ? ? ? ? ? XDS    ? ? ? .        2 
? 'data scaling'   ? ? ? ? ? ? ? ? ? ? ? SCALA  ? ? ? .        3 
? phasing          ? ? ? ? ? ? ? ? ? ? ? PHASER ? ? ? .        4 
# 
_cell.angle_alpha                  90.00 
_cell.angle_alpha_esd              ? 
_cell.angle_beta                   90.00 
_cell.angle_beta_esd               ? 
_cell.angle_gamma                  90.00 
_cell.angle_gamma_esd              ? 
_cell.entry_id                     9GRJ 
_cell.details                      ? 
_cell.formula_units_Z              ? 
_cell.length_a                     70.991 
_cell.length_a_esd                 ? 
_cell.length_b                     36.993 
_cell.length_b_esd                 ? 
_cell.length_c                     44.902 
_cell.length_c_esd                 ? 
_cell.volume                       ? 
_cell.volume_esd                   ? 
_cell.Z_PDB                        4 
_cell.reciprocal_angle_alpha       ? 
_cell.reciprocal_angle_beta        ? 
_cell.reciprocal_angle_gamma       ? 
_cell.reciprocal_angle_alpha_esd   ? 
_cell.reciprocal_angle_beta_esd    ? 
_cell.reciprocal_angle_gamma_esd   ? 
_cell.reciprocal_length_a          ? 
_cell.reciprocal_length_b          ? 
_cell.reciprocal_length_c          ? 
_cell.reciprocal_length_a_esd      ? 
_cell.reciprocal_length_b_esd      ? 
_cell.reciprocal_length_c_esd      ? 
_cell.pdbx_unique_axis             ? 
_cell.pdbx_esd_method              ? 
# 
_symmetry.entry_id                         9GRJ 
_symmetry.cell_setting                     ? 
_symmetry.Int_Tables_number                18 
_symmetry.space_group_name_Hall            ? 
_symmetry.space_group_name_H-M             'P 21 21 2' 
_symmetry.pdbx_full_space_group_name_H-M   ? 
# 
_exptl.absorpt_coefficient_mu     ? 
_exptl.absorpt_correction_T_max   ? 
_exptl.absorpt_correction_T_min   ? 
_exptl.absorpt_correction_type    ? 
_exptl.absorpt_process_details    ? 
_exptl.entry_id                   9GRJ 
_exptl.crystals_number            1 
_exptl.details                    ? 
_exptl.method                     'X-RAY DIFFRACTION' 
_exptl.method_details             ? 
# 
_exptl_crystal.colour                       ? 
_exptl_crystal.density_diffrn               ? 
_exptl_crystal.density_Matthews             2.23 
_exptl_crystal.density_method               ? 
_exptl_crystal.density_percent_sol          44.90 
_exptl_crystal.description                  ? 
_exptl_crystal.F_000                        ? 
_exptl_crystal.id                           1 
_exptl_crystal.preparation                  ? 
_exptl_crystal.size_max                     ? 
_exptl_crystal.size_mid                     ? 
_exptl_crystal.size_min                     ? 
_exptl_crystal.size_rad                     ? 
_exptl_crystal.colour_lustre                ? 
_exptl_crystal.colour_modifier              ? 
_exptl_crystal.colour_primary               ? 
_exptl_crystal.density_meas                 ? 
_exptl_crystal.density_meas_esd             ? 
_exptl_crystal.density_meas_gt              ? 
_exptl_crystal.density_meas_lt              ? 
_exptl_crystal.density_meas_temp            ? 
_exptl_crystal.density_meas_temp_esd        ? 
_exptl_crystal.density_meas_temp_gt         ? 
_exptl_crystal.density_meas_temp_lt         ? 
_exptl_crystal.pdbx_crystal_image_url       ? 
_exptl_crystal.pdbx_crystal_image_format    ? 
_exptl_crystal.pdbx_mosaicity               ? 
_exptl_crystal.pdbx_mosaicity_esd           ? 
_exptl_crystal.pdbx_mosaic_method           ? 
_exptl_crystal.pdbx_mosaic_block_size       ? 
_exptl_crystal.pdbx_mosaic_block_size_esd   ? 
# 
_exptl_crystal_grow.apparatus       ? 
_exptl_crystal_grow.atmosphere      ? 
_exptl_crystal_grow.crystal_id      1 
_exptl_crystal_grow.details         ? 
_exptl_crystal_grow.method          'VAPOR DIFFUSION, SITTING DROP' 
_exptl_crystal_grow.method_ref      ? 
_exptl_crystal_grow.pH              ? 
_exptl_crystal_grow.pressure        ? 
_exptl_crystal_grow.pressure_esd    ? 
_exptl_crystal_grow.seeding         ? 
_exptl_crystal_grow.seeding_ref     ? 
_exptl_crystal_grow.temp_details    ? 
_exptl_crystal_grow.temp_esd        ? 
_exptl_crystal_grow.time            ? 
_exptl_crystal_grow.pdbx_details    
;Polyethylene glycol monomethyl ether 5,000
di-Sodium hydrogen phosphate
;
_exptl_crystal_grow.pdbx_pH_range   ? 
_exptl_crystal_grow.temp            291 
# 
_diffrn.ambient_environment              ? 
_diffrn.ambient_temp                     100 
_diffrn.ambient_temp_details             ? 
_diffrn.ambient_temp_esd                 ? 
_diffrn.crystal_id                       1 
_diffrn.crystal_support                  ? 
_diffrn.crystal_treatment                ? 
_diffrn.details                          ? 
_diffrn.id                               1 
_diffrn.ambient_pressure                 ? 
_diffrn.ambient_pressure_esd             ? 
_diffrn.ambient_pressure_gt              ? 
_diffrn.ambient_pressure_lt              ? 
_diffrn.ambient_temp_gt                  ? 
_diffrn.ambient_temp_lt                  ? 
_diffrn.pdbx_serial_crystal_experiment   N 
# 
_diffrn_detector.details                      ? 
_diffrn_detector.detector                     PIXEL 
_diffrn_detector.diffrn_id                    1 
_diffrn_detector.type                         'DECTRIS PILATUS3 S 6M' 
_diffrn_detector.area_resol_mean              ? 
_diffrn_detector.dtime                        ? 
_diffrn_detector.pdbx_frames_total            ? 
_diffrn_detector.pdbx_collection_time_total   ? 
_diffrn_detector.pdbx_collection_date         2023-03-12 
_diffrn_detector.pdbx_frequency               ? 
_diffrn_detector.id                           ? 
_diffrn_detector.number_of_axes               ? 
# 
_diffrn_radiation.collimation                      ? 
_diffrn_radiation.diffrn_id                        1 
_diffrn_radiation.filter_edge                      ? 
_diffrn_radiation.inhomogeneity                    ? 
_diffrn_radiation.monochromator                    ? 
_diffrn_radiation.polarisn_norm                    ? 
_diffrn_radiation.polarisn_ratio                   ? 
_diffrn_radiation.probe                            ? 
_diffrn_radiation.type                             ? 
_diffrn_radiation.xray_symbol                      ? 
_diffrn_radiation.wavelength_id                    1 
_diffrn_radiation.pdbx_monochromatic_or_laue_m_l   M 
_diffrn_radiation.pdbx_wavelength_list             ? 
_diffrn_radiation.pdbx_wavelength                  ? 
_diffrn_radiation.pdbx_diffrn_protocol             'SINGLE WAVELENGTH' 
_diffrn_radiation.pdbx_analyzer                    ? 
_diffrn_radiation.pdbx_scattering_type             x-ray 
# 
_diffrn_radiation_wavelength.id           1 
_diffrn_radiation_wavelength.wavelength   0.97 
_diffrn_radiation_wavelength.wt           1.0 
# 
_diffrn_source.current                     ? 
_diffrn_source.details                     ? 
_diffrn_source.diffrn_id                   1 
_diffrn_source.power                       ? 
_diffrn_source.size                        ? 
_diffrn_source.source                      SYNCHROTRON 
_diffrn_source.target                      ? 
_diffrn_source.type                        'ALBA BEAMLINE XALOC' 
_diffrn_source.voltage                     ? 
_diffrn_source.take-off_angle              ? 
_diffrn_source.pdbx_wavelength_list        0.97 
_diffrn_source.pdbx_wavelength             ? 
_diffrn_source.pdbx_synchrotron_beamline   XALOC 
_diffrn_source.pdbx_synchrotron_site       ALBA 
# 
_reflns.B_iso_Wilson_estimate                          ? 
_reflns.entry_id                                       9GRJ 
_reflns.data_reduction_details                         ? 
_reflns.data_reduction_method                          ? 
_reflns.d_resolution_high                              1.20 
_reflns.d_resolution_low                               70.99 
_reflns.details                                        ? 
_reflns.limit_h_max                                    ? 
_reflns.limit_h_min                                    ? 
_reflns.limit_k_max                                    ? 
_reflns.limit_k_min                                    ? 
_reflns.limit_l_max                                    ? 
_reflns.limit_l_min                                    ? 
_reflns.number_all                                     ? 
_reflns.number_obs                                     37653 
_reflns.observed_criterion                             ? 
_reflns.observed_criterion_F_max                       ? 
_reflns.observed_criterion_F_min                       ? 
_reflns.observed_criterion_I_max                       ? 
_reflns.observed_criterion_I_min                       ? 
_reflns.observed_criterion_sigma_F                     ? 
_reflns.observed_criterion_sigma_I                     ? 
_reflns.percent_possible_obs                           99.7 
_reflns.R_free_details                                 ? 
_reflns.Rmerge_F_all                                   ? 
_reflns.Rmerge_F_obs                                   ? 
_reflns.Friedel_coverage                               ? 
_reflns.number_gt                                      ? 
_reflns.threshold_expression                           ? 
_reflns.pdbx_redundancy                                7.5 
_reflns.pdbx_netI_over_av_sigmaI                       ? 
_reflns.pdbx_netI_over_sigmaI                          13.3 
_reflns.pdbx_res_netI_over_av_sigmaI_2                 ? 
_reflns.pdbx_res_netI_over_sigmaI_2                    ? 
_reflns.pdbx_chi_squared                               ? 
_reflns.pdbx_scaling_rejects                           ? 
_reflns.pdbx_d_res_high_opt                            ? 
_reflns.pdbx_d_res_low_opt                             ? 
_reflns.pdbx_d_res_opt_method                          ? 
_reflns.phase_calculation_details                      ? 
_reflns.pdbx_Rrim_I_all                                ? 
_reflns.pdbx_Rpim_I_all                                0.020 
_reflns.pdbx_d_opt                                     ? 
_reflns.pdbx_number_measured_all                       ? 
_reflns.pdbx_diffrn_id                                 1 
_reflns.pdbx_ordinal                                   1 
_reflns.pdbx_CC_half                                   0.999 
_reflns.pdbx_CC_star                                   ? 
_reflns.pdbx_R_split                                   ? 
_reflns.pdbx_Rmerge_I_obs                              ? 
_reflns.pdbx_Rmerge_I_all                              ? 
_reflns.pdbx_Rsym_value                                ? 
_reflns.pdbx_CC_split_method                           ? 
_reflns.pdbx_aniso_diffraction_limit_axis_1_ortho[1]   ? 
_reflns.pdbx_aniso_diffraction_limit_axis_1_ortho[2]   ? 
_reflns.pdbx_aniso_diffraction_limit_axis_1_ortho[3]   ? 
_reflns.pdbx_aniso_diffraction_limit_axis_2_ortho[1]   ? 
_reflns.pdbx_aniso_diffraction_limit_axis_2_ortho[2]   ? 
_reflns.pdbx_aniso_diffraction_limit_axis_2_ortho[3]   ? 
_reflns.pdbx_aniso_diffraction_limit_axis_3_ortho[1]   ? 
_reflns.pdbx_aniso_diffraction_limit_axis_3_ortho[2]   ? 
_reflns.pdbx_aniso_diffraction_limit_axis_3_ortho[3]   ? 
_reflns.pdbx_aniso_diffraction_limit_1                 ? 
_reflns.pdbx_aniso_diffraction_limit_2                 ? 
_reflns.pdbx_aniso_diffraction_limit_3                 ? 
_reflns.pdbx_aniso_B_tensor_eigenvector_1_ortho[1]     ? 
_reflns.pdbx_aniso_B_tensor_eigenvector_1_ortho[2]     ? 
_reflns.pdbx_aniso_B_tensor_eigenvector_1_ortho[3]     ? 
_reflns.pdbx_aniso_B_tensor_eigenvector_2_ortho[1]     ? 
_reflns.pdbx_aniso_B_tensor_eigenvector_2_ortho[2]     ? 
_reflns.pdbx_aniso_B_tensor_eigenvector_2_ortho[3]     ? 
_reflns.pdbx_aniso_B_tensor_eigenvector_3_ortho[1]     ? 
_reflns.pdbx_aniso_B_tensor_eigenvector_3_ortho[2]     ? 
_reflns.pdbx_aniso_B_tensor_eigenvector_3_ortho[3]     ? 
_reflns.pdbx_aniso_B_tensor_eigenvalue_1               ? 
_reflns.pdbx_aniso_B_tensor_eigenvalue_2               ? 
_reflns.pdbx_aniso_B_tensor_eigenvalue_3               ? 
_reflns.pdbx_orthogonalization_convention              ? 
_reflns.pdbx_percent_possible_ellipsoidal              ? 
_reflns.pdbx_percent_possible_spherical                ? 
_reflns.pdbx_percent_possible_ellipsoidal_anomalous    ? 
_reflns.pdbx_percent_possible_spherical_anomalous      ? 
_reflns.pdbx_redundancy_anomalous                      ? 
_reflns.pdbx_CC_half_anomalous                         ? 
_reflns.pdbx_absDiff_over_sigma_anomalous              ? 
_reflns.pdbx_percent_possible_anomalous                ? 
_reflns.pdbx_observed_signal_threshold                 ? 
_reflns.pdbx_signal_type                               ? 
_reflns.pdbx_signal_details                            ? 
_reflns.pdbx_signal_software_id                        ? 
# 
_reflns_shell.d_res_high                                    1.20 
_reflns_shell.d_res_low                                     1.26 
_reflns_shell.meanI_over_sigI_all                           ? 
_reflns_shell.meanI_over_sigI_obs                           0.9 
_reflns_shell.number_measured_all                           ? 
_reflns_shell.number_measured_obs                           ? 
_reflns_shell.number_possible                               ? 
_reflns_shell.number_unique_all                             ? 
_reflns_shell.number_unique_obs                             5352 
_reflns_shell.percent_possible_obs                          ? 
_reflns_shell.Rmerge_F_all                                  ? 
_reflns_shell.Rmerge_F_obs                                  ? 
_reflns_shell.meanI_over_sigI_gt                            ? 
_reflns_shell.meanI_over_uI_all                             ? 
_reflns_shell.meanI_over_uI_gt                              ? 
_reflns_shell.number_measured_gt                            ? 
_reflns_shell.number_unique_gt                              ? 
_reflns_shell.percent_possible_gt                           ? 
_reflns_shell.Rmerge_F_gt                                   ? 
_reflns_shell.Rmerge_I_gt                                   ? 
_reflns_shell.pdbx_redundancy                               ? 
_reflns_shell.pdbx_chi_squared                              ? 
_reflns_shell.pdbx_netI_over_sigmaI_all                     ? 
_reflns_shell.pdbx_netI_over_sigmaI_obs                     ? 
_reflns_shell.pdbx_Rrim_I_all                               ? 
_reflns_shell.pdbx_Rpim_I_all                               0.750 
_reflns_shell.pdbx_rejects                                  ? 
_reflns_shell.pdbx_ordinal                                  1 
_reflns_shell.pdbx_diffrn_id                                1 
_reflns_shell.pdbx_CC_half                                  0.472 
_reflns_shell.pdbx_CC_star                                  ? 
_reflns_shell.pdbx_R_split                                  ? 
_reflns_shell.percent_possible_all                          ? 
_reflns_shell.Rmerge_I_all                                  ? 
_reflns_shell.Rmerge_I_obs                                  ? 
_reflns_shell.pdbx_Rsym_value                               ? 
_reflns_shell.pdbx_percent_possible_ellipsoidal             ? 
_reflns_shell.pdbx_percent_possible_spherical               ? 
_reflns_shell.pdbx_percent_possible_ellipsoidal_anomalous   ? 
_reflns_shell.pdbx_percent_possible_spherical_anomalous     ? 
_reflns_shell.pdbx_redundancy_anomalous                     ? 
_reflns_shell.pdbx_CC_half_anomalous                        ? 
_reflns_shell.pdbx_absDiff_over_sigma_anomalous             ? 
_reflns_shell.pdbx_percent_possible_anomalous               ? 
# 
_refine.aniso_B[1][1]                            1.72 
_refine.aniso_B[1][2]                            -0.00 
_refine.aniso_B[1][3]                            0.00 
_refine.aniso_B[2][2]                            -0.87 
_refine.aniso_B[2][3]                            -0.00 
_refine.aniso_B[3][3]                            -0.85 
_refine.B_iso_max                                ? 
_refine.B_iso_mean                               19.309 
_refine.B_iso_min                                ? 
_refine.correlation_coeff_Fo_to_Fc               0.973 
_refine.correlation_coeff_Fo_to_Fc_free          0.957 
_refine.details                                  'HYDROGENS HAVE BEEN ADDED IN THE RIDING POSITIONS' 
_refine.diff_density_max                         ? 
_refine.diff_density_max_esd                     ? 
_refine.diff_density_min                         ? 
_refine.diff_density_min_esd                     ? 
_refine.diff_density_rms                         ? 
_refine.diff_density_rms_esd                     ? 
_refine.entry_id                                 9GRJ 
_refine.pdbx_refine_id                           'X-RAY DIFFRACTION' 
_refine.ls_abs_structure_details                 ? 
_refine.ls_abs_structure_Flack                   ? 
_refine.ls_abs_structure_Flack_esd               ? 
_refine.ls_abs_structure_Rogers                  ? 
_refine.ls_abs_structure_Rogers_esd              ? 
_refine.ls_d_res_high                            1.20 
_refine.ls_d_res_low                             44.90 
_refine.ls_extinction_coef                       ? 
_refine.ls_extinction_coef_esd                   ? 
_refine.ls_extinction_expression                 ? 
_refine.ls_extinction_method                     ? 
_refine.ls_goodness_of_fit_all                   ? 
_refine.ls_goodness_of_fit_all_esd               ? 
_refine.ls_goodness_of_fit_obs                   ? 
_refine.ls_goodness_of_fit_obs_esd               ? 
_refine.ls_hydrogen_treatment                    ? 
_refine.ls_matrix_type                           ? 
_refine.ls_number_constraints                    ? 
_refine.ls_number_parameters                     ? 
_refine.ls_number_reflns_all                     ? 
_refine.ls_number_reflns_obs                     36054 
_refine.ls_number_reflns_R_free                  1552 
_refine.ls_number_reflns_R_work                  ? 
_refine.ls_number_restraints                     ? 
_refine.ls_percent_reflns_obs                    99.61 
_refine.ls_percent_reflns_R_free                 4.1 
_refine.ls_R_factor_all                          ? 
_refine.ls_R_factor_obs                          0.18598 
_refine.ls_R_factor_R_free                       0.21338 
_refine.ls_R_factor_R_free_error                 ? 
_refine.ls_R_factor_R_free_error_details         ? 
_refine.ls_R_factor_R_work                       0.18476 
_refine.ls_R_Fsqd_factor_obs                     ? 
_refine.ls_R_I_factor_obs                        ? 
_refine.ls_redundancy_reflns_all                 ? 
_refine.ls_redundancy_reflns_obs                 ? 
_refine.ls_restrained_S_all                      ? 
_refine.ls_restrained_S_obs                      ? 
_refine.ls_shift_over_esd_max                    ? 
_refine.ls_shift_over_esd_mean                   ? 
_refine.ls_structure_factor_coef                 ? 
_refine.ls_weighting_details                     ? 
_refine.ls_weighting_scheme                      ? 
_refine.ls_wR_factor_all                         ? 
_refine.ls_wR_factor_obs                         ? 
_refine.ls_wR_factor_R_free                      ? 
_refine.ls_wR_factor_R_work                      ? 
_refine.occupancy_max                            ? 
_refine.occupancy_min                            ? 
_refine.solvent_model_details                    MASK 
_refine.solvent_model_param_bsol                 ? 
_refine.solvent_model_param_ksol                 ? 
_refine.pdbx_R_complete                          ? 
_refine.ls_R_factor_gt                           ? 
_refine.ls_goodness_of_fit_gt                    ? 
_refine.ls_goodness_of_fit_ref                   ? 
_refine.ls_shift_over_su_max                     ? 
_refine.ls_shift_over_su_max_lt                  ? 
_refine.ls_shift_over_su_mean                    ? 
_refine.ls_shift_over_su_mean_lt                 ? 
_refine.pdbx_ls_sigma_I                          ? 
_refine.pdbx_ls_sigma_F                          ? 
_refine.pdbx_ls_sigma_Fsqd                       ? 
_refine.pdbx_data_cutoff_high_absF               ? 
_refine.pdbx_data_cutoff_high_rms_absF           ? 
_refine.pdbx_data_cutoff_low_absF                ? 
_refine.pdbx_isotropic_thermal_model             ? 
_refine.pdbx_ls_cross_valid_method               THROUGHOUT 
_refine.pdbx_method_to_determine_struct          'MOLECULAR REPLACEMENT' 
_refine.pdbx_starting_model                      ? 
_refine.pdbx_stereochemistry_target_values       'MAXIMUM LIKELIHOOD' 
_refine.pdbx_R_Free_selection_details            RANDOM 
_refine.pdbx_stereochem_target_val_spec_case     ? 
_refine.pdbx_overall_ESU_R                       0.041 
_refine.pdbx_overall_ESU_R_Free                  0.045 
_refine.pdbx_solvent_vdw_probe_radii             1.20 
_refine.pdbx_solvent_ion_probe_radii             0.80 
_refine.pdbx_solvent_shrinkage_radii             0.80 
_refine.pdbx_real_space_R                        ? 
_refine.pdbx_density_correlation                 ? 
_refine.pdbx_pd_number_of_powder_patterns        ? 
_refine.pdbx_pd_number_of_points                 ? 
_refine.pdbx_pd_meas_number_of_points            ? 
_refine.pdbx_pd_proc_ls_prof_R_factor            ? 
_refine.pdbx_pd_proc_ls_prof_wR_factor           ? 
_refine.pdbx_pd_Marquardt_correlation_coeff      ? 
_refine.pdbx_pd_Fsqrd_R_factor                   ? 
_refine.pdbx_pd_ls_matrix_band_width             ? 
_refine.pdbx_overall_phase_error                 ? 
_refine.pdbx_overall_SU_R_free_Cruickshank_DPI   ? 
_refine.pdbx_overall_SU_R_free_Blow_DPI          ? 
_refine.pdbx_overall_SU_R_Blow_DPI               ? 
_refine.pdbx_TLS_residual_ADP_flag               ? 
_refine.pdbx_diffrn_id                           1 
_refine.overall_SU_B                             0.967 
_refine.overall_SU_ML                            0.040 
_refine.overall_SU_R_Cruickshank_DPI             ? 
_refine.overall_SU_R_free                        ? 
_refine.overall_FOM_free_R_set                   ? 
_refine.overall_FOM_work_R_set                   ? 
_refine.pdbx_average_fsc_overall                 ? 
_refine.pdbx_average_fsc_work                    ? 
_refine.pdbx_average_fsc_free                    ? 
# 
_refine_hist.pdbx_refine_id                   'X-RAY DIFFRACTION' 
_refine_hist.cycle_id                         1 
_refine_hist.details                          ? 
_refine_hist.d_res_high                       1.20 
_refine_hist.d_res_low                        44.90 
_refine_hist.number_atoms_solvent             100 
_refine_hist.number_atoms_total               1051 
_refine_hist.number_reflns_all                ? 
_refine_hist.number_reflns_obs                ? 
_refine_hist.number_reflns_R_free             ? 
_refine_hist.number_reflns_R_work             ? 
_refine_hist.R_factor_all                     ? 
_refine_hist.R_factor_obs                     ? 
_refine_hist.R_factor_R_free                  ? 
_refine_hist.R_factor_R_work                  ? 
_refine_hist.pdbx_number_residues_total       ? 
_refine_hist.pdbx_B_iso_mean_ligand           ? 
_refine_hist.pdbx_B_iso_mean_solvent          ? 
_refine_hist.pdbx_number_atoms_protein        927 
_refine_hist.pdbx_number_atoms_nucleic_acid   0 
_refine_hist.pdbx_number_atoms_ligand         24 
_refine_hist.pdbx_number_atoms_lipid          ? 
_refine_hist.pdbx_number_atoms_carb           ? 
_refine_hist.pdbx_pseudo_atom_details         ? 
# 
loop_
_refine_ls_restr.pdbx_refine_id 
_refine_ls_restr.criterion 
_refine_ls_restr.dev_ideal 
_refine_ls_restr.dev_ideal_target 
_refine_ls_restr.number 
_refine_ls_restr.rejects 
_refine_ls_restr.type 
_refine_ls_restr.weight 
_refine_ls_restr.pdbx_restraint_function 
'X-RAY DIFFRACTION' ? 0.015  0.014  982  ? r_bond_refined_d             ? ? 
'X-RAY DIFFRACTION' ? 0.004  0.018  927  ? r_bond_other_d               ? ? 
'X-RAY DIFFRACTION' ? 2.011  1.820  1335 ? r_angle_refined_deg          ? ? 
'X-RAY DIFFRACTION' ? 0.896  1.832  2156 ? r_angle_other_deg            ? ? 
'X-RAY DIFFRACTION' ? 8.258  5.000  103  ? r_dihedral_angle_1_deg       ? ? 
'X-RAY DIFFRACTION' ? 7.171  5.000  5    ? r_dihedral_angle_2_deg       ? ? 
'X-RAY DIFFRACTION' ? 14.903 10.000 141  ? r_dihedral_angle_3_deg       ? ? 
'X-RAY DIFFRACTION' ? ?      ?      ?    ? r_dihedral_angle_4_deg       ? ? 
'X-RAY DIFFRACTION' ? 0.132  0.200  160  ? r_chiral_restr               ? ? 
'X-RAY DIFFRACTION' ? 0.012  0.021  1039 ? r_gen_planes_refined         ? ? 
'X-RAY DIFFRACTION' ? 0.001  0.021  206  ? r_gen_planes_other           ? ? 
'X-RAY DIFFRACTION' ? ?      ?      ?    ? r_nbd_refined                ? ? 
'X-RAY DIFFRACTION' ? ?      ?      ?    ? r_nbd_other                  ? ? 
'X-RAY DIFFRACTION' ? ?      ?      ?    ? r_nbtor_refined              ? ? 
'X-RAY DIFFRACTION' ? ?      ?      ?    ? r_nbtor_other                ? ? 
'X-RAY DIFFRACTION' ? ?      ?      ?    ? r_xyhbond_nbd_refined        ? ? 
'X-RAY DIFFRACTION' ? ?      ?      ?    ? r_xyhbond_nbd_other          ? ? 
'X-RAY DIFFRACTION' ? ?      ?      ?    ? r_metal_ion_refined          ? ? 
'X-RAY DIFFRACTION' ? ?      ?      ?    ? r_metal_ion_other            ? ? 
'X-RAY DIFFRACTION' ? ?      ?      ?    ? r_symmetry_vdw_refined       ? ? 
'X-RAY DIFFRACTION' ? ?      ?      ?    ? r_symmetry_vdw_other         ? ? 
'X-RAY DIFFRACTION' ? ?      ?      ?    ? r_symmetry_hbond_refined     ? ? 
'X-RAY DIFFRACTION' ? ?      ?      ?    ? r_symmetry_hbond_other       ? ? 
'X-RAY DIFFRACTION' ? ?      ?      ?    ? r_symmetry_metal_ion_refined ? ? 
'X-RAY DIFFRACTION' ? ?      ?      ?    ? r_symmetry_metal_ion_other   ? ? 
'X-RAY DIFFRACTION' ? 1.647  1.763  403  ? r_mcbond_it                  ? ? 
'X-RAY DIFFRACTION' ? 1.640  1.763  403  ? r_mcbond_other               ? ? 
'X-RAY DIFFRACTION' ? 2.364  3.161  503  ? r_mcangle_it                 ? ? 
'X-RAY DIFFRACTION' ? 2.361  3.162  504  ? r_mcangle_other              ? ? 
'X-RAY DIFFRACTION' ? 3.468  2.296  579  ? r_scbond_it                  ? ? 
'X-RAY DIFFRACTION' ? 3.466  2.304  580  ? r_scbond_other               ? ? 
'X-RAY DIFFRACTION' ? ?      ?      ?    ? r_scangle_it                 ? ? 
'X-RAY DIFFRACTION' ? 5.012  4.037  831  ? r_scangle_other              ? ? 
'X-RAY DIFFRACTION' ? 6.453  21.50  1078 ? r_long_range_B_refined       ? ? 
'X-RAY DIFFRACTION' ? 6.451  21.53  1079 ? r_long_range_B_other         ? ? 
'X-RAY DIFFRACTION' ? ?      ?      ?    ? r_rigid_bond_restr           ? ? 
'X-RAY DIFFRACTION' ? ?      ?      ?    ? r_sphericity_free            ? ? 
'X-RAY DIFFRACTION' ? ?      ?      ?    ? r_sphericity_bonded          ? ? 
# 
_refine_ls_shell.pdbx_refine_id                   'X-RAY DIFFRACTION' 
_refine_ls_shell.d_res_high                       1.200 
_refine_ls_shell.d_res_low                        1.231 
_refine_ls_shell.number_reflns_all                ? 
_refine_ls_shell.number_reflns_obs                ? 
_refine_ls_shell.number_reflns_R_free             110 
_refine_ls_shell.number_reflns_R_work             2581 
_refine_ls_shell.percent_reflns_obs               97.64 
_refine_ls_shell.percent_reflns_R_free            ? 
_refine_ls_shell.R_factor_all                     ? 
_refine_ls_shell.R_factor_obs                     ? 
_refine_ls_shell.R_factor_R_free_error            ? 
_refine_ls_shell.R_factor_R_work                  0.370 
_refine_ls_shell.redundancy_reflns_all            ? 
_refine_ls_shell.redundancy_reflns_obs            ? 
_refine_ls_shell.wR_factor_all                    ? 
_refine_ls_shell.wR_factor_obs                    ? 
_refine_ls_shell.wR_factor_R_free                 ? 
_refine_ls_shell.wR_factor_R_work                 ? 
_refine_ls_shell.pdbx_R_complete                  ? 
_refine_ls_shell.pdbx_total_number_of_bins_used   20 
_refine_ls_shell.pdbx_phase_error                 ? 
_refine_ls_shell.pdbx_fsc_work                    ? 
_refine_ls_shell.pdbx_fsc_free                    ? 
_refine_ls_shell.R_factor_R_free                  0.369 
# 
_struct.entry_id                     9GRJ 
_struct.title                        'Crystal structure of X409 complexed to penta-Tn-glycopeptide' 
_struct.pdbx_model_details           ? 
_struct.pdbx_formula_weight          ? 
_struct.pdbx_formula_weight_method   ? 
_struct.pdbx_model_type_details      ? 
_struct.pdbx_CASP_flag               N 
# 
_struct_keywords.entry_id        9GRJ 
_struct_keywords.text            'Mucin binding module, mucin, O-glycans, SUGAR BINDING PROTEIN' 
_struct_keywords.pdbx_keywords   'SUGAR BINDING PROTEIN' 
# 
loop_
_struct_asym.id 
_struct_asym.pdbx_blank_PDB_chainid_flag 
_struct_asym.pdbx_modified 
_struct_asym.entity_id 
_struct_asym.details 
A N N 1 ? 
B N N 2 ? 
C N N 3 ? 
D N N 3 ? 
E N N 3 ? 
F N N 4 ? 
G N N 4 ? 
H N N 4 ? 
I N N 4 ? 
J N N 4 ? 
K N N 3 ? 
L N N 5 ? 
M N N 5 ? 
# 
loop_
_struct_ref.id 
_struct_ref.db_name 
_struct_ref.db_code 
_struct_ref.pdbx_db_accession 
_struct_ref.pdbx_db_isoform 
_struct_ref.entity_id 
_struct_ref.pdbx_seq_one_letter_code 
_struct_ref.pdbx_align_begin 
1 UNP STCE_ECO57 O82882 ? 1 
;ALPAKENEGCIVSVNSGKRYCLPVGQRSGYSLPDWIVGQEVYVDSGAKAKVLLSDWDNLSYNRIGEFVGNVNPADMKKVK
AWNGQYLDFSKPRSMRVVYK
;
799 
2 PDB 9GRJ       9GRJ   ? 2 ? 1   
# 
loop_
_struct_ref_seq.align_id 
_struct_ref_seq.ref_id 
_struct_ref_seq.pdbx_PDB_id_code 
_struct_ref_seq.pdbx_strand_id 
_struct_ref_seq.seq_align_beg 
_struct_ref_seq.pdbx_seq_align_beg_ins_code 
_struct_ref_seq.seq_align_end 
_struct_ref_seq.pdbx_seq_align_end_ins_code 
_struct_ref_seq.pdbx_db_accession 
_struct_ref_seq.db_align_beg 
_struct_ref_seq.pdbx_db_align_beg_ins_code 
_struct_ref_seq.db_align_end 
_struct_ref_seq.pdbx_db_align_end_ins_code 
_struct_ref_seq.pdbx_auth_seq_align_beg 
_struct_ref_seq.pdbx_auth_seq_align_end 
1 1 9GRJ A 1 ? 100 ? O82882 799 ? 898 ? 799 898 
2 2 9GRJ M 1 ? 13  ? 9GRJ   1   ? 13  ? 1   13  
# 
_pdbx_struct_assembly.id                   1 
_pdbx_struct_assembly.details              author_and_software_defined_assembly 
_pdbx_struct_assembly.method_details       PISA 
_pdbx_struct_assembly.oligomeric_details   dimeric 
_pdbx_struct_assembly.oligomeric_count     2 
# 
loop_
_pdbx_struct_assembly_prop.biol_id 
_pdbx_struct_assembly_prop.type 
_pdbx_struct_assembly_prop.value 
_pdbx_struct_assembly_prop.details 
1 'ABSA (A^2)' 3030 ? 
1 MORE         24   ? 
1 'SSA (A^2)'  6360 ? 
# 
_pdbx_struct_assembly_gen.assembly_id       1 
_pdbx_struct_assembly_gen.oper_expression   1 
_pdbx_struct_assembly_gen.asym_id_list      A,B,C,D,E,F,G,H,I,J,K,L,M 
# 
_pdbx_struct_assembly_auth_evidence.id                     1 
_pdbx_struct_assembly_auth_evidence.assembly_id            1 
_pdbx_struct_assembly_auth_evidence.experimental_support   'gel filtration' 
_pdbx_struct_assembly_auth_evidence.details                Monomeric. 
# 
_pdbx_struct_oper_list.id                   1 
_pdbx_struct_oper_list.type                 'identity operation' 
_pdbx_struct_oper_list.name                 1_555 
_pdbx_struct_oper_list.symmetry_operation   x,y,z 
_pdbx_struct_oper_list.matrix[1][1]         1.0000000000 
_pdbx_struct_oper_list.matrix[1][2]         0.0000000000 
_pdbx_struct_oper_list.matrix[1][3]         0.0000000000 
_pdbx_struct_oper_list.vector[1]            0.0000000000 
_pdbx_struct_oper_list.matrix[2][1]         0.0000000000 
_pdbx_struct_oper_list.matrix[2][2]         1.0000000000 
_pdbx_struct_oper_list.matrix[2][3]         0.0000000000 
_pdbx_struct_oper_list.vector[2]            0.0000000000 
_pdbx_struct_oper_list.matrix[3][1]         0.0000000000 
_pdbx_struct_oper_list.matrix[3][2]         0.0000000000 
_pdbx_struct_oper_list.matrix[3][3]         1.0000000000 
_pdbx_struct_oper_list.vector[3]            0.0000000000 
# 
loop_
_struct_conf.conf_type_id 
_struct_conf.id 
_struct_conf.pdbx_PDB_helix_id 
_struct_conf.beg_label_comp_id 
_struct_conf.beg_label_asym_id 
_struct_conf.beg_label_seq_id 
_struct_conf.pdbx_beg_PDB_ins_code 
_struct_conf.end_label_comp_id 
_struct_conf.end_label_asym_id 
_struct_conf.end_label_seq_id 
_struct_conf.pdbx_end_PDB_ins_code 
_struct_conf.beg_auth_comp_id 
_struct_conf.beg_auth_asym_id 
_struct_conf.beg_auth_seq_id 
_struct_conf.end_auth_comp_id 
_struct_conf.end_auth_asym_id 
_struct_conf.end_auth_seq_id 
_struct_conf.pdbx_PDB_helix_class 
_struct_conf.details 
_struct_conf.pdbx_PDB_helix_length 
HELX_P HELX_P1 AA1 TRP A 56 ? SER A 60 ? TRP A 854 SER A 858 5 ? 5 
HELX_P HELX_P2 AA2 ASN A 72 ? MET A 76 ? ASN A 870 MET A 874 5 ? 5 
# 
_struct_conf_type.id          HELX_P 
_struct_conf_type.criteria    ? 
_struct_conf_type.reference   ? 
# 
loop_
_struct_conn.id 
_struct_conn.conn_type_id 
_struct_conn.pdbx_leaving_atom_flag 
_struct_conn.pdbx_PDB_id 
_struct_conn.ptnr1_label_asym_id 
_struct_conn.ptnr1_label_comp_id 
_struct_conn.ptnr1_label_seq_id 
_struct_conn.ptnr1_label_atom_id 
_struct_conn.pdbx_ptnr1_label_alt_id 
_struct_conn.pdbx_ptnr1_PDB_ins_code 
_struct_conn.pdbx_ptnr1_standard_comp_id 
_struct_conn.ptnr1_symmetry 
_struct_conn.ptnr2_label_asym_id 
_struct_conn.ptnr2_label_comp_id 
_struct_conn.ptnr2_label_seq_id 
_struct_conn.ptnr2_label_atom_id 
_struct_conn.pdbx_ptnr2_label_alt_id 
_struct_conn.pdbx_ptnr2_PDB_ins_code 
_struct_conn.ptnr1_auth_asym_id 
_struct_conn.ptnr1_auth_comp_id 
_struct_conn.ptnr1_auth_seq_id 
_struct_conn.ptnr2_auth_asym_id 
_struct_conn.ptnr2_auth_comp_id 
_struct_conn.ptnr2_auth_seq_id 
_struct_conn.ptnr2_symmetry 
_struct_conn.pdbx_ptnr3_label_atom_id 
_struct_conn.pdbx_ptnr3_label_seq_id 
_struct_conn.pdbx_ptnr3_label_comp_id 
_struct_conn.pdbx_ptnr3_label_asym_id 
_struct_conn.pdbx_ptnr3_label_alt_id 
_struct_conn.pdbx_ptnr3_PDB_ins_code 
_struct_conn.details 
_struct_conn.pdbx_dist_value 
_struct_conn.pdbx_value_order 
_struct_conn.pdbx_role 
disulf1 disulf ?   ? A CYS 10 SG  ? ? ? 1_555 A CYS 21 SG ? ? A CYS 808 A CYS 819 1_555 ? ? ? ? ? ? ? 2.197 ? ?               
covale1 covale one ? B THR 5  OG1 ? ? ? 1_555 F A2G .  C1 ? ? M THR 5   M A2G 101 1_555 ? ? ? ? ? ? ? 1.396 ? O-Glycosylation 
covale2 covale one ? B THR 6  OG1 ? ? ? 1_555 G A2G .  C1 ? ? M THR 6   M A2G 102 1_555 ? ? ? ? ? ? ? 1.291 ? O-Glycosylation 
covale3 covale one ? B SER 7  OG  ? ? ? 1_555 H A2G .  C1 ? ? M SER 7   M A2G 103 1_555 ? ? ? ? ? ? ? 1.386 ? O-Glycosylation 
covale4 covale one ? B THR 8  OG1 ? ? ? 1_555 I A2G .  C1 ? ? M THR 8   M A2G 104 1_555 ? ? ? ? ? ? ? 1.427 ? O-Glycosylation 
covale5 covale one ? B THR 9  OG1 ? ? ? 1_555 J A2G .  C1 ? ? M THR 9   M A2G 105 1_555 ? ? ? ? ? ? ? 1.403 ? O-Glycosylation 
# 
loop_
_struct_conn_type.id 
_struct_conn_type.criteria 
_struct_conn_type.reference 
disulf ? ? 
covale ? ? 
# 
loop_
_pdbx_modification_feature.ordinal 
_pdbx_modification_feature.label_comp_id 
_pdbx_modification_feature.label_asym_id 
_pdbx_modification_feature.label_seq_id 
_pdbx_modification_feature.label_alt_id 
_pdbx_modification_feature.modified_residue_label_comp_id 
_pdbx_modification_feature.modified_residue_label_asym_id 
_pdbx_modification_feature.modified_residue_label_seq_id 
_pdbx_modification_feature.modified_residue_label_alt_id 
_pdbx_modification_feature.auth_comp_id 
_pdbx_modification_feature.auth_asym_id 
_pdbx_modification_feature.auth_seq_id 
_pdbx_modification_feature.PDB_ins_code 
_pdbx_modification_feature.symmetry 
_pdbx_modification_feature.modified_residue_auth_comp_id 
_pdbx_modification_feature.modified_residue_auth_asym_id 
_pdbx_modification_feature.modified_residue_auth_seq_id 
_pdbx_modification_feature.modified_residue_PDB_ins_code 
_pdbx_modification_feature.modified_residue_symmetry 
_pdbx_modification_feature.comp_id_linking_atom 
_pdbx_modification_feature.modified_residue_id_linking_atom 
_pdbx_modification_feature.modified_residue_id 
_pdbx_modification_feature.ref_pcm_id 
_pdbx_modification_feature.ref_comp_id 
_pdbx_modification_feature.type 
_pdbx_modification_feature.category 
1 A2G F .  ? THR B 5  ? A2G M 101 ? 1_555 THR M 5   ? 1_555 C1 OG1 THR 3 A2G O-Glycosylation Carbohydrate       
2 A2G G .  ? THR B 6  ? A2G M 102 ? 1_555 THR M 6   ? 1_555 C1 OG1 THR 3 A2G O-Glycosylation Carbohydrate       
3 A2G H .  ? SER B 7  ? A2G M 103 ? 1_555 SER M 7   ? 1_555 C1 OG  SER 2 A2G O-Glycosylation Carbohydrate       
4 A2G I .  ? THR B 8  ? A2G M 104 ? 1_555 THR M 8   ? 1_555 C1 OG1 THR 3 A2G O-Glycosylation Carbohydrate       
5 A2G J .  ? THR B 9  ? A2G M 105 ? 1_555 THR M 9   ? 1_555 C1 OG1 THR 3 A2G O-Glycosylation Carbohydrate       
6 CYS A 10 ? CYS A 21 ? CYS A 808 ? 1_555 CYS A 819 ? 1_555 SG SG  .   . .   None            'Disulfide bridge' 
# 
loop_
_struct_sheet.id 
_struct_sheet.type 
_struct_sheet.number_strands 
_struct_sheet.details 
AA1 ? 4 ? 
AA2 ? 3 ? 
AA3 ? 2 ? 
# 
loop_
_struct_sheet_order.sheet_id 
_struct_sheet_order.range_id_1 
_struct_sheet_order.range_id_2 
_struct_sheet_order.offset 
_struct_sheet_order.sense 
AA1 1 2 ? anti-parallel 
AA1 2 3 ? anti-parallel 
AA1 3 4 ? anti-parallel 
AA2 1 2 ? anti-parallel 
AA2 2 3 ? anti-parallel 
AA3 1 2 ? anti-parallel 
# 
loop_
_struct_sheet_range.sheet_id 
_struct_sheet_range.id 
_struct_sheet_range.beg_label_comp_id 
_struct_sheet_range.beg_label_asym_id 
_struct_sheet_range.beg_label_seq_id 
_struct_sheet_range.pdbx_beg_PDB_ins_code 
_struct_sheet_range.end_label_comp_id 
_struct_sheet_range.end_label_asym_id 
_struct_sheet_range.end_label_seq_id 
_struct_sheet_range.pdbx_end_PDB_ins_code 
_struct_sheet_range.beg_auth_comp_id 
_struct_sheet_range.beg_auth_asym_id 
_struct_sheet_range.beg_auth_seq_id 
_struct_sheet_range.end_auth_comp_id 
_struct_sheet_range.end_auth_asym_id 
_struct_sheet_range.end_auth_seq_id 
AA1 1 ARG A 19 ? PRO A 23 ? ARG A 817 PRO A 821 
AA1 2 GLU A 8  ? SER A 13 ? GLU A 806 SER A 811 
AA1 3 VAL A 41 ? SER A 45 ? VAL A 839 SER A 843 
AA1 4 ASN A 70 ? VAL A 71 ? ASN A 868 VAL A 869 
AA2 1 GLY A 65 ? PHE A 67 ? GLY A 863 PHE A 865 
AA2 2 ALA A 49 ? SER A 54 ? ALA A 847 SER A 852 
AA2 3 SER A 94 ? TYR A 99 ? SER A 892 TYR A 897 
AA3 1 VAL A 79 ? LYS A 80 ? VAL A 877 LYS A 878 
AA3 2 TYR A 86 ? LEU A 87 ? TYR A 884 LEU A 885 
# 
loop_
_pdbx_struct_sheet_hbond.sheet_id 
_pdbx_struct_sheet_hbond.range_id_1 
_pdbx_struct_sheet_hbond.range_id_2 
_pdbx_struct_sheet_hbond.range_1_label_atom_id 
_pdbx_struct_sheet_hbond.range_1_label_comp_id 
_pdbx_struct_sheet_hbond.range_1_label_asym_id 
_pdbx_struct_sheet_hbond.range_1_label_seq_id 
_pdbx_struct_sheet_hbond.range_1_PDB_ins_code 
_pdbx_struct_sheet_hbond.range_1_auth_atom_id 
_pdbx_struct_sheet_hbond.range_1_auth_comp_id 
_pdbx_struct_sheet_hbond.range_1_auth_asym_id 
_pdbx_struct_sheet_hbond.range_1_auth_seq_id 
_pdbx_struct_sheet_hbond.range_2_label_atom_id 
_pdbx_struct_sheet_hbond.range_2_label_comp_id 
_pdbx_struct_sheet_hbond.range_2_label_asym_id 
_pdbx_struct_sheet_hbond.range_2_label_seq_id 
_pdbx_struct_sheet_hbond.range_2_PDB_ins_code 
_pdbx_struct_sheet_hbond.range_2_auth_atom_id 
_pdbx_struct_sheet_hbond.range_2_auth_comp_id 
_pdbx_struct_sheet_hbond.range_2_auth_asym_id 
_pdbx_struct_sheet_hbond.range_2_auth_seq_id 
AA1 1 2 O TYR A 20 ? O TYR A 818 N ILE A 11 ? N ILE A 809 
AA1 2 3 N CYS A 10 ? N CYS A 808 O ASP A 44 ? O ASP A 842 
AA1 3 4 N VAL A 43 ? N VAL A 841 O VAL A 71 ? O VAL A 869 
AA2 1 2 O PHE A 67 ? O PHE A 865 N VAL A 51 ? N VAL A 849 
AA2 2 3 N LEU A 52 ? N LEU A 850 O ARG A 96 ? O ARG A 894 
AA3 1 2 N VAL A 79 ? N VAL A 877 O LEU A 87 ? O LEU A 885 
# 
_pdbx_entry_details.entry_id                   9GRJ 
_pdbx_entry_details.has_ligand_of_interest     Y 
_pdbx_entry_details.compound_details           ? 
_pdbx_entry_details.source_details             ? 
_pdbx_entry_details.nonpolymer_details         ? 
_pdbx_entry_details.sequence_details           ? 
_pdbx_entry_details.has_protein_modification   Y 
# 
_pdbx_validate_rmsd_angle.id                         1 
_pdbx_validate_rmsd_angle.PDB_model_num              1 
_pdbx_validate_rmsd_angle.auth_atom_id_1             CB 
_pdbx_validate_rmsd_angle.auth_asym_id_1             A 
_pdbx_validate_rmsd_angle.auth_comp_id_1             VAL 
_pdbx_validate_rmsd_angle.auth_seq_id_1              835 
_pdbx_validate_rmsd_angle.PDB_ins_code_1             ? 
_pdbx_validate_rmsd_angle.label_alt_id_1             ? 
_pdbx_validate_rmsd_angle.auth_atom_id_2             CA 
_pdbx_validate_rmsd_angle.auth_asym_id_2             A 
_pdbx_validate_rmsd_angle.auth_comp_id_2             VAL 
_pdbx_validate_rmsd_angle.auth_seq_id_2              835 
_pdbx_validate_rmsd_angle.PDB_ins_code_2             ? 
_pdbx_validate_rmsd_angle.label_alt_id_2             ? 
_pdbx_validate_rmsd_angle.auth_atom_id_3             C 
_pdbx_validate_rmsd_angle.auth_asym_id_3             A 
_pdbx_validate_rmsd_angle.auth_comp_id_3             VAL 
_pdbx_validate_rmsd_angle.auth_seq_id_3              835 
_pdbx_validate_rmsd_angle.PDB_ins_code_3             ? 
_pdbx_validate_rmsd_angle.label_alt_id_3             ? 
_pdbx_validate_rmsd_angle.angle_value                96.20 
_pdbx_validate_rmsd_angle.angle_target_value         111.40 
_pdbx_validate_rmsd_angle.angle_deviation            -15.20 
_pdbx_validate_rmsd_angle.angle_standard_deviation   1.90 
_pdbx_validate_rmsd_angle.linker_flag                N 
# 
_pdbx_validate_torsion.id              1 
_pdbx_validate_torsion.PDB_model_num   1 
_pdbx_validate_torsion.auth_comp_id    THR 
_pdbx_validate_torsion.auth_asym_id    M 
_pdbx_validate_torsion.auth_seq_id     5 
_pdbx_validate_torsion.PDB_ins_code    ? 
_pdbx_validate_torsion.label_alt_id    ? 
_pdbx_validate_torsion.phi             -92.40 
_pdbx_validate_torsion.psi             57.53 
# 
loop_
_pdbx_unobs_or_zero_occ_residues.id 
_pdbx_unobs_or_zero_occ_residues.PDB_model_num 
_pdbx_unobs_or_zero_occ_residues.polymer_flag 
_pdbx_unobs_or_zero_occ_residues.occupancy_flag 
_pdbx_unobs_or_zero_occ_residues.auth_asym_id 
_pdbx_unobs_or_zero_occ_residues.auth_comp_id 
_pdbx_unobs_or_zero_occ_residues.auth_seq_id 
_pdbx_unobs_or_zero_occ_residues.PDB_ins_code 
_pdbx_unobs_or_zero_occ_residues.label_asym_id 
_pdbx_unobs_or_zero_occ_residues.label_comp_id 
_pdbx_unobs_or_zero_occ_residues.label_seq_id 
1 1 Y 1 M ALA 1 ? B ALA 1 
2 1 Y 1 M GLU 2 ? B GLU 2 
# 
loop_
_chem_comp_atom.comp_id 
_chem_comp_atom.atom_id 
_chem_comp_atom.type_symbol 
_chem_comp_atom.pdbx_aromatic_flag 
_chem_comp_atom.pdbx_stereo_config 
_chem_comp_atom.pdbx_ordinal 
A2G O5   O N N 1   
A2G C1   C N S 2   
A2G O1   O N N 3   
A2G C2   C N R 4   
A2G N2   N N N 5   
A2G C3   C N R 6   
A2G O3   O N N 7   
A2G C4   C N R 8   
A2G O4   O N N 9   
A2G C5   C N R 10  
A2G C6   C N N 11  
A2G O6   O N N 12  
A2G C7   C N N 13  
A2G O7   O N N 14  
A2G C8   C N N 15  
A2G H1   H N N 16  
A2G HO1  H N N 17  
A2G H2   H N N 18  
A2G HN2  H N N 19  
A2G H3   H N N 20  
A2G HO3  H N N 21  
A2G H4   H N N 22  
A2G HO4  H N N 23  
A2G H5   H N N 24  
A2G H61  H N N 25  
A2G H81  H N N 26  
A2G H82  H N N 27  
A2G H83  H N N 28  
A2G H62  H N N 29  
A2G HO6  H N N 30  
ALA N    N N N 31  
ALA CA   C N S 32  
ALA C    C N N 33  
ALA O    O N N 34  
ALA CB   C N N 35  
ALA OXT  O N N 36  
ALA H    H N N 37  
ALA H2   H N N 38  
ALA HA   H N N 39  
ALA HB1  H N N 40  
ALA HB2  H N N 41  
ALA HB3  H N N 42  
ALA HXT  H N N 43  
ARG N    N N N 44  
ARG CA   C N S 45  
ARG C    C N N 46  
ARG O    O N N 47  
ARG CB   C N N 48  
ARG CG   C N N 49  
ARG CD   C N N 50  
ARG NE   N N N 51  
ARG CZ   C N N 52  
ARG NH1  N N N 53  
ARG NH2  N N N 54  
ARG OXT  O N N 55  
ARG H    H N N 56  
ARG H2   H N N 57  
ARG HA   H N N 58  
ARG HB2  H N N 59  
ARG HB3  H N N 60  
ARG HG2  H N N 61  
ARG HG3  H N N 62  
ARG HD2  H N N 63  
ARG HD3  H N N 64  
ARG HE   H N N 65  
ARG HH11 H N N 66  
ARG HH12 H N N 67  
ARG HH21 H N N 68  
ARG HH22 H N N 69  
ARG HXT  H N N 70  
ASN N    N N N 71  
ASN CA   C N S 72  
ASN C    C N N 73  
ASN O    O N N 74  
ASN CB   C N N 75  
ASN CG   C N N 76  
ASN OD1  O N N 77  
ASN ND2  N N N 78  
ASN OXT  O N N 79  
ASN H    H N N 80  
ASN H2   H N N 81  
ASN HA   H N N 82  
ASN HB2  H N N 83  
ASN HB3  H N N 84  
ASN HD21 H N N 85  
ASN HD22 H N N 86  
ASN HXT  H N N 87  
ASP N    N N N 88  
ASP CA   C N S 89  
ASP C    C N N 90  
ASP O    O N N 91  
ASP CB   C N N 92  
ASP CG   C N N 93  
ASP OD1  O N N 94  
ASP OD2  O N N 95  
ASP OXT  O N N 96  
ASP H    H N N 97  
ASP H2   H N N 98  
ASP HA   H N N 99  
ASP HB2  H N N 100 
ASP HB3  H N N 101 
ASP HD2  H N N 102 
ASP HXT  H N N 103 
CYS N    N N N 104 
CYS CA   C N R 105 
CYS C    C N N 106 
CYS O    O N N 107 
CYS CB   C N N 108 
CYS SG   S N N 109 
CYS OXT  O N N 110 
CYS H    H N N 111 
CYS H2   H N N 112 
CYS HA   H N N 113 
CYS HB2  H N N 114 
CYS HB3  H N N 115 
CYS HG   H N N 116 
CYS HXT  H N N 117 
GLN N    N N N 118 
GLN CA   C N S 119 
GLN C    C N N 120 
GLN O    O N N 121 
GLN CB   C N N 122 
GLN CG   C N N 123 
GLN CD   C N N 124 
GLN OE1  O N N 125 
GLN NE2  N N N 126 
GLN OXT  O N N 127 
GLN H    H N N 128 
GLN H2   H N N 129 
GLN HA   H N N 130 
GLN HB2  H N N 131 
GLN HB3  H N N 132 
GLN HG2  H N N 133 
GLN HG3  H N N 134 
GLN HE21 H N N 135 
GLN HE22 H N N 136 
GLN HXT  H N N 137 
GLU N    N N N 138 
GLU CA   C N S 139 
GLU C    C N N 140 
GLU O    O N N 141 
GLU CB   C N N 142 
GLU CG   C N N 143 
GLU CD   C N N 144 
GLU OE1  O N N 145 
GLU OE2  O N N 146 
GLU OXT  O N N 147 
GLU H    H N N 148 
GLU H2   H N N 149 
GLU HA   H N N 150 
GLU HB2  H N N 151 
GLU HB3  H N N 152 
GLU HG2  H N N 153 
GLU HG3  H N N 154 
GLU HE2  H N N 155 
GLU HXT  H N N 156 
GLY N    N N N 157 
GLY CA   C N N 158 
GLY C    C N N 159 
GLY O    O N N 160 
GLY OXT  O N N 161 
GLY H    H N N 162 
GLY H2   H N N 163 
GLY HA2  H N N 164 
GLY HA3  H N N 165 
GLY HXT  H N N 166 
GOL C1   C N N 167 
GOL O1   O N N 168 
GOL C2   C N N 169 
GOL O2   O N N 170 
GOL C3   C N N 171 
GOL O3   O N N 172 
GOL H11  H N N 173 
GOL H12  H N N 174 
GOL HO1  H N N 175 
GOL H2   H N N 176 
GOL HO2  H N N 177 
GOL H31  H N N 178 
GOL H32  H N N 179 
GOL HO3  H N N 180 
HOH O    O N N 181 
HOH H1   H N N 182 
HOH H2   H N N 183 
ILE N    N N N 184 
ILE CA   C N S 185 
ILE C    C N N 186 
ILE O    O N N 187 
ILE CB   C N S 188 
ILE CG1  C N N 189 
ILE CG2  C N N 190 
ILE CD1  C N N 191 
ILE OXT  O N N 192 
ILE H    H N N 193 
ILE H2   H N N 194 
ILE HA   H N N 195 
ILE HB   H N N 196 
ILE HG12 H N N 197 
ILE HG13 H N N 198 
ILE HG21 H N N 199 
ILE HG22 H N N 200 
ILE HG23 H N N 201 
ILE HD11 H N N 202 
ILE HD12 H N N 203 
ILE HD13 H N N 204 
ILE HXT  H N N 205 
LEU N    N N N 206 
LEU CA   C N S 207 
LEU C    C N N 208 
LEU O    O N N 209 
LEU CB   C N N 210 
LEU CG   C N N 211 
LEU CD1  C N N 212 
LEU CD2  C N N 213 
LEU OXT  O N N 214 
LEU H    H N N 215 
LEU H2   H N N 216 
LEU HA   H N N 217 
LEU HB2  H N N 218 
LEU HB3  H N N 219 
LEU HG   H N N 220 
LEU HD11 H N N 221 
LEU HD12 H N N 222 
LEU HD13 H N N 223 
LEU HD21 H N N 224 
LEU HD22 H N N 225 
LEU HD23 H N N 226 
LEU HXT  H N N 227 
LYS N    N N N 228 
LYS CA   C N S 229 
LYS C    C N N 230 
LYS O    O N N 231 
LYS CB   C N N 232 
LYS CG   C N N 233 
LYS CD   C N N 234 
LYS CE   C N N 235 
LYS NZ   N N N 236 
LYS OXT  O N N 237 
LYS H    H N N 238 
LYS H2   H N N 239 
LYS HA   H N N 240 
LYS HB2  H N N 241 
LYS HB3  H N N 242 
LYS HG2  H N N 243 
LYS HG3  H N N 244 
LYS HD2  H N N 245 
LYS HD3  H N N 246 
LYS HE2  H N N 247 
LYS HE3  H N N 248 
LYS HZ1  H N N 249 
LYS HZ2  H N N 250 
LYS HZ3  H N N 251 
LYS HXT  H N N 252 
MET N    N N N 253 
MET CA   C N S 254 
MET C    C N N 255 
MET O    O N N 256 
MET CB   C N N 257 
MET CG   C N N 258 
MET SD   S N N 259 
MET CE   C N N 260 
MET OXT  O N N 261 
MET H    H N N 262 
MET H2   H N N 263 
MET HA   H N N 264 
MET HB2  H N N 265 
MET HB3  H N N 266 
MET HG2  H N N 267 
MET HG3  H N N 268 
MET HE1  H N N 269 
MET HE2  H N N 270 
MET HE3  H N N 271 
MET HXT  H N N 272 
PHE N    N N N 273 
PHE CA   C N S 274 
PHE C    C N N 275 
PHE O    O N N 276 
PHE CB   C N N 277 
PHE CG   C Y N 278 
PHE CD1  C Y N 279 
PHE CD2  C Y N 280 
PHE CE1  C Y N 281 
PHE CE2  C Y N 282 
PHE CZ   C Y N 283 
PHE OXT  O N N 284 
PHE H    H N N 285 
PHE H2   H N N 286 
PHE HA   H N N 287 
PHE HB2  H N N 288 
PHE HB3  H N N 289 
PHE HD1  H N N 290 
PHE HD2  H N N 291 
PHE HE1  H N N 292 
PHE HE2  H N N 293 
PHE HZ   H N N 294 
PHE HXT  H N N 295 
PRO N    N N N 296 
PRO CA   C N S 297 
PRO C    C N N 298 
PRO O    O N N 299 
PRO CB   C N N 300 
PRO CG   C N N 301 
PRO CD   C N N 302 
PRO OXT  O N N 303 
PRO H    H N N 304 
PRO HA   H N N 305 
PRO HB2  H N N 306 
PRO HB3  H N N 307 
PRO HG2  H N N 308 
PRO HG3  H N N 309 
PRO HD2  H N N 310 
PRO HD3  H N N 311 
PRO HXT  H N N 312 
SER N    N N N 313 
SER CA   C N S 314 
SER C    C N N 315 
SER O    O N N 316 
SER CB   C N N 317 
SER OG   O N N 318 
SER OXT  O N N 319 
SER H    H N N 320 
SER H2   H N N 321 
SER HA   H N N 322 
SER HB2  H N N 323 
SER HB3  H N N 324 
SER HG   H N N 325 
SER HXT  H N N 326 
THR N    N N N 327 
THR CA   C N S 328 
THR C    C N N 329 
THR O    O N N 330 
THR CB   C N R 331 
THR OG1  O N N 332 
THR CG2  C N N 333 
THR OXT  O N N 334 
THR H    H N N 335 
THR H2   H N N 336 
THR HA   H N N 337 
THR HB   H N N 338 
THR HG1  H N N 339 
THR HG21 H N N 340 
THR HG22 H N N 341 
THR HG23 H N N 342 
THR HXT  H N N 343 
TRP N    N N N 344 
TRP CA   C N S 345 
TRP C    C N N 346 
TRP O    O N N 347 
TRP CB   C N N 348 
TRP CG   C Y N 349 
TRP CD1  C Y N 350 
TRP CD2  C Y N 351 
TRP NE1  N Y N 352 
TRP CE2  C Y N 353 
TRP CE3  C Y N 354 
TRP CZ2  C Y N 355 
TRP CZ3  C Y N 356 
TRP CH2  C Y N 357 
TRP OXT  O N N 358 
TRP H    H N N 359 
TRP H2   H N N 360 
TRP HA   H N N 361 
TRP HB2  H N N 362 
TRP HB3  H N N 363 
TRP HD1  H N N 364 
TRP HE1  H N N 365 
TRP HE3  H N N 366 
TRP HZ2  H N N 367 
TRP HZ3  H N N 368 
TRP HH2  H N N 369 
TRP HXT  H N N 370 
TYR N    N N N 371 
TYR CA   C N S 372 
TYR C    C N N 373 
TYR O    O N N 374 
TYR CB   C N N 375 
TYR CG   C Y N 376 
TYR CD1  C Y N 377 
TYR CD2  C Y N 378 
TYR CE1  C Y N 379 
TYR CE2  C Y N 380 
TYR CZ   C Y N 381 
TYR OH   O N N 382 
TYR OXT  O N N 383 
TYR H    H N N 384 
TYR H2   H N N 385 
TYR HA   H N N 386 
TYR HB2  H N N 387 
TYR HB3  H N N 388 
TYR HD1  H N N 389 
TYR HD2  H N N 390 
TYR HE1  H N N 391 
TYR HE2  H N N 392 
TYR HH   H N N 393 
TYR HXT  H N N 394 
VAL N    N N N 395 
VAL CA   C N S 396 
VAL C    C N N 397 
VAL O    O N N 398 
VAL CB   C N N 399 
VAL CG1  C N N 400 
VAL CG2  C N N 401 
VAL OXT  O N N 402 
VAL H    H N N 403 
VAL H2   H N N 404 
VAL HA   H N N 405 
VAL HB   H N N 406 
VAL HG11 H N N 407 
VAL HG12 H N N 408 
VAL HG13 H N N 409 
VAL HG21 H N N 410 
VAL HG22 H N N 411 
VAL HG23 H N N 412 
VAL HXT  H N N 413 
# 
loop_
_chem_comp_bond.comp_id 
_chem_comp_bond.atom_id_1 
_chem_comp_bond.atom_id_2 
_chem_comp_bond.value_order 
_chem_comp_bond.pdbx_aromatic_flag 
_chem_comp_bond.pdbx_stereo_config 
_chem_comp_bond.pdbx_ordinal 
A2G O5  C5   sing N N 1   
A2G C1  O5   sing N N 2   
A2G C1  C2   sing N N 3   
A2G C1  H1   sing N N 4   
A2G O1  C1   sing N N 5   
A2G O1  HO1  sing N N 6   
A2G C2  C3   sing N N 7   
A2G C2  H2   sing N N 8   
A2G N2  C2   sing N N 9   
A2G N2  HN2  sing N N 10  
A2G C3  C4   sing N N 11  
A2G C3  O3   sing N N 12  
A2G C3  H3   sing N N 13  
A2G O3  HO3  sing N N 14  
A2G C4  O4   sing N N 15  
A2G C4  H4   sing N N 16  
A2G O4  HO4  sing N N 17  
A2G C5  C4   sing N N 18  
A2G C5  C6   sing N N 19  
A2G C5  H5   sing N N 20  
A2G C6  O6   sing N N 21  
A2G C6  H61  sing N N 22  
A2G C7  N2   sing N N 23  
A2G O7  C7   doub N N 24  
A2G C8  C7   sing N N 25  
A2G C8  H81  sing N N 26  
A2G C8  H82  sing N N 27  
A2G C8  H83  sing N N 28  
A2G C6  H62  sing N N 29  
A2G O6  HO6  sing N N 30  
ALA N   CA   sing N N 31  
ALA N   H    sing N N 32  
ALA N   H2   sing N N 33  
ALA CA  C    sing N N 34  
ALA CA  CB   sing N N 35  
ALA CA  HA   sing N N 36  
ALA C   O    doub N N 37  
ALA C   OXT  sing N N 38  
ALA CB  HB1  sing N N 39  
ALA CB  HB2  sing N N 40  
ALA CB  HB3  sing N N 41  
ALA OXT HXT  sing N N 42  
ARG N   CA   sing N N 43  
ARG N   H    sing N N 44  
ARG N   H2   sing N N 45  
ARG CA  C    sing N N 46  
ARG CA  CB   sing N N 47  
ARG CA  HA   sing N N 48  
ARG C   O    doub N N 49  
ARG C   OXT  sing N N 50  
ARG CB  CG   sing N N 51  
ARG CB  HB2  sing N N 52  
ARG CB  HB3  sing N N 53  
ARG CG  CD   sing N N 54  
ARG CG  HG2  sing N N 55  
ARG CG  HG3  sing N N 56  
ARG CD  NE   sing N N 57  
ARG CD  HD2  sing N N 58  
ARG CD  HD3  sing N N 59  
ARG NE  CZ   sing N N 60  
ARG NE  HE   sing N N 61  
ARG CZ  NH1  sing N N 62  
ARG CZ  NH2  doub N N 63  
ARG NH1 HH11 sing N N 64  
ARG NH1 HH12 sing N N 65  
ARG NH2 HH21 sing N N 66  
ARG NH2 HH22 sing N N 67  
ARG OXT HXT  sing N N 68  
ASN N   CA   sing N N 69  
ASN N   H    sing N N 70  
ASN N   H2   sing N N 71  
ASN CA  C    sing N N 72  
ASN CA  CB   sing N N 73  
ASN CA  HA   sing N N 74  
ASN C   O    doub N N 75  
ASN C   OXT  sing N N 76  
ASN CB  CG   sing N N 77  
ASN CB  HB2  sing N N 78  
ASN CB  HB3  sing N N 79  
ASN CG  OD1  doub N N 80  
ASN CG  ND2  sing N N 81  
ASN ND2 HD21 sing N N 82  
ASN ND2 HD22 sing N N 83  
ASN OXT HXT  sing N N 84  
ASP N   CA   sing N N 85  
ASP N   H    sing N N 86  
ASP N   H2   sing N N 87  
ASP CA  C    sing N N 88  
ASP CA  CB   sing N N 89  
ASP CA  HA   sing N N 90  
ASP C   O    doub N N 91  
ASP C   OXT  sing N N 92  
ASP CB  CG   sing N N 93  
ASP CB  HB2  sing N N 94  
ASP CB  HB3  sing N N 95  
ASP CG  OD1  doub N N 96  
ASP CG  OD2  sing N N 97  
ASP OD2 HD2  sing N N 98  
ASP OXT HXT  sing N N 99  
CYS N   CA   sing N N 100 
CYS N   H    sing N N 101 
CYS N   H2   sing N N 102 
CYS CA  C    sing N N 103 
CYS CA  CB   sing N N 104 
CYS CA  HA   sing N N 105 
CYS C   O    doub N N 106 
CYS C   OXT  sing N N 107 
CYS CB  SG   sing N N 108 
CYS CB  HB2  sing N N 109 
CYS CB  HB3  sing N N 110 
CYS SG  HG   sing N N 111 
CYS OXT HXT  sing N N 112 
GLN N   CA   sing N N 113 
GLN N   H    sing N N 114 
GLN N   H2   sing N N 115 
GLN CA  C    sing N N 116 
GLN CA  CB   sing N N 117 
GLN CA  HA   sing N N 118 
GLN C   O    doub N N 119 
GLN C   OXT  sing N N 120 
GLN CB  CG   sing N N 121 
GLN CB  HB2  sing N N 122 
GLN CB  HB3  sing N N 123 
GLN CG  CD   sing N N 124 
GLN CG  HG2  sing N N 125 
GLN CG  HG3  sing N N 126 
GLN CD  OE1  doub N N 127 
GLN CD  NE2  sing N N 128 
GLN NE2 HE21 sing N N 129 
GLN NE2 HE22 sing N N 130 
GLN OXT HXT  sing N N 131 
GLU N   CA   sing N N 132 
GLU N   H    sing N N 133 
GLU N   H2   sing N N 134 
GLU CA  C    sing N N 135 
GLU CA  CB   sing N N 136 
GLU CA  HA   sing N N 137 
GLU C   O    doub N N 138 
GLU C   OXT  sing N N 139 
GLU CB  CG   sing N N 140 
GLU CB  HB2  sing N N 141 
GLU CB  HB3  sing N N 142 
GLU CG  CD   sing N N 143 
GLU CG  HG2  sing N N 144 
GLU CG  HG3  sing N N 145 
GLU CD  OE1  doub N N 146 
GLU CD  OE2  sing N N 147 
GLU OE2 HE2  sing N N 148 
GLU OXT HXT  sing N N 149 
GLY N   CA   sing N N 150 
GLY N   H    sing N N 151 
GLY N   H2   sing N N 152 
GLY CA  C    sing N N 153 
GLY CA  HA2  sing N N 154 
GLY CA  HA3  sing N N 155 
GLY C   O    doub N N 156 
GLY C   OXT  sing N N 157 
GLY OXT HXT  sing N N 158 
GOL C1  O1   sing N N 159 
GOL C1  C2   sing N N 160 
GOL C1  H11  sing N N 161 
GOL C1  H12  sing N N 162 
GOL O1  HO1  sing N N 163 
GOL C2  O2   sing N N 164 
GOL C2  C3   sing N N 165 
GOL C2  H2   sing N N 166 
GOL O2  HO2  sing N N 167 
GOL C3  O3   sing N N 168 
GOL C3  H31  sing N N 169 
GOL C3  H32  sing N N 170 
GOL O3  HO3  sing N N 171 
HOH O   H1   sing N N 172 
HOH O   H2   sing N N 173 
ILE N   CA   sing N N 174 
ILE N   H    sing N N 175 
ILE N   H2   sing N N 176 
ILE CA  C    sing N N 177 
ILE CA  CB   sing N N 178 
ILE CA  HA   sing N N 179 
ILE C   O    doub N N 180 
ILE C   OXT  sing N N 181 
ILE CB  CG1  sing N N 182 
ILE CB  CG2  sing N N 183 
ILE CB  HB   sing N N 184 
ILE CG1 CD1  sing N N 185 
ILE CG1 HG12 sing N N 186 
ILE CG1 HG13 sing N N 187 
ILE CG2 HG21 sing N N 188 
ILE CG2 HG22 sing N N 189 
ILE CG2 HG23 sing N N 190 
ILE CD1 HD11 sing N N 191 
ILE CD1 HD12 sing N N 192 
ILE CD1 HD13 sing N N 193 
ILE OXT HXT  sing N N 194 
LEU N   CA   sing N N 195 
LEU N   H    sing N N 196 
LEU N   H2   sing N N 197 
LEU CA  C    sing N N 198 
LEU CA  CB   sing N N 199 
LEU CA  HA   sing N N 200 
LEU C   O    doub N N 201 
LEU C   OXT  sing N N 202 
LEU CB  CG   sing N N 203 
LEU CB  HB2  sing N N 204 
LEU CB  HB3  sing N N 205 
LEU CG  CD1  sing N N 206 
LEU CG  CD2  sing N N 207 
LEU CG  HG   sing N N 208 
LEU CD1 HD11 sing N N 209 
LEU CD1 HD12 sing N N 210 
LEU CD1 HD13 sing N N 211 
LEU CD2 HD21 sing N N 212 
LEU CD2 HD22 sing N N 213 
LEU CD2 HD23 sing N N 214 
LEU OXT HXT  sing N N 215 
LYS N   CA   sing N N 216 
LYS N   H    sing N N 217 
LYS N   H2   sing N N 218 
LYS CA  C    sing N N 219 
LYS CA  CB   sing N N 220 
LYS CA  HA   sing N N 221 
LYS C   O    doub N N 222 
LYS C   OXT  sing N N 223 
LYS CB  CG   sing N N 224 
LYS CB  HB2  sing N N 225 
LYS CB  HB3  sing N N 226 
LYS CG  CD   sing N N 227 
LYS CG  HG2  sing N N 228 
LYS CG  HG3  sing N N 229 
LYS CD  CE   sing N N 230 
LYS CD  HD2  sing N N 231 
LYS CD  HD3  sing N N 232 
LYS CE  NZ   sing N N 233 
LYS CE  HE2  sing N N 234 
LYS CE  HE3  sing N N 235 
LYS NZ  HZ1  sing N N 236 
LYS NZ  HZ2  sing N N 237 
LYS NZ  HZ3  sing N N 238 
LYS OXT HXT  sing N N 239 
MET N   CA   sing N N 240 
MET N   H    sing N N 241 
MET N   H2   sing N N 242 
MET CA  C    sing N N 243 
MET CA  CB   sing N N 244 
MET CA  HA   sing N N 245 
MET C   O    doub N N 246 
MET C   OXT  sing N N 247 
MET CB  CG   sing N N 248 
MET CB  HB2  sing N N 249 
MET CB  HB3  sing N N 250 
MET CG  SD   sing N N 251 
MET CG  HG2  sing N N 252 
MET CG  HG3  sing N N 253 
MET SD  CE   sing N N 254 
MET CE  HE1  sing N N 255 
MET CE  HE2  sing N N 256 
MET CE  HE3  sing N N 257 
MET OXT HXT  sing N N 258 
PHE N   CA   sing N N 259 
PHE N   H    sing N N 260 
PHE N   H2   sing N N 261 
PHE CA  C    sing N N 262 
PHE CA  CB   sing N N 263 
PHE CA  HA   sing N N 264 
PHE C   O    doub N N 265 
PHE C   OXT  sing N N 266 
PHE CB  CG   sing N N 267 
PHE CB  HB2  sing N N 268 
PHE CB  HB3  sing N N 269 
PHE CG  CD1  doub Y N 270 
PHE CG  CD2  sing Y N 271 
PHE CD1 CE1  sing Y N 272 
PHE CD1 HD1  sing N N 273 
PHE CD2 CE2  doub Y N 274 
PHE CD2 HD2  sing N N 275 
PHE CE1 CZ   doub Y N 276 
PHE CE1 HE1  sing N N 277 
PHE CE2 CZ   sing Y N 278 
PHE CE2 HE2  sing N N 279 
PHE CZ  HZ   sing N N 280 
PHE OXT HXT  sing N N 281 
PRO N   CA   sing N N 282 
PRO N   CD   sing N N 283 
PRO N   H    sing N N 284 
PRO CA  C    sing N N 285 
PRO CA  CB   sing N N 286 
PRO CA  HA   sing N N 287 
PRO C   O    doub N N 288 
PRO C   OXT  sing N N 289 
PRO CB  CG   sing N N 290 
PRO CB  HB2  sing N N 291 
PRO CB  HB3  sing N N 292 
PRO CG  CD   sing N N 293 
PRO CG  HG2  sing N N 294 
PRO CG  HG3  sing N N 295 
PRO CD  HD2  sing N N 296 
PRO CD  HD3  sing N N 297 
PRO OXT HXT  sing N N 298 
SER N   CA   sing N N 299 
SER N   H    sing N N 300 
SER N   H2   sing N N 301 
SER CA  C    sing N N 302 
SER CA  CB   sing N N 303 
SER CA  HA   sing N N 304 
SER C   O    doub N N 305 
SER C   OXT  sing N N 306 
SER CB  OG   sing N N 307 
SER CB  HB2  sing N N 308 
SER CB  HB3  sing N N 309 
SER OG  HG   sing N N 310 
SER OXT HXT  sing N N 311 
THR N   CA   sing N N 312 
THR N   H    sing N N 313 
THR N   H2   sing N N 314 
THR CA  C    sing N N 315 
THR CA  CB   sing N N 316 
THR CA  HA   sing N N 317 
THR C   O    doub N N 318 
THR C   OXT  sing N N 319 
THR CB  OG1  sing N N 320 
THR CB  CG2  sing N N 321 
THR CB  HB   sing N N 322 
THR OG1 HG1  sing N N 323 
THR CG2 HG21 sing N N 324 
THR CG2 HG22 sing N N 325 
THR CG2 HG23 sing N N 326 
THR OXT HXT  sing N N 327 
TRP N   CA   sing N N 328 
TRP N   H    sing N N 329 
TRP N   H2   sing N N 330 
TRP CA  C    sing N N 331 
TRP CA  CB   sing N N 332 
TRP CA  HA   sing N N 333 
TRP C   O    doub N N 334 
TRP C   OXT  sing N N 335 
TRP CB  CG   sing N N 336 
TRP CB  HB2  sing N N 337 
TRP CB  HB3  sing N N 338 
TRP CG  CD1  doub Y N 339 
TRP CG  CD2  sing Y N 340 
TRP CD1 NE1  sing Y N 341 
TRP CD1 HD1  sing N N 342 
TRP CD2 CE2  doub Y N 343 
TRP CD2 CE3  sing Y N 344 
TRP NE1 CE2  sing Y N 345 
TRP NE1 HE1  sing N N 346 
TRP CE2 CZ2  sing Y N 347 
TRP CE3 CZ3  doub Y N 348 
TRP CE3 HE3  sing N N 349 
TRP CZ2 CH2  doub Y N 350 
TRP CZ2 HZ2  sing N N 351 
TRP CZ3 CH2  sing Y N 352 
TRP CZ3 HZ3  sing N N 353 
TRP CH2 HH2  sing N N 354 
TRP OXT HXT  sing N N 355 
TYR N   CA   sing N N 356 
TYR N   H    sing N N 357 
TYR N   H2   sing N N 358 
TYR CA  C    sing N N 359 
TYR CA  CB   sing N N 360 
TYR CA  HA   sing N N 361 
TYR C   O    doub N N 362 
TYR C   OXT  sing N N 363 
TYR CB  CG   sing N N 364 
TYR CB  HB2  sing N N 365 
TYR CB  HB3  sing N N 366 
TYR CG  CD1  doub Y N 367 
TYR CG  CD2  sing Y N 368 
TYR CD1 CE1  sing Y N 369 
TYR CD1 HD1  sing N N 370 
TYR CD2 CE2  doub Y N 371 
TYR CD2 HD2  sing N N 372 
TYR CE1 CZ   doub Y N 373 
TYR CE1 HE1  sing N N 374 
TYR CE2 CZ   sing Y N 375 
TYR CE2 HE2  sing N N 376 
TYR CZ  OH   sing N N 377 
TYR OH  HH   sing N N 378 
TYR OXT HXT  sing N N 379 
VAL N   CA   sing N N 380 
VAL N   H    sing N N 381 
VAL N   H2   sing N N 382 
VAL CA  C    sing N N 383 
VAL CA  CB   sing N N 384 
VAL CA  HA   sing N N 385 
VAL C   O    doub N N 386 
VAL C   OXT  sing N N 387 
VAL CB  CG1  sing N N 388 
VAL CB  CG2  sing N N 389 
VAL CB  HB   sing N N 390 
VAL CG1 HG11 sing N N 391 
VAL CG1 HG12 sing N N 392 
VAL CG1 HG13 sing N N 393 
VAL CG2 HG21 sing N N 394 
VAL CG2 HG22 sing N N 395 
VAL CG2 HG23 sing N N 396 
VAL OXT HXT  sing N N 397 
# 
_pdbx_audit_support.funding_organization   'Ministerio de Ciencia e Innovacion (MCIN)' 
_pdbx_audit_support.country                Spain 
_pdbx_audit_support.grant_number           PID2022-136362NB-I00 
_pdbx_audit_support.ordinal                1 
# 
_pdbx_initial_refinement_model.id               1 
_pdbx_initial_refinement_model.entity_id_list   ? 
_pdbx_initial_refinement_model.type             'experimental model' 
_pdbx_initial_refinement_model.source_name      PDB 
_pdbx_initial_refinement_model.accession_code   3UJZ 
_pdbx_initial_refinement_model.details          ? 
# 
_atom_sites.entry_id                    9GRJ 
_atom_sites.Cartn_transf_matrix[1][1]   ? 
_atom_sites.Cartn_transf_matrix[1][2]   ? 
_atom_sites.Cartn_transf_matrix[1][3]   ? 
_atom_sites.Cartn_transf_matrix[2][1]   ? 
_atom_sites.Cartn_transf_matrix[2][2]   ? 
_atom_sites.Cartn_transf_matrix[2][3]   ? 
_atom_sites.Cartn_transf_matrix[3][1]   ? 
_atom_sites.Cartn_transf_matrix[3][2]   ? 
_atom_sites.Cartn_transf_matrix[3][3]   ? 
_atom_sites.Cartn_transf_vector[1]      ? 
_atom_sites.Cartn_transf_vector[2]      ? 
_atom_sites.Cartn_transf_vector[3]      ? 
_atom_sites.Cartn_transform_axes        ? 
_atom_sites.fract_transf_matrix[1][1]   0.00077650 
_atom_sites.fract_transf_matrix[1][2]   0.01278320 
_atom_sites.fract_transf_matrix[1][3]   -0.00586535 
_atom_sites.fract_transf_matrix[2][1]   -0.00534129 
_atom_sites.fract_transf_matrix[2][2]   0.01131823 
_atom_sites.fract_transf_matrix[2][3]   0.02396033 
_atom_sites.fract_transf_matrix[3][1]   0.02179737 
_atom_sites.fract_transf_matrix[3][2]   0.00074417 
_atom_sites.fract_transf_matrix[3][3]   0.00450759 
_atom_sites.fract_transf_vector[1]      0.253348 
_atom_sites.fract_transf_vector[2]      0.097032 
_atom_sites.fract_transf_vector[3]      0.238980 
_atom_sites.solution_primary            ? 
_atom_sites.solution_secondary          ? 
_atom_sites.solution_hydrogens          ? 
_atom_sites.special_details             ? 
# 
loop_
_atom_type.symbol 
C 
N 
O 
S 
# 
loop_
_atom_site.group_PDB 
_atom_site.id 
_atom_site.type_symbol 
_atom_site.label_atom_id 
_atom_site.label_alt_id 
_atom_site.label_comp_id 
_atom_site.label_asym_id 
_atom_site.label_entity_id 
_atom_site.label_seq_id 
_atom_site.pdbx_PDB_ins_code 
_atom_site.Cartn_x 
_atom_site.Cartn_y 
_atom_site.Cartn_z 
_atom_site.occupancy 
_atom_site.B_iso_or_equiv 
_atom_site.pdbx_formal_charge 
_atom_site.auth_seq_id 
_atom_site.auth_comp_id 
_atom_site.auth_asym_id 
_atom_site.auth_atom_id 
_atom_site.pdbx_PDB_model_num 
ATOM   1    N N   . ALA A 1 1   ? -10.620 7.397   -8.998  1.00 57.66 ? 799  ALA A N   1 
ATOM   2    C CA  . ALA A 1 1   ? -11.393 8.475   -9.674  1.00 56.50 ? 799  ALA A CA  1 
ATOM   3    C C   . ALA A 1 1   ? -11.136 9.816   -8.982  1.00 51.74 ? 799  ALA A C   1 
ATOM   4    O O   . ALA A 1 1   ? -10.338 10.606  -9.477  1.00 51.74 ? 799  ALA A O   1 
ATOM   5    C CB  . ALA A 1 1   ? -12.865 8.127   -9.722  1.00 61.36 ? 799  ALA A CB  1 
ATOM   6    N N   . LEU A 1 2   ? -11.801 10.062  -7.842  1.00 48.35 ? 800  LEU A N   1 
ATOM   7    C CA  . LEU A 1 2   ? -11.627 11.297  -7.086  1.00 49.81 ? 800  LEU A CA  1 
ATOM   8    C C   . LEU A 1 2   ? -10.201 11.356  -6.535  1.00 42.03 ? 800  LEU A C   1 
ATOM   9    O O   . LEU A 1 2   ? -9.743  10.396  -5.899  1.00 39.89 ? 800  LEU A O   1 
ATOM   10   C CB  . LEU A 1 2   ? -12.653 11.366  -5.943  1.00 53.12 ? 800  LEU A CB  1 
ATOM   11   C CG  . LEU A 1 2   ? -14.001 12.006  -6.283  1.00 58.44 ? 800  LEU A CG  1 
ATOM   12   C CD1 . LEU A 1 2   ? -15.013 11.752  -5.175  1.00 61.43 ? 800  LEU A CD1 1 
ATOM   13   C CD2 . LEU A 1 2   ? -13.853 13.505  -6.525  1.00 61.01 ? 800  LEU A CD2 1 
ATOM   14   N N   . PRO A 1 3   ? -9.445  12.457  -6.782  1.00 38.98 ? 801  PRO A N   1 
ATOM   15   C CA  . PRO A 1 3   ? -8.085  12.586  -6.256  1.00 39.09 ? 801  PRO A CA  1 
ATOM   16   C C   . PRO A 1 3   ? -8.022  12.587  -4.728  1.00 35.68 ? 801  PRO A C   1 
ATOM   17   O O   . PRO A 1 3   ? -8.895  13.123  -4.036  1.00 32.49 ? 801  PRO A O   1 
ATOM   18   C CB  . PRO A 1 3   ? -7.571  13.929  -6.786  1.00 42.03 ? 801  PRO A CB  1 
ATOM   19   C CG  . PRO A 1 3   ? -8.532  14.313  -7.903  1.00 41.04 ? 801  PRO A CG  1 
ATOM   20   C CD  . PRO A 1 3   ? -9.839  13.613  -7.599  1.00 40.16 ? 801  PRO A CD  1 
ATOM   21   N N   . ALA A 1 4   ? -6.980  11.937  -4.208  1.00 29.01 ? 802  ALA A N   1 
ATOM   22   C CA  . ALA A 1 4   ? -6.660  11.995  -2.795  1.00 26.54 ? 802  ALA A CA  1 
ATOM   23   C C   . ALA A 1 4   ? -6.586  13.440  -2.307  1.00 24.84 ? 802  ALA A C   1 
ATOM   24   O O   . ALA A 1 4   ? -5.893  14.280  -2.877  1.00 26.14 ? 802  ALA A O   1 
ATOM   25   C CB  . ALA A 1 4   ? -5.367  11.286  -2.548  1.00 25.84 ? 802  ALA A CB  1 
ATOM   26   N N   . LYS A 1 5   ? -7.236  13.673  -1.177  1.00 25.09 ? 803  LYS A N   1 
ATOM   27   C CA  . LYS A 1 5   ? -7.053  14.900  -0.421  1.00 27.56 ? 803  LYS A CA  1 
ATOM   28   C C   . LYS A 1 5   ? -5.652  14.943  0.182   1.00 27.68 ? 803  LYS A C   1 
ATOM   29   O O   . LYS A 1 5   ? -4.930  13.964  0.280   1.00 24.45 ? 803  LYS A O   1 
ATOM   30   C CB  . LYS A 1 5   ? -8.106  15.002  0.683   1.00 29.87 ? 803  LYS A CB  1 
ATOM   31   C CG  . LYS A 1 5   ? -9.554  14.986  0.199   1.00 34.85 ? 803  LYS A CG  1 
ATOM   32   C CD  . LYS A 1 5   ? -10.584 14.900  1.291   1.00 40.46 ? 803  LYS A CD  1 
ATOM   33   C CE  . LYS A 1 5   ? -11.972 14.710  0.715   1.00 45.40 ? 803  LYS A CE  1 
ATOM   34   N NZ  . LYS A 1 5   ? -13.021 14.796  1.753   1.00 49.24 ? 803  LYS A NZ  1 
ATOM   35   N N   . GLU A 1 6   ? -5.263  16.128  0.624   1.00 24.98 ? 804  GLU A N   1 
ATOM   36   C CA  . GLU A 1 6   ? -3.911  16.419  1.011   1.00 25.59 ? 804  GLU A CA  1 
ATOM   37   C C   . GLU A 1 6   ? -3.413  15.475  2.109   1.00 23.18 ? 804  GLU A C   1 
ATOM   38   O O   . GLU A 1 6   ? -2.231  15.118  2.076   1.00 24.38 ? 804  GLU A O   1 
ATOM   39   C CB  . GLU A 1 6   ? -3.959  17.876  1.477   1.00 31.67 ? 804  GLU A CB  1 
ATOM   40   C CG  . GLU A 1 6   ? -2.658  18.452  1.914   1.00 41.17 ? 804  GLU A CG  1 
ATOM   41   C CD  . GLU A 1 6   ? -2.773  19.971  1.981   1.00 45.09 ? 804  GLU A CD  1 
ATOM   42   O OE1 . GLU A 1 6   ? -3.691  20.450  2.676   1.00 44.11 ? 804  GLU A OE1 1 
ATOM   43   O OE2 . GLU A 1 6   ? -1.998  20.642  1.276   1.00 46.09 ? 804  GLU A OE2 1 
ATOM   44   N N   . ASN A 1 7   ? -4.275  15.126  3.067   1.00 24.40 ? 805  ASN A N   1 
ATOM   45   C CA  . ASN A 1 7   ? -3.885  14.333  4.226   1.00 24.80 ? 805  ASN A CA  1 
ATOM   46   C C   . ASN A 1 7   ? -4.448  12.920  4.132   1.00 21.68 ? 805  ASN A C   1 
ATOM   47   O O   . ASN A 1 7   ? -4.818  12.311  5.131   1.00 20.64 ? 805  ASN A O   1 
ATOM   48   C CB  . ASN A 1 7   ? -4.337  14.955  5.554   1.00 27.32 ? 805  ASN A CB  1 
ATOM   49   C CG  . ASN A 1 7   ? -3.695  16.313  5.768   1.00 36.31 ? 805  ASN A CG  1 
ATOM   50   O OD1 . ASN A 1 7   ? -4.401  17.312  5.910   1.00 48.13 ? 805  ASN A OD1 1 
ATOM   51   N ND2 . ASN A 1 7   ? -2.374  16.379  5.713   1.00 34.36 ? 805  ASN A ND2 1 
ATOM   52   N N   . GLU A 1 8   ? -4.465  12.396  2.900   1.00 20.75 ? 806  GLU A N   1 
ATOM   53   C CA  . GLU A 1 8   ? -4.979  11.060  2.677   1.00 20.82 ? 806  GLU A CA  1 
ATOM   54   C C   . GLU A 1 8   ? -4.081  10.386  1.652   1.00 17.71 ? 806  GLU A C   1 
ATOM   55   O O   . GLU A 1 8   ? -3.485  11.019  0.792   1.00 18.16 ? 806  GLU A O   1 
ATOM   56   C CB  . GLU A 1 8   ? -6.459  11.181  2.318   1.00 25.32 ? 806  GLU A CB  1 
ATOM   57   C CG  . GLU A 1 8   ? -6.926  10.547  1.068   1.00 28.12 ? 806  GLU A CG  1 
ATOM   58   C CD  . GLU A 1 8   ? -8.401  10.813  0.815   1.00 25.13 ? 806  GLU A CD  1 
ATOM   59   O OE1 . GLU A 1 8   ? -8.665  11.602  -0.093  1.00 27.55 ? 806  GLU A OE1 1 
ATOM   60   O OE2 . GLU A 1 8   ? -9.227  10.164  1.456   1.00 27.51 ? 806  GLU A OE2 1 
ATOM   61   N N   . GLY A 1 9   ? -4.041  9.043   1.746   1.00 15.82 ? 807  GLY A N   1 
ATOM   62   C CA  . GLY A 1 9   ? -3.362  8.259   0.730   1.00 16.36 ? 807  GLY A CA  1 
ATOM   63   C C   . GLY A 1 9   ? -4.297  7.185   0.184   1.00 13.82 ? 807  GLY A C   1 
ATOM   64   O O   . GLY A 1 9   ? -5.013  6.553   0.957   1.00 16.43 ? 807  GLY A O   1 
ATOM   65   N N   . CYS A 1 10  ? -4.249  6.981   -1.137  1.00 15.51 ? 808  CYS A N   1 
ATOM   66   C CA  . CYS A 1 10  ? -5.153  6.055   -1.800  1.00 15.99 ? 808  CYS A CA  1 
ATOM   67   C C   . CYS A 1 10  ? -4.380  5.086   -2.685  1.00 15.42 ? 808  CYS A C   1 
ATOM   68   O O   . CYS A 1 10  ? -3.350  5.440   -3.276  1.00 16.10 ? 808  CYS A O   1 
ATOM   69   C CB  . CYS A 1 10  ? -6.161  6.789   -2.687  1.00 16.77 ? 808  CYS A CB  1 
ATOM   70   S SG  . CYS A 1 10  ? -7.137  8.035   -1.799  1.00 21.40 ? 808  CYS A SG  1 
ATOM   71   N N   . ILE A 1 11  ? -4.961  3.893   -2.827  1.00 15.15 ? 809  ILE A N   1 
ATOM   72   C CA  . ILE A 1 11  ? -4.645  3.009   -3.943  1.00 15.36 ? 809  ILE A CA  1 
ATOM   73   C C   . ILE A 1 11  ? -5.919  2.833   -4.748  1.00 15.36 ? 809  ILE A C   1 
ATOM   74   O O   . ILE A 1 11  ? -7.023  2.885   -4.206  1.00 15.76 ? 809  ILE A O   1 
ATOM   75   C CB  . ILE A 1 11  ? -4.042  1.673   -3.478  1.00 14.58 ? 809  ILE A CB  1 
ATOM   76   C CG1 . ILE A 1 11  ? -4.932  0.965   -2.448  1.00 15.87 ? 809  ILE A CG1 1 
ATOM   77   C CG2 . ILE A 1 11  ? -2.623  1.937   -2.968  1.00 15.37 ? 809  ILE A CG2 1 
ATOM   78   C CD1 . ILE A 1 11  ? -4.419  -0.363  -1.925  1.00 18.11 ? 809  ILE A CD1 1 
ATOM   79   N N   . VAL A 1 12  ? -5.755  2.637   -6.053  1.00 14.58 ? 810  VAL A N   1 
ATOM   80   C CA  . VAL A 1 12  ? -6.884  2.602   -6.972  1.00 15.11 ? 810  VAL A CA  1 
ATOM   81   C C   . VAL A 1 12  ? -6.768  1.344   -7.818  1.00 14.90 ? 810  VAL A C   1 
ATOM   82   O O   . VAL A 1 12  ? -5.735  1.123   -8.460  1.00 14.69 ? 810  VAL A O   1 
ATOM   83   C CB  . VAL A 1 12  ? -6.864  3.840   -7.851  1.00 16.59 ? 810  VAL A CB  1 
ATOM   84   C CG1 . VAL A 1 12  ? -8.043  3.814   -8.811  1.00 18.24 ? 810  VAL A CG1 1 
ATOM   85   C CG2 . VAL A 1 12  ? -6.808  5.139   -7.055  1.00 19.22 ? 810  VAL A CG2 1 
ATOM   86   N N   . SER A 1 13  ? -7.790  0.498   -7.810  1.00 14.42 ? 811  SER A N   1 
ATOM   87   C CA  . SER A 1 13  ? -7.805  -0.687  -8.645  1.00 14.69 ? 811  SER A CA  1 
ATOM   88   C C   . SER A 1 13  ? -7.628  -0.366  -10.127 1.00 15.44 ? 811  SER A C   1 
ATOM   89   O O   . SER A 1 13  ? -8.423  0.433   -10.669 1.00 17.25 ? 811  SER A O   1 
ATOM   90   C CB  . SER A 1 13  ? -9.085  -1.407  -8.462  1.00 16.10 ? 811  SER A CB  1 
ATOM   91   O OG  . SER A 1 13  ? -9.246  -2.482  -9.407  1.00 16.35 ? 811  SER A OG  1 
ATOM   92   N N   . VAL A 1 14  ? -6.658  -0.975  -10.781 1.00 15.27 ? 812  VAL A N   1 
ATOM   93   C CA  A VAL A 1 14  ? -6.514  -0.801  -12.217 0.50 17.21 ? 812  VAL A CA  1 
ATOM   94   C CA  B VAL A 1 14  ? -6.488  -0.874  -12.212 0.50 14.55 ? 812  VAL A CA  1 
ATOM   95   C C   . VAL A 1 14  ? -7.726  -1.392  -12.934 1.00 16.50 ? 812  VAL A C   1 
ATOM   96   O O   . VAL A 1 14  ? -8.131  -0.822  -13.958 1.00 20.95 ? 812  VAL A O   1 
ATOM   97   C CB  A VAL A 1 14  ? -5.215  -1.392  -12.798 0.50 20.38 ? 812  VAL A CB  1 
ATOM   98   C CB  B VAL A 1 14  ? -5.238  -1.669  -12.608 0.50 13.66 ? 812  VAL A CB  1 
ATOM   99   C CG1 A VAL A 1 14  ? -5.169  -2.903  -12.695 0.50 20.77 ? 812  VAL A CG1 1 
ATOM   100  C CG1 B VAL A 1 14  ? -5.237  -1.974  -14.089 0.50 13.80 ? 812  VAL A CG1 1 
ATOM   101  C CG2 A VAL A 1 14  ? -5.011  -0.968  -14.246 0.50 23.78 ? 812  VAL A CG2 1 
ATOM   102  C CG2 B VAL A 1 14  ? -3.987  -0.915  -12.143 0.50 12.21 ? 812  VAL A CG2 1 
ATOM   103  N N   . ASN A 1 15  ? -8.303  -2.449  -12.422 1.00 14.81 ? 813  ASN A N   1 
ATOM   104  C CA  . ASN A 1 15  ? -9.399  -3.133  -13.136 1.00 15.88 ? 813  ASN A CA  1 
ATOM   105  C C   . ASN A 1 15  ? -10.703 -2.340  -13.053 1.00 17.07 ? 813  ASN A C   1 
ATOM   106  O O   . ASN A 1 15  ? -11.465 -2.328  -14.032 1.00 17.27 ? 813  ASN A O   1 
ATOM   107  C CB  . ASN A 1 15  ? -9.547  -4.576  -12.712 1.00 16.55 ? 813  ASN A CB  1 
ATOM   108  C CG  . ASN A 1 15  ? -8.417  -5.486  -13.178 1.00 15.87 ? 813  ASN A CG  1 
ATOM   109  O OD1 . ASN A 1 15  ? -7.574  -4.975  -13.849 1.00 16.30 ? 813  ASN A OD1 1 
ATOM   110  N ND2 . ASN A 1 15  ? -8.443  -6.776  -12.931 1.00 16.25 ? 813  ASN A ND2 1 
ATOM   111  N N   . SER A 1 16  ? -11.008 -1.683  -11.924 1.00 16.64 ? 814  SER A N   1 
ATOM   112  C CA  . SER A 1 16  ? -12.325 -1.104  -11.671 1.00 16.79 ? 814  SER A CA  1 
ATOM   113  C C   . SER A 1 16  ? -12.281 0.392   -11.478 1.00 20.18 ? 814  SER A C   1 
ATOM   114  O O   . SER A 1 16  ? -13.337 1.042   -11.545 1.00 21.86 ? 814  SER A O   1 
ATOM   115  C CB  . SER A 1 16  ? -12.936 -1.785  -10.495 1.00 20.13 ? 814  SER A CB  1 
ATOM   116  O OG  . SER A 1 16  ? -12.324 -1.338  -9.274  1.00 19.37 ? 814  SER A OG  1 
ATOM   117  N N   . GLY A 1 17  ? -11.139 0.961   -11.131 1.00 17.61 ? 815  GLY A N   1 
ATOM   118  C CA  . GLY A 1 17  ? -11.066 2.343   -10.709 1.00 20.04 ? 815  GLY A CA  1 
ATOM   119  C C   . GLY A 1 17  ? -11.569 2.595   -9.308  1.00 18.70 ? 815  GLY A C   1 
ATOM   120  O O   . GLY A 1 17  ? -11.573 3.758   -8.884  1.00 24.89 ? 815  GLY A O   1 
ATOM   121  N N   . LYS A 1 18  ? -11.918 1.564   -8.558  1.00 17.11 ? 816  LYS A N   1 
ATOM   122  C CA  . LYS A 1 18  ? -12.384 1.790   -7.197  1.00 20.56 ? 816  LYS A CA  1 
ATOM   123  C C   . LYS A 1 18  ? -11.180 2.121   -6.314  1.00 19.50 ? 816  LYS A C   1 
ATOM   124  O O   . LYS A 1 18  ? -10.108 1.480   -6.402  1.00 20.18 ? 816  LYS A O   1 
ATOM   125  C CB  . LYS A 1 18  ? -13.026 0.561   -6.596  1.00 23.83 ? 816  LYS A CB  1 
ATOM   126  C CG  . LYS A 1 18  ? -13.674 0.753   -5.213  1.00 36.71 ? 816  LYS A CG  1 
ATOM   127  C CD  . LYS A 1 18  ? -14.785 1.849   -5.120  1.00 41.67 ? 816  LYS A CD  1 
ATOM   128  C CE  . LYS A 1 18  ? -14.426 3.160   -4.423  1.00 37.32 ? 816  LYS A CE  1 
ATOM   129  N NZ  . LYS A 1 18  ? -14.112 4.286   -5.352  1.00 28.07 ? 816  LYS A NZ  1 
ATOM   130  N N   . ARG A 1 19  ? -11.386 3.104   -5.440  1.00 21.16 ? 817  ARG A N   1 
ATOM   131  C CA  . ARG A 1 19  ? -10.354 3.643   -4.560  1.00 20.99 ? 817  ARG A CA  1 
ATOM   132  C C   . ARG A 1 19  ? -10.463 3.076   -3.144  1.00 21.21 ? 817  ARG A C   1 
ATOM   133  O O   . ARG A 1 19  ? -11.549 2.880   -2.593  1.00 26.01 ? 817  ARG A O   1 
ATOM   134  C CB  . ARG A 1 19  ? -10.421 5.173   -4.430  1.00 26.49 ? 817  ARG A CB  1 
ATOM   135  C CG  . ARG A 1 19  ? -10.476 6.024   -5.687  1.00 29.71 ? 817  ARG A CG  1 
ATOM   136  C CD  . ARG A 1 19  ? -10.454 7.533   -5.322  1.00 34.26 ? 817  ARG A CD  1 
ATOM   137  N NE  . ARG A 1 19  ? -11.415 7.844   -4.262  1.00 40.56 ? 817  ARG A NE  1 
ATOM   138  C CZ  . ARG A 1 19  ? -11.284 8.748   -3.275  1.00 40.54 ? 817  ARG A CZ  1 
ATOM   139  N NH1 . ARG A 1 19  ? -10.328 9.664   -3.268  1.00 41.58 ? 817  ARG A NH1 1 
ATOM   140  N NH2 . ARG A 1 19  ? -12.177 8.760   -2.303  1.00 45.47 ? 817  ARG A NH2 1 
ATOM   141  N N   . TYR A 1 20  ? -9.303  2.753   -2.545  1.00 16.74 ? 818  TYR A N   1 
ATOM   142  C CA  . TYR A 1 20  ? -9.120  2.420   -1.125  1.00 16.29 ? 818  TYR A CA  1 
ATOM   143  C C   . TYR A 1 20  ? -8.215  3.484   -0.521  1.00 16.93 ? 818  TYR A C   1 
ATOM   144  O O   . TYR A 1 20  ? -7.052  3.631   -0.914  1.00 16.03 ? 818  TYR A O   1 
ATOM   145  C CB  . TYR A 1 20  ? -8.517  1.044   -0.919  1.00 16.24 ? 818  TYR A CB  1 
ATOM   146  C CG  . TYR A 1 20  ? -8.153  0.735   0.520   1.00 16.02 ? 818  TYR A CG  1 
ATOM   147  C CD1 . TYR A 1 20  ? -6.914  1.089   1.047   1.00 16.38 ? 818  TYR A CD1 1 
ATOM   148  C CD2 . TYR A 1 20  ? -9.051  0.160   1.390   1.00 17.17 ? 818  TYR A CD2 1 
ATOM   149  C CE1 . TYR A 1 20  ? -6.586  0.846   2.361   1.00 15.93 ? 818  TYR A CE1 1 
ATOM   150  C CE2 . TYR A 1 20  ? -8.736  -0.086  2.723   1.00 16.23 ? 818  TYR A CE2 1 
ATOM   151  C CZ  . TYR A 1 20  ? -7.493  0.259   3.230   1.00 16.51 ? 818  TYR A CZ  1 
ATOM   152  O OH  . TYR A 1 20  ? -7.149  -0.001  4.521   1.00 17.05 ? 818  TYR A OH  1 
ATOM   153  N N   . CYS A 1 21  ? -8.778  4.293   0.401   1.00 17.08 ? 819  CYS A N   1 
ATOM   154  C CA  . CYS A 1 21  ? -8.075  5.428   0.983   1.00 17.32 ? 819  CYS A CA  1 
ATOM   155  C C   . CYS A 1 21  ? -8.036  5.323   2.500   1.00 17.55 ? 819  CYS A C   1 
ATOM   156  O O   . CYS A 1 21  ? -8.962  4.778   3.143   1.00 17.91 ? 819  CYS A O   1 
ATOM   157  C CB  . CYS A 1 21  ? -8.749  6.745   0.597   1.00 19.74 ? 819  CYS A CB  1 
ATOM   158  S SG  . CYS A 1 21  ? -8.971  6.997   -1.179  1.00 22.44 ? 819  CYS A SG  1 
ATOM   159  N N   . LEU A 1 22  ? -6.934  5.854   3.051   1.00 16.04 ? 820  LEU A N   1 
ATOM   160  C CA  . LEU A 1 22  ? -6.766  6.025   4.489   1.00 16.67 ? 820  LEU A CA  1 
ATOM   161  C C   . LEU A 1 22  ? -6.257  7.429   4.755   1.00 17.03 ? 820  LEU A C   1 
ATOM   162  O O   . LEU A 1 22  ? -5.373  7.935   4.054   1.00 16.78 ? 820  LEU A O   1 
ATOM   163  C CB  . LEU A 1 22  ? -5.719  5.054   5.040   1.00 15.74 ? 820  LEU A CB  1 
ATOM   164  C CG  . LEU A 1 22  ? -6.120  3.592   5.058   1.00 16.36 ? 820  LEU A CG  1 
ATOM   165  C CD1 . LEU A 1 22  ? -4.885  2.733   5.280   1.00 17.81 ? 820  LEU A CD1 1 
ATOM   166  C CD2 . LEU A 1 22  ? -7.184  3.348   6.140   1.00 18.41 ? 820  LEU A CD2 1 
ATOM   167  N N   . PRO A 1 23  ? -6.779  8.066   5.844   1.00 17.98 ? 821  PRO A N   1 
ATOM   168  C CA  . PRO A 1 23  ? -6.134  9.277   6.325   1.00 18.23 ? 821  PRO A CA  1 
ATOM   169  C C   . PRO A 1 23  ? -4.715  9.007   6.831   1.00 17.90 ? 821  PRO A C   1 
ATOM   170  O O   . PRO A 1 23  ? -4.443  7.918   7.337   1.00 17.86 ? 821  PRO A O   1 
ATOM   171  C CB  . PRO A 1 23  ? -7.075  9.694   7.467   1.00 19.13 ? 821  PRO A CB  1 
ATOM   172  C CG  . PRO A 1 23  ? -8.397  9.047   7.170   1.00 21.82 ? 821  PRO A CG  1 
ATOM   173  C CD  . PRO A 1 23  ? -8.009  7.703   6.565   1.00 19.84 ? 821  PRO A CD  1 
ATOM   174  N N   . VAL A 1 24  ? -3.912  10.041  6.761   1.00 18.39 ? 822  VAL A N   1 
ATOM   175  C CA  . VAL A 1 24  ? -2.648  10.028  7.465   1.00 18.58 ? 822  VAL A CA  1 
ATOM   176  C C   . VAL A 1 24  ? -2.876  9.559   8.896   1.00 19.92 ? 822  VAL A C   1 
ATOM   177  O O   . VAL A 1 24  ? -3.800  10.011  9.599   1.00 20.30 ? 822  VAL A O   1 
ATOM   178  C CB  . VAL A 1 24  ? -1.982  11.398  7.443   1.00 19.69 ? 822  VAL A CB  1 
ATOM   179  C CG1 . VAL A 1 24  ? -0.894  11.498  8.492   1.00 21.60 ? 822  VAL A CG1 1 
ATOM   180  C CG2 . VAL A 1 24  ? -1.422  11.736  6.080   1.00 20.54 ? 822  VAL A CG2 1 
ATOM   181  N N   . GLY A 1 25  ? -1.983  8.688   9.379   1.00 18.96 ? 823  GLY A N   1 
ATOM   182  C CA  . GLY A 1 25  ? -2.080  8.190   10.732  1.00 18.90 ? 823  GLY A CA  1 
ATOM   183  C C   . GLY A 1 25  ? -2.843  6.899   10.941  1.00 18.01 ? 823  GLY A C   1 
ATOM   184  O O   . GLY A 1 25  ? -2.952  6.371   12.046  1.00 20.92 ? 823  GLY A O   1 
ATOM   185  N N   . GLN A 1 26  ? -3.376  6.307   9.840   1.00 17.24 ? 824  GLN A N   1 
ATOM   186  C CA  . GLN A 1 26  ? -4.100  5.064   9.916   1.00 15.89 ? 824  GLN A CA  1 
ATOM   187  C C   . GLN A 1 26  ? -3.462  3.985   9.028   1.00 14.84 ? 824  GLN A C   1 
ATOM   188  O O   . GLN A 1 26  ? -2.750  4.296   8.086   1.00 16.06 ? 824  GLN A O   1 
ATOM   189  C CB  . GLN A 1 26  ? -5.551  5.254   9.484   1.00 18.17 ? 824  GLN A CB  1 
ATOM   190  C CG  . GLN A 1 26  ? -6.298  6.205   10.417  1.00 21.79 ? 824  GLN A CG  1 
ATOM   191  C CD  . GLN A 1 26  ? -7.743  6.396   10.040  1.00 25.58 ? 824  GLN A CD  1 
ATOM   192  O OE1 . GLN A 1 26  ? -8.433  5.489   9.585   1.00 27.82 ? 824  GLN A OE1 1 
ATOM   193  N NE2 . GLN A 1 26  ? -8.251  7.547   10.434  1.00 26.92 ? 824  GLN A NE2 1 
ATOM   194  N N   . ARG A 1 27  ? -3.757  2.758   9.411   1.00 15.04 ? 825  ARG A N   1 
ATOM   195  C CA  . ARG A 1 27  ? -3.363  1.573   8.656   1.00 15.17 ? 825  ARG A CA  1 
ATOM   196  C C   . ARG A 1 27  ? -4.546  0.694   8.364   1.00 16.11 ? 825  ARG A C   1 
ATOM   197  O O   . ARG A 1 27  ? -5.629  0.837   8.960   1.00 16.57 ? 825  ARG A O   1 
ATOM   198  C CB  . ARG A 1 27  ? -2.266  0.785   9.360   1.00 15.43 ? 825  ARG A CB  1 
ATOM   199  C CG  . ARG A 1 27  ? -2.632  0.279   10.757  1.00 14.84 ? 825  ARG A CG  1 
ATOM   200  C CD  . ARG A 1 27  ? -1.923  -0.996  11.154  1.00 16.75 ? 825  ARG A CD  1 
ATOM   201  N NE  . ARG A 1 27  ? -2.393  -2.089  10.331  1.00 15.72 ? 825  ARG A NE  1 
ATOM   202  C CZ  . ARG A 1 27  ? -1.910  -3.319  10.352  1.00 15.13 ? 825  ARG A CZ  1 
ATOM   203  N NH1 . ARG A 1 27  ? -0.906  -3.667  11.134  1.00 15.12 ? 825  ARG A NH1 1 
ATOM   204  N NH2 . ARG A 1 27  ? -2.395  -4.250  9.558   1.00 15.78 ? 825  ARG A NH2 1 
ATOM   205  N N   . SER A 1 28  ? -4.393  -0.212  7.431   1.00 15.16 ? 826  SER A N   1 
ATOM   206  C CA  . SER A 1 28  ? -5.413  -1.165  7.064   1.00 14.67 ? 826  SER A CA  1 
ATOM   207  C C   . SER A 1 28  ? -5.642  -2.177  8.170   1.00 15.18 ? 826  SER A C   1 
ATOM   208  O O   . SER A 1 28  ? -4.883  -2.283  9.145   1.00 15.41 ? 826  SER A O   1 
ATOM   209  C CB  . SER A 1 28  ? -5.060  -1.878  5.783   1.00 16.53 ? 826  SER A CB  1 
ATOM   210  O OG  . SER A 1 28  ? -3.886  -2.711  5.936   1.00 14.45 ? 826  SER A OG  1 
ATOM   211  N N   . GLY A 1 29  ? -6.660  -3.026  7.975   1.00 15.24 ? 827  GLY A N   1 
ATOM   212  C CA  . GLY A 1 29  ? -6.761  -4.242  8.732   1.00 15.11 ? 827  GLY A CA  1 
ATOM   213  C C   . GLY A 1 29  ? -5.612  -5.181  8.421   1.00 16.52 ? 827  GLY A C   1 
ATOM   214  O O   . GLY A 1 29  ? -4.698  -4.862  7.610   1.00 15.09 ? 827  GLY A O   1 
ATOM   215  N N   . TYR A 1 30  ? -5.607  -6.354  9.016   1.00 16.59 ? 828  TYR A N   1 
ATOM   216  C CA  . TYR A 1 30  ? -4.626  -7.383  8.777   1.00 16.71 ? 828  TYR A CA  1 
ATOM   217  C C   . TYR A 1 30  ? -4.439  -7.587  7.281   1.00 16.26 ? 828  TYR A C   1 
ATOM   218  O O   . TYR A 1 30  ? -3.322  -7.737  6.790   1.00 16.06 ? 828  TYR A O   1 
ATOM   219  C CB  . TYR A 1 30  ? -5.027  -8.683  9.476   1.00 17.43 ? 828  TYR A CB  1 
ATOM   220  C CG  . TYR A 1 30  ? -4.118  -9.858  9.299   1.00 17.27 ? 828  TYR A CG  1 
ATOM   221  C CD1 . TYR A 1 30  ? -3.154  -10.154 10.267  1.00 17.13 ? 828  TYR A CD1 1 
ATOM   222  C CD2 . TYR A 1 30  ? -4.305  -10.732 8.241   1.00 16.61 ? 828  TYR A CD2 1 
ATOM   223  C CE1 . TYR A 1 30  ? -2.344  -11.255 10.123  1.00 18.44 ? 828  TYR A CE1 1 
ATOM   224  C CE2 . TYR A 1 30  ? -3.536  -11.866 8.112   1.00 18.89 ? 828  TYR A CE2 1 
ATOM   225  C CZ  . TYR A 1 30  ? -2.553  -12.124 9.055   1.00 18.70 ? 828  TYR A CZ  1 
ATOM   226  O OH  . TYR A 1 30  ? -1.750  -13.235 8.956   1.00 21.46 ? 828  TYR A OH  1 
ATOM   227  N N   . SER A 1 31  ? -5.552  -7.671  6.570   1.00 16.06 ? 829  SER A N   1 
ATOM   228  C CA  . SER A 1 31  ? -5.545  -7.616  5.114   1.00 16.66 ? 829  SER A CA  1 
ATOM   229  C C   . SER A 1 31  ? -6.431  -6.471  4.661   1.00 16.52 ? 829  SER A C   1 
ATOM   230  O O   . SER A 1 31  ? -7.376  -6.058  5.371   1.00 17.76 ? 829  SER A O   1 
ATOM   231  C CB  . SER A 1 31  ? -6.073  -8.893  4.499   1.00 19.62 ? 829  SER A CB  1 
ATOM   232  O OG  . SER A 1 31  ? -5.395  -10.080 4.877   1.00 21.61 ? 829  SER A OG  1 
ATOM   233  N N   . LEU A 1 32  ? -6.179  -5.955  3.457   1.00 16.76 ? 830  LEU A N   1 
ATOM   234  C CA  . LEU A 1 32  ? -7.083  -5.013  2.797   1.00 16.07 ? 830  LEU A CA  1 
ATOM   235  C C   . LEU A 1 32  ? -8.465  -5.672  2.623   1.00 16.74 ? 830  LEU A C   1 
ATOM   236  O O   . LEU A 1 32  ? -8.546  -6.898  2.608   1.00 18.35 ? 830  LEU A O   1 
ATOM   237  C CB  . LEU A 1 32  ? -6.507  -4.629  1.432   1.00 15.34 ? 830  LEU A CB  1 
ATOM   238  C CG  . LEU A 1 32  ? -5.263  -3.733  1.451   1.00 14.99 ? 830  LEU A CG  1 
ATOM   239  C CD1 . LEU A 1 32  ? -4.648  -3.660  0.083   1.00 16.58 ? 830  LEU A CD1 1 
ATOM   240  C CD2 . LEU A 1 32  ? -5.593  -2.343  1.920   1.00 17.11 ? 830  LEU A CD2 1 
ATOM   241  N N   . PRO A 1 33  ? -9.507  -4.826  2.444   1.00 16.52 ? 831  PRO A N   1 
ATOM   242  C CA  . PRO A 1 33  ? -10.848 -5.380  2.228   1.00 18.80 ? 831  PRO A CA  1 
ATOM   243  C C   . PRO A 1 33  ? -10.877 -6.342  1.063   1.00 19.72 ? 831  PRO A C   1 
ATOM   244  O O   . PRO A 1 33  ? -10.156 -6.196  0.060   1.00 18.37 ? 831  PRO A O   1 
ATOM   245  C CB  . PRO A 1 33  ? -11.679 -4.131  2.000   1.00 19.34 ? 831  PRO A CB  1 
ATOM   246  C CG  . PRO A 1 33  ? -10.958 -3.019  2.743   1.00 19.94 ? 831  PRO A CG  1 
ATOM   247  C CD  . PRO A 1 33  ? -9.510  -3.373  2.478   1.00 17.50 ? 831  PRO A CD  1 
ATOM   248  N N   . ASP A 1 34  ? -11.805 -7.312  1.138   1.00 21.95 ? 832  ASP A N   1 
ATOM   249  C CA  . ASP A 1 34  ? -11.970 -8.299  0.093   1.00 23.33 ? 832  ASP A CA  1 
ATOM   250  C C   . ASP A 1 34  ? -12.194 -7.638  -1.283  1.00 20.47 ? 832  ASP A C   1 
ATOM   251  O O   . ASP A 1 34  ? -11.819 -8.226  -2.260  1.00 23.37 ? 832  ASP A O   1 
ATOM   252  C CB  . ASP A 1 34  ? -13.142 -9.264  0.396   1.00 24.50 ? 832  ASP A CB  1 
ATOM   253  C CG  . ASP A 1 34  ? -12.927 -10.271 1.515   1.00 34.12 ? 832  ASP A CG  1 
ATOM   254  O OD1 . ASP A 1 34  ? -11.817 -10.370 2.036   1.00 36.39 ? 832  ASP A OD1 1 
ATOM   255  O OD2 . ASP A 1 34  ? -13.926 -10.935 1.896   1.00 36.66 ? 832  ASP A OD2 1 
ATOM   256  N N   . TRP A 1 35  ? -12.832 -6.476  -1.368  1.00 19.95 ? 833  TRP A N   1 
ATOM   257  C CA  . TRP A 1 35  ? -13.177 -5.903  -2.664  1.00 22.15 ? 833  TRP A CA  1 
ATOM   258  C C   . TRP A 1 35  ? -11.969 -5.364  -3.411  1.00 22.85 ? 833  TRP A C   1 
ATOM   259  O O   . TRP A 1 35  ? -12.101 -5.056  -4.600  1.00 26.23 ? 833  TRP A O   1 
ATOM   260  C CB  . TRP A 1 35  ? -14.279 -4.847  -2.523  1.00 23.59 ? 833  TRP A CB  1 
ATOM   261  C CG  . TRP A 1 35  ? -14.071 -3.832  -1.433  1.00 28.04 ? 833  TRP A CG  1 
ATOM   262  C CD1 . TRP A 1 35  ? -14.631 -3.858  -0.184  1.00 33.40 ? 833  TRP A CD1 1 
ATOM   263  C CD2 . TRP A 1 35  ? -13.408 -2.573  -1.552  1.00 30.56 ? 833  TRP A CD2 1 
ATOM   264  N NE1 . TRP A 1 35  ? -14.312 -2.716  0.497   1.00 35.60 ? 833  TRP A NE1 1 
ATOM   265  C CE2 . TRP A 1 35  ? -13.559 -1.909  -0.314  1.00 30.24 ? 833  TRP A CE2 1 
ATOM   266  C CE3 . TRP A 1 35  ? -12.696 -1.952  -2.579  1.00 30.35 ? 833  TRP A CE3 1 
ATOM   267  C CZ2 . TRP A 1 35  ? -12.994 -0.662  -0.075  1.00 39.49 ? 833  TRP A CZ2 1 
ATOM   268  C CZ3 . TRP A 1 35  ? -12.154 -0.700  -2.351  1.00 32.91 ? 833  TRP A CZ3 1 
ATOM   269  C CH2 . TRP A 1 35  ? -12.316 -0.065  -1.118  1.00 36.30 ? 833  TRP A CH2 1 
ATOM   270  N N   . ILE A 1 36  ? -10.815 -5.221  -2.740  1.00 20.07 ? 834  ILE A N   1 
ATOM   271  C CA  . ILE A 1 36  ? -9.595  -4.786  -3.390  1.00 22.06 ? 834  ILE A CA  1 
ATOM   272  C C   . ILE A 1 36  ? -8.410  -5.728  -3.159  1.00 22.94 ? 834  ILE A C   1 
ATOM   273  O O   . ILE A 1 36  ? -7.506  -5.723  -4.009  1.00 26.87 ? 834  ILE A O   1 
ATOM   274  C CB  . ILE A 1 36  ? -9.229  -3.339  -3.022  1.00 19.55 ? 834  ILE A CB  1 
ATOM   275  C CG1 . ILE A 1 36  ? -8.252  -2.763  -4.071  1.00 20.77 ? 834  ILE A CG1 1 
ATOM   276  C CG2 . ILE A 1 36  ? -8.690  -3.251  -1.589  1.00 19.91 ? 834  ILE A CG2 1 
ATOM   277  C CD1 . ILE A 1 36  ? -8.017  -1.305  -4.003  1.00 24.26 ? 834  ILE A CD1 1 
ATOM   278  N N   . VAL A 1 37  ? -8.305  -6.503  -2.063  1.00 20.89 ? 835  VAL A N   1 
ATOM   279  C CA  . VAL A 1 37  ? -7.026  -7.135  -1.720  1.00 23.50 ? 835  VAL A CA  1 
ATOM   280  C C   . VAL A 1 37  ? -6.441  -7.860  -2.897  1.00 28.25 ? 835  VAL A C   1 
ATOM   281  O O   . VAL A 1 37  ? -7.180  -8.618  -3.490  1.00 24.22 ? 835  VAL A O   1 
ATOM   282  C CB  . VAL A 1 37  ? -6.987  -8.320  -0.760  1.00 27.27 ? 835  VAL A CB  1 
ATOM   283  C CG1 . VAL A 1 37  ? -5.937  -8.247  0.320   1.00 21.96 ? 835  VAL A CG1 1 
ATOM   284  C CG2 . VAL A 1 37  ? -8.295  -9.031  -0.495  1.00 23.59 ? 835  VAL A CG2 1 
ATOM   285  N N   . GLY A 1 38  ? -5.108  -7.744  -3.026  1.00 25.77 ? 836  GLY A N   1 
ATOM   286  C CA  . GLY A 1 38  ? -4.312  -8.452  -4.019  1.00 28.37 ? 836  GLY A CA  1 
ATOM   287  C C   . GLY A 1 38  ? -4.692  -8.132  -5.473  1.00 23.06 ? 836  GLY A C   1 
ATOM   288  O O   . GLY A 1 38  ? -4.256  -8.866  -6.379  1.00 27.92 ? 836  GLY A O   1 
ATOM   289  N N   . GLN A 1 39  ? -5.545  -7.117  -5.733  1.00 23.12 ? 837  GLN A N   1 
ATOM   290  C CA  . GLN A 1 39  ? -5.782  -6.624  -7.088  1.00 19.92 ? 837  GLN A CA  1 
ATOM   291  C C   . GLN A 1 39  ? -4.610  -5.692  -7.419  1.00 16.57 ? 837  GLN A C   1 
ATOM   292  O O   . GLN A 1 39  ? -3.971  -5.100  -6.539  1.00 16.66 ? 837  GLN A O   1 
ATOM   293  C CB  . GLN A 1 39  ? -7.063  -5.800  -7.281  1.00 22.34 ? 837  GLN A CB  1 
ATOM   294  C CG  . GLN A 1 39  ? -8.362  -6.612  -7.363  1.00 30.07 ? 837  GLN A CG  1 
ATOM   295  C CD  . GLN A 1 39  ? -9.444  -5.882  -8.123  1.00 43.66 ? 837  GLN A CD  1 
ATOM   296  O OE1 . GLN A 1 39  ? -9.840  -6.263  -9.232  1.00 58.36 ? 837  GLN A OE1 1 
ATOM   297  N NE2 . GLN A 1 39  ? -9.913  -4.804  -7.526  1.00 40.81 ? 837  GLN A NE2 1 
ATOM   298  N N   . GLU A 1 40  ? -4.311  -5.547  -8.696  1.00 15.66 ? 838  GLU A N   1 
ATOM   299  C CA  . GLU A 1 40  ? -3.325  -4.596  -9.142  1.00 13.89 ? 838  GLU A CA  1 
ATOM   300  C C   . GLU A 1 40  ? -3.839  -3.184  -8.980  1.00 13.92 ? 838  GLU A C   1 
ATOM   301  O O   . GLU A 1 40  ? -5.002  -2.872  -9.274  1.00 13.90 ? 838  GLU A O   1 
ATOM   302  C CB  . GLU A 1 40  ? -2.934  -4.867  -10.595 1.00 15.41 ? 838  GLU A CB  1 
ATOM   303  C CG  . GLU A 1 40  ? -1.720  -4.098  -11.054 1.00 18.36 ? 838  GLU A CG  1 
ATOM   304  C CD  . GLU A 1 40  ? -1.349  -4.287  -12.519 1.00 23.39 ? 838  GLU A CD  1 
ATOM   305  O OE1 . GLU A 1 40  ? -0.197  -4.693  -12.767 1.00 27.76 ? 838  GLU A OE1 1 
ATOM   306  O OE2 . GLU A 1 40  ? -2.175  -3.894  -13.385 1.00 29.91 ? 838  GLU A OE2 1 
ATOM   307  N N   . VAL A 1 41  ? -2.979  -2.298  -8.495  1.00 14.00 ? 839  VAL A N   1 
ATOM   308  C CA  . VAL A 1 41  ? -3.360  -0.932  -8.152  1.00 13.92 ? 839  VAL A CA  1 
ATOM   309  C C   . VAL A 1 41  ? -2.392  0.100   -8.703  1.00 14.43 ? 839  VAL A C   1 
ATOM   310  O O   . VAL A 1 41  ? -1.213  -0.213  -8.986  1.00 15.52 ? 839  VAL A O   1 
ATOM   311  C CB  . VAL A 1 41  ? -3.501  -0.718  -6.629  1.00 13.73 ? 839  VAL A CB  1 
ATOM   312  C CG1 . VAL A 1 41  ? -4.498  -1.678  -6.031  1.00 15.16 ? 839  VAL A CG1 1 
ATOM   313  C CG2 . VAL A 1 41  ? -2.145  -0.803  -5.906  1.00 14.20 ? 839  VAL A CG2 1 
ATOM   314  N N   . TYR A 1 42  ? -2.839  1.336   -8.774  1.00 14.37 ? 840  TYR A N   1 
ATOM   315  C CA  . TYR A 1 42  ? -1.949  2.489   -8.790  1.00 16.58 ? 840  TYR A CA  1 
ATOM   316  C C   . TYR A 1 42  ? -2.041  3.231   -7.468  1.00 15.65 ? 840  TYR A C   1 
ATOM   317  O O   . TYR A 1 42  ? -3.027  3.070   -6.753  1.00 15.22 ? 840  TYR A O   1 
ATOM   318  C CB  . TYR A 1 42  ? -2.175  3.383   -10.002 1.00 21.77 ? 840  TYR A CB  1 
ATOM   319  C CG  . TYR A 1 42  ? -3.456  4.159   -10.096 1.00 22.35 ? 840  TYR A CG  1 
ATOM   320  C CD1 . TYR A 1 42  ? -3.589  5.388   -9.473  1.00 24.52 ? 840  TYR A CD1 1 
ATOM   321  C CD2 . TYR A 1 42  ? -4.503  3.721   -10.901 1.00 23.77 ? 840  TYR A CD2 1 
ATOM   322  C CE1 . TYR A 1 42  ? -4.721  6.180   -9.647  1.00 27.47 ? 840  TYR A CE1 1 
ATOM   323  C CE2 . TYR A 1 42  ? -5.661  4.472   -11.044 1.00 25.48 ? 840  TYR A CE2 1 
ATOM   324  C CZ  . TYR A 1 42  ? -5.754  5.719   -10.448 1.00 28.92 ? 840  TYR A CZ  1 
ATOM   325  O OH  . TYR A 1 42  ? -6.916  6.455   -10.607 1.00 30.83 ? 840  TYR A OH  1 
ATOM   326  N N   . VAL A 1 43  ? -0.990  3.985   -7.168  1.00 15.62 ? 841  VAL A N   1 
ATOM   327  C CA  . VAL A 1 43  ? -1.008  4.823   -5.969  1.00 15.12 ? 841  VAL A CA  1 
ATOM   328  C C   . VAL A 1 43  ? -1.414  6.243   -6.349  1.00 17.07 ? 841  VAL A C   1 
ATOM   329  O O   . VAL A 1 43  ? -0.932  6.792   -7.354  1.00 17.14 ? 841  VAL A O   1 
ATOM   330  C CB  . VAL A 1 43  ? 0.395   4.834   -5.314  1.00 15.31 ? 841  VAL A CB  1 
ATOM   331  C CG1 . VAL A 1 43  ? 0.358   5.759   -4.114  1.00 16.64 ? 841  VAL A CG1 1 
ATOM   332  C CG2 . VAL A 1 43  ? 0.848   3.430   -4.956  1.00 16.09 ? 841  VAL A CG2 1 
ATOM   333  N N   . ASP A 1 44  ? -2.263  6.834   -5.507  1.00 16.75 ? 842  ASP A N   1 
ATOM   334  C CA  . ASP A 1 44  ? -2.581  8.245   -5.555  1.00 18.83 ? 842  ASP A CA  1 
ATOM   335  C C   . ASP A 1 44  ? -2.485  8.811   -4.136  1.00 17.73 ? 842  ASP A C   1 
ATOM   336  O O   . ASP A 1 44  ? -3.422  8.702   -3.366  1.00 18.77 ? 842  ASP A O   1 
ATOM   337  C CB  . ASP A 1 44  ? -3.975  8.460   -6.140  1.00 19.78 ? 842  ASP A CB  1 
ATOM   338  C CG  . ASP A 1 44  ? -4.427  9.924   -6.038  1.00 25.60 ? 842  ASP A CG  1 
ATOM   339  O OD1 . ASP A 1 44  ? -3.556  10.793  -5.936  1.00 28.17 ? 842  ASP A OD1 1 
ATOM   340  O OD2 . ASP A 1 44  ? -5.648  10.161  -6.034  1.00 29.46 ? 842  ASP A OD2 1 
ATOM   341  N N   . SER A 1 45  ? -1.303  9.274   -3.778  1.00 19.04 ? 843  SER A N   1 
ATOM   342  C CA  . SER A 1 45  ? -1.093  9.784   -2.447  1.00 19.36 ? 843  SER A CA  1 
ATOM   343  C C   . SER A 1 45  ? -1.263  11.303  -2.472  1.00 21.09 ? 843  SER A C   1 
ATOM   344  O O   . SER A 1 45  ? -0.665  11.960  -3.300  1.00 22.61 ? 843  SER A O   1 
ATOM   345  C CB  . SER A 1 45  ? 0.257   9.360   -2.018  1.00 20.37 ? 843  SER A CB  1 
ATOM   346  O OG  . SER A 1 45  ? 0.477   9.637   -0.649  1.00 21.70 ? 843  SER A OG  1 
ATOM   347  N N   . GLY A 1 46  ? -1.996  11.797  -1.479  1.00 20.24 ? 844  GLY A N   1 
ATOM   348  C CA  . GLY A 1 46  ? -2.236  13.224  -1.315  1.00 20.95 ? 844  GLY A CA  1 
ATOM   349  C C   . GLY A 1 46  ? -0.951  13.987  -1.072  1.00 22.43 ? 844  GLY A C   1 
ATOM   350  O O   . GLY A 1 46  ? 0.096   13.455  -0.727  1.00 20.39 ? 844  GLY A O   1 
ATOM   351  N N   . ALA A 1 47  ? -1.041  15.311  -1.206  1.00 23.74 ? 845  ALA A N   1 
ATOM   352  C CA  . ALA A 1 47  ? 0.134   16.141  -1.285  1.00 24.06 ? 845  ALA A CA  1 
ATOM   353  C C   . ALA A 1 47  ? 0.998   16.099  -0.024  1.00 21.59 ? 845  ALA A C   1 
ATOM   354  O O   . ALA A 1 47  ? 2.213   16.284  -0.118  1.00 27.29 ? 845  ALA A O   1 
ATOM   355  C CB  . ALA A 1 47  ? -0.337  17.552  -1.554  1.00 27.00 ? 845  ALA A CB  1 
ATOM   356  N N   . LYS A 1 48  ? 0.415   15.830  1.130   1.00 21.50 ? 846  LYS A N   1 
ATOM   357  C CA  . LYS A 1 48  ? 1.193   15.791  2.359   1.00 24.21 ? 846  LYS A CA  1 
ATOM   358  C C   . LYS A 1 48  ? 1.400   14.362  2.854   1.00 22.14 ? 846  LYS A C   1 
ATOM   359  O O   . LYS A 1 48  ? 1.848   14.180  3.984   1.00 21.98 ? 846  LYS A O   1 
ATOM   360  C CB  . LYS A 1 48  ? 0.529   16.602  3.467   1.00 26.77 ? 846  LYS A CB  1 
ATOM   361  C CG  . LYS A 1 48  ? 0.463   18.091  3.138   1.00 33.88 ? 846  LYS A CG  1 
ATOM   362  C CD  . LYS A 1 48  ? 0.141   18.949  4.317   1.00 44.47 ? 846  LYS A CD  1 
ATOM   363  C CE  . LYS A 1 48  ? 0.444   20.406  4.039   1.00 51.41 ? 846  LYS A CE  1 
ATOM   364  N NZ  . LYS A 1 48  ? 0.508   21.176  5.302   1.00 60.23 ? 846  LYS A NZ  1 
ATOM   365  N N   . ALA A 1 49  ? 0.994   13.366  2.040   1.00 20.86 ? 847  ALA A N   1 
ATOM   366  C CA  . ALA A 1 49  ? 0.922   11.983  2.528   1.00 18.67 ? 847  ALA A CA  1 
ATOM   367  C C   . ALA A 1 49  ? 1.932   11.100  1.777   1.00 18.01 ? 847  ALA A C   1 
ATOM   368  O O   . ALA A 1 49  ? 2.342   11.374  0.662   1.00 19.72 ? 847  ALA A O   1 
ATOM   369  C CB  . ALA A 1 49  ? -0.454  11.433  2.336   1.00 19.02 ? 847  ALA A CB  1 
ATOM   370  N N   . LYS A 1 50  ? 2.296   10.011  2.463   1.00 16.90 ? 848  LYS A N   1 
ATOM   371  C CA  . LYS A 1 50  ? 3.092   8.926   1.913   1.00 15.73 ? 848  LYS A CA  1 
ATOM   372  C C   . LYS A 1 50  ? 2.353   7.630   2.220   1.00 14.93 ? 848  LYS A C   1 
ATOM   373  O O   . LYS A 1 50  ? 1.866   7.406   3.317   1.00 15.41 ? 848  LYS A O   1 
ATOM   374  C CB  . LYS A 1 50  ? 4.481   8.942   2.551   1.00 17.24 ? 848  LYS A CB  1 
ATOM   375  C CG  . LYS A 1 50  ? 5.320   7.717   2.205   1.00 17.86 ? 848  LYS A CG  1 
ATOM   376  C CD  . LYS A 1 50  ? 6.667   7.721   2.933   1.00 20.94 ? 848  LYS A CD  1 
ATOM   377  C CE  . LYS A 1 50  ? 7.626   8.672   2.294   1.00 23.89 ? 848  LYS A CE  1 
ATOM   378  N NZ  . LYS A 1 50  ? 8.825   8.728   3.194   1.00 25.03 ? 848  LYS A NZ  1 
ATOM   379  N N   . VAL A 1 51  ? 2.293   6.783   1.191   1.00 14.22 ? 849  VAL A N   1 
ATOM   380  C CA  . VAL A 1 51  ? 1.642   5.483   1.262   1.00 13.93 ? 849  VAL A CA  1 
ATOM   381  C C   . VAL A 1 51  ? 2.724   4.422   1.444   1.00 13.52 ? 849  VAL A C   1 
ATOM   382  O O   . VAL A 1 51  ? 3.679   4.346   0.652   1.00 14.60 ? 849  VAL A O   1 
ATOM   383  C CB  . VAL A 1 51  ? 0.805   5.236   -0.005  1.00 14.43 ? 849  VAL A CB  1 
ATOM   384  C CG1 . VAL A 1 51  ? 0.306   3.815   -0.125  1.00 15.07 ? 849  VAL A CG1 1 
ATOM   385  C CG2 . VAL A 1 51  ? -0.366  6.210   -0.102  1.00 14.66 ? 849  VAL A CG2 1 
ATOM   386  N N   . LEU A 1 52  ? 2.515   3.596   2.459   1.00 12.67 ? 850  LEU A N   1 
ATOM   387  C CA  . LEU A 1 52  ? 3.351   2.441   2.764   1.00 12.32 ? 850  LEU A CA  1 
ATOM   388  C C   . LEU A 1 52  ? 2.521   1.227   2.377   1.00 12.47 ? 850  LEU A C   1 
ATOM   389  O O   . LEU A 1 52  ? 1.402   1.031   2.823   1.00 13.30 ? 850  LEU A O   1 
ATOM   390  C CB  . LEU A 1 52  ? 3.717   2.416   4.232   1.00 12.68 ? 850  LEU A CB  1 
ATOM   391  C CG  . LEU A 1 52  ? 4.397   3.668   4.780   1.00 14.72 ? 850  LEU A CG  1 
ATOM   392  C CD1 . LEU A 1 52  ? 4.672   3.493   6.281   1.00 16.99 ? 850  LEU A CD1 1 
ATOM   393  C CD2 . LEU A 1 52  ? 5.684   3.973   4.061   1.00 15.13 ? 850  LEU A CD2 1 
ATOM   394  N N   . LEU A 1 53  ? 3.103   0.344   1.553   1.00 11.94 ? 851  LEU A N   1 
ATOM   395  C CA  . LEU A 1 53  ? 2.465   -0.887  1.130   1.00 11.94 ? 851  LEU A CA  1 
ATOM   396  C C   . LEU A 1 53  ? 3.276   -2.107  1.490   1.00 12.62 ? 851  LEU A C   1 
ATOM   397  O O   . LEU A 1 53  ? 4.508   -2.042  1.529   1.00 12.46 ? 851  LEU A O   1 
ATOM   398  C CB  . LEU A 1 53  ? 2.208   -0.930  -0.385  1.00 12.63 ? 851  LEU A CB  1 
ATOM   399  C CG  . LEU A 1 53  ? 1.325   0.180   -0.940  1.00 12.46 ? 851  LEU A CG  1 
ATOM   400  C CD1 . LEU A 1 53  ? 1.306   0.125   -2.454  1.00 13.47 ? 851  LEU A CD1 1 
ATOM   401  C CD2 . LEU A 1 53  ? -0.090  0.123   -0.349  1.00 13.09 ? 851  LEU A CD2 1 
ATOM   402  N N   . SER A 1 54  ? 2.611   -3.253  1.675   1.00 11.96 ? 852  SER A N   1 
ATOM   403  C CA  . SER A 1 54  ? 3.262   -4.549  1.712   1.00 12.23 ? 852  SER A CA  1 
ATOM   404  C C   . SER A 1 54  ? 2.603   -5.485  0.726   1.00 12.71 ? 852  SER A C   1 
ATOM   405  O O   . SER A 1 54  ? 1.403   -5.398  0.487   1.00 13.54 ? 852  SER A O   1 
ATOM   406  C CB  . SER A 1 54  ? 3.217   -5.158  3.088   1.00 12.99 ? 852  SER A CB  1 
ATOM   407  O OG  . SER A 1 54  ? 3.909   -6.399  3.123   1.00 13.65 ? 852  SER A OG  1 
ATOM   408  N N   . ASP A 1 55  ? 3.427   -6.362  0.145   1.00 12.54 ? 853  ASP A N   1 
ATOM   409  C CA  . ASP A 1 55  ? 2.896   -7.453  -0.668  1.00 12.82 ? 853  ASP A CA  1 
ATOM   410  C C   . ASP A 1 55  ? 2.302   -8.577  0.180   1.00 13.76 ? 853  ASP A C   1 
ATOM   411  O O   . ASP A 1 55  ? 1.595   -9.457  -0.339  1.00 15.28 ? 853  ASP A O   1 
ATOM   412  C CB  . ASP A 1 55  ? 3.988   -7.991  -1.587  1.00 13.16 ? 853  ASP A CB  1 
ATOM   413  C CG  . ASP A 1 55  ? 5.182   -8.592  -0.906  1.00 14.64 ? 853  ASP A CG  1 
ATOM   414  O OD1 . ASP A 1 55  ? 5.525   -8.236  0.229   1.00 15.03 ? 853  ASP A OD1 1 
ATOM   415  O OD2 . ASP A 1 55  ? 5.838   -9.456  -1.626  1.00 17.64 ? 853  ASP A OD2 1 
ATOM   416  N N   . TRP A 1 56  ? 2.571   -8.559  1.494   1.00 13.41 ? 854  TRP A N   1 
ATOM   417  C CA  . TRP A 1 56  ? 2.054   -9.536  2.440   1.00 13.38 ? 854  TRP A CA  1 
ATOM   418  C C   . TRP A 1 56  ? 0.978   -8.867  3.282   1.00 13.69 ? 854  TRP A C   1 
ATOM   419  O O   . TRP A 1 56  ? 0.812   -7.639  3.333   1.00 13.74 ? 854  TRP A O   1 
ATOM   420  C CB  . TRP A 1 56  ? 3.199   -10.154 3.264   1.00 13.91 ? 854  TRP A CB  1 
ATOM   421  C CG  . TRP A 1 56  ? 4.063   -11.131 2.539   1.00 14.62 ? 854  TRP A CG  1 
ATOM   422  C CD1 . TRP A 1 56  ? 3.998   -11.484 1.215   1.00 14.71 ? 854  TRP A CD1 1 
ATOM   423  C CD2 . TRP A 1 56  ? 5.028   -11.997 3.168   1.00 14.70 ? 854  TRP A CD2 1 
ATOM   424  N NE1 . TRP A 1 56  ? 4.933   -12.457 0.968   1.00 15.99 ? 854  TRP A NE1 1 
ATOM   425  C CE2 . TRP A 1 56  ? 5.560   -12.810 2.148   1.00 14.94 ? 854  TRP A CE2 1 
ATOM   426  C CE3 . TRP A 1 56  ? 5.523   -12.104 4.473   1.00 15.51 ? 854  TRP A CE3 1 
ATOM   427  C CZ2 . TRP A 1 56  ? 6.578   -13.726 2.415   1.00 16.45 ? 854  TRP A CZ2 1 
ATOM   428  C CZ3 . TRP A 1 56  ? 6.493   -13.045 4.726   1.00 16.34 ? 854  TRP A CZ3 1 
ATOM   429  C CH2 . TRP A 1 56  ? 7.031   -13.825 3.705   1.00 17.44 ? 854  TRP A CH2 1 
ATOM   430  N N   . ASP A 1 57  ? 0.250   -9.712  4.038   1.00 14.37 ? 855  ASP A N   1 
ATOM   431  C CA  . ASP A 1 57  ? -0.655  -9.234  5.036   1.00 15.02 ? 855  ASP A CA  1 
ATOM   432  C C   . ASP A 1 57  ? 0.104   -8.520  6.151   1.00 14.37 ? 855  ASP A C   1 
ATOM   433  O O   . ASP A 1 57  ? 1.290   -8.794  6.429   1.00 14.50 ? 855  ASP A O   1 
ATOM   434  C CB  . ASP A 1 57  ? -1.473  -10.400 5.602   1.00 14.95 ? 855  ASP A CB  1 
ATOM   435  C CG  . ASP A 1 57  ? -2.299  -11.119 4.564   1.00 17.77 ? 855  ASP A CG  1 
ATOM   436  O OD1 . ASP A 1 57  ? -2.922  -10.441 3.724   1.00 17.64 ? 855  ASP A OD1 1 
ATOM   437  O OD2 . ASP A 1 57  ? -2.247  -12.412 4.607   1.00 20.64 ? 855  ASP A OD2 1 
ATOM   438  N N   . ASN A 1 58  ? -0.612  -7.616  6.803   1.00 14.49 ? 856  ASN A N   1 
ATOM   439  C CA  . ASN A 1 58  ? -0.218  -7.069  8.101   1.00 14.00 ? 856  ASN A CA  1 
ATOM   440  C C   . ASN A 1 58  ? 1.127   -6.329  8.080   1.00 13.90 ? 856  ASN A C   1 
ATOM   441  O O   . ASN A 1 58  ? 1.811   -6.281  9.094   1.00 13.82 ? 856  ASN A O   1 
ATOM   442  C CB  . ASN A 1 58  ? -0.234  -8.132  9.221   1.00 14.41 ? 856  ASN A CB  1 
ATOM   443  C CG  . ASN A 1 58  ? -0.341  -7.464  10.570  1.00 15.02 ? 856  ASN A CG  1 
ATOM   444  O OD1 . ASN A 1 58  ? -1.156  -6.563  10.750  1.00 15.39 ? 856  ASN A OD1 1 
ATOM   445  N ND2 . ASN A 1 58  ? 0.389   -7.951  11.545  1.00 14.94 ? 856  ASN A ND2 1 
ATOM   446  N N   . LEU A 1 59  ? 1.491   -5.657  6.983   1.00 13.45 ? 857  LEU A N   1 
ATOM   447  C CA  . LEU A 1 59  ? 2.643   -4.746  6.995   1.00 12.69 ? 857  LEU A CA  1 
ATOM   448  C C   . LEU A 1 59  ? 3.841   -5.414  7.661   1.00 13.39 ? 857  LEU A C   1 
ATOM   449  O O   . LEU A 1 59  ? 4.504   -4.844  8.548   1.00 13.41 ? 857  LEU A O   1 
ATOM   450  C CB  . LEU A 1 59  ? 2.292   -3.414  7.671   1.00 14.13 ? 857  LEU A CB  1 
ATOM   451  C CG  . LEU A 1 59  ? 1.232   -2.634  6.930   1.00 13.15 ? 857  LEU A CG  1 
ATOM   452  C CD1 . LEU A 1 59  ? 0.544   -1.661  7.851   1.00 14.88 ? 857  LEU A CD1 1 
ATOM   453  C CD2 . LEU A 1 59  ? 1.811   -1.883  5.731   1.00 13.99 ? 857  LEU A CD2 1 
ATOM   454  N N   . SER A 1 60  ? 4.150   -6.620  7.200   1.00 12.97 ? 858  SER A N   1 
ATOM   455  C CA  . SER A 1 60  ? 4.929   -7.572  7.972   1.00 13.59 ? 858  SER A CA  1 
ATOM   456  C C   . SER A 1 60  ? 6.329   -7.820  7.444   1.00 14.91 ? 858  SER A C   1 
ATOM   457  O O   . SER A 1 60  ? 6.650   -7.634  6.264   1.00 14.31 ? 858  SER A O   1 
ATOM   458  C CB  . SER A 1 60  ? 4.159   -8.898  8.051   1.00 14.47 ? 858  SER A CB  1 
ATOM   459  O OG  . SER A 1 60  ? 3.907   -9.439  6.766   1.00 14.47 ? 858  SER A OG  1 
ATOM   460  N N   . TYR A 1 61  ? 7.194   -8.186  8.393   1.00 14.28 ? 859  TYR A N   1 
ATOM   461  C CA  . TYR A 1 61  ? 8.558   -8.609  8.112   1.00 14.96 ? 859  TYR A CA  1 
ATOM   462  C C   . TYR A 1 61  ? 9.346   -7.536  7.372   1.00 13.26 ? 859  TYR A C   1 
ATOM   463  O O   . TYR A 1 61  ? 10.266  -7.863  6.629   1.00 14.54 ? 859  TYR A O   1 
ATOM   464  C CB  . TYR A 1 61  ? 8.602   -9.974  7.405   1.00 14.67 ? 859  TYR A CB  1 
ATOM   465  C CG  . TYR A 1 61  ? 7.822   -11.035 8.112   1.00 15.50 ? 859  TYR A CG  1 
ATOM   466  C CD1 . TYR A 1 61  ? 8.330   -11.744 9.183   1.00 16.36 ? 859  TYR A CD1 1 
ATOM   467  C CD2 . TYR A 1 61  ? 6.524   -11.298 7.730   1.00 15.60 ? 859  TYR A CD2 1 
ATOM   468  C CE1 . TYR A 1 61  ? 7.564   -12.701 9.815   1.00 17.04 ? 859  TYR A CE1 1 
ATOM   469  C CE2 . TYR A 1 61  ? 5.746   -12.250 8.345   1.00 16.19 ? 859  TYR A CE2 1 
ATOM   470  C CZ  . TYR A 1 61  ? 6.284   -12.972 9.401   1.00 16.60 ? 859  TYR A CZ  1 
ATOM   471  O OH  . TYR A 1 61  ? 5.432   -13.886 10.013  1.00 18.42 ? 859  TYR A OH  1 
ATOM   472  N N   . ASN A 1 62  ? 9.068   -6.249  7.574   1.00 13.86 ? 860  ASN A N   1 
ATOM   473  C CA  . ASN A 1 62  ? 9.743   -5.167  6.868   1.00 13.46 ? 860  ASN A CA  1 
ATOM   474  C C   . ASN A 1 62  ? 9.554   -5.238  5.356   1.00 12.94 ? 860  ASN A C   1 
ATOM   475  O O   . ASN A 1 62  ? 10.324  -4.609  4.633   1.00 13.51 ? 860  ASN A O   1 
ATOM   476  C CB  . ASN A 1 62  ? 11.225  -5.043  7.248   1.00 14.84 ? 860  ASN A CB  1 
ATOM   477  C CG  . ASN A 1 62  ? 11.435  -4.388  8.578   1.00 19.57 ? 860  ASN A CG  1 
ATOM   478  O OD1 . ASN A 1 62  ? 10.669  -3.507  8.926   1.00 20.49 ? 860  ASN A OD1 1 
ATOM   479  N ND2 . ASN A 1 62  ? 12.554  -4.744  9.208   1.00 24.27 ? 860  ASN A ND2 1 
ATOM   480  N N   . ARG A 1 63  ? 8.531   -5.943  4.871   1.00 13.20 ? 861  ARG A N   1 
ATOM   481  C CA  . ARG A 1 63  ? 8.225   -6.032  3.431   1.00 12.95 ? 861  ARG A CA  1 
ATOM   482  C C   . ARG A 1 63  ? 7.406   -4.820  3.049   1.00 13.49 ? 861  ARG A C   1 
ATOM   483  O O   . ARG A 1 63  ? 6.218   -4.954  2.727   1.00 13.43 ? 861  ARG A O   1 
ATOM   484  C CB  . ARG A 1 63  ? 7.545   -7.339  3.096   1.00 13.10 ? 861  ARG A CB  1 
ATOM   485  C CG  . ARG A 1 63  ? 8.367   -8.583  3.393   1.00 14.10 ? 861  ARG A CG  1 
ATOM   486  C CD  . ARG A 1 63  ? 7.612   -9.841  3.078   1.00 14.83 ? 861  ARG A CD  1 
ATOM   487  N NE  . ARG A 1 63  ? 7.445   -10.021 1.624   1.00 15.38 ? 861  ARG A NE  1 
ATOM   488  C CZ  . ARG A 1 63  ? 8.250   -10.721 0.861   1.00 16.17 ? 861  ARG A CZ  1 
ATOM   489  N NH1 . ARG A 1 63  ? 8.010   -10.774 -0.432  1.00 15.95 ? 861  ARG A NH1 1 
ATOM   490  N NH2 . ARG A 1 63  ? 9.264   -11.380 1.400   1.00 18.14 ? 861  ARG A NH2 1 
ATOM   491  N N   . ILE A 1 64  ? 8.023   -3.643  3.135   1.00 12.05 ? 862  ILE A N   1 
ATOM   492  C CA  A ILE A 1 64  ? 7.298   -2.393  3.054   0.50 12.31 ? 862  ILE A CA  1 
ATOM   493  C CA  B ILE A 1 64  ? 7.324   -2.354  3.092   0.50 12.45 ? 862  ILE A CA  1 
ATOM   494  C C   . ILE A 1 64  ? 7.988   -1.480  2.049   1.00 12.39 ? 862  ILE A C   1 
ATOM   495  O O   . ILE A 1 64  ? 9.219   -1.328  2.080   1.00 12.57 ? 862  ILE A O   1 
ATOM   496  C CB  A ILE A 1 64  ? 7.204   -1.830  4.481   0.50 12.59 ? 862  ILE A CB  1 
ATOM   497  C CB  B ILE A 1 64  ? 7.354   -1.565  4.420   0.50 13.03 ? 862  ILE A CB  1 
ATOM   498  C CG1 A ILE A 1 64  ? 6.248   -2.675  5.335   0.50 12.09 ? 862  ILE A CG1 1 
ATOM   499  C CG1 B ILE A 1 64  ? 6.870   -2.379  5.617   0.50 14.01 ? 862  ILE A CG1 1 
ATOM   500  C CG2 A ILE A 1 64  ? 6.839   -0.359  4.458   0.50 13.08 ? 862  ILE A CG2 1 
ATOM   501  C CG2 B ILE A 1 64  ? 6.560   -0.270  4.269   0.50 12.70 ? 862  ILE A CG2 1 
ATOM   502  C CD1 A ILE A 1 64  ? 6.178   -2.233  6.810   0.50 13.07 ? 862  ILE A CD1 1 
ATOM   503  C CD1 B ILE A 1 64  ? 5.388   -2.613  5.601   0.50 13.57 ? 862  ILE A CD1 1 
ATOM   504  N N   . GLY A 1 65  ? 7.195   -0.914  1.170   1.00 12.78 ? 863  GLY A N   1 
ATOM   505  C CA  . GLY A 1 65  ? 7.658   0.020   0.179   1.00 12.85 ? 863  GLY A CA  1 
ATOM   506  C C   . GLY A 1 65  ? 6.974   1.353   0.358   1.00 13.69 ? 863  GLY A C   1 
ATOM   507  O O   . GLY A 1 65  ? 5.836   1.395   0.821   1.00 13.95 ? 863  GLY A O   1 
ATOM   508  N N   . GLU A 1 66  ? 7.652   2.429   -0.011  1.00 13.98 ? 864  GLU A N   1 
ATOM   509  C CA  . GLU A 1 66  ? 7.196   3.799   0.167   1.00 14.25 ? 864  GLU A CA  1 
ATOM   510  C C   . GLU A 1 66  ? 6.825   4.424   -1.170  1.00 14.87 ? 864  GLU A C   1 
ATOM   511  O O   . GLU A 1 66  ? 7.564   4.315   -2.153  1.00 16.03 ? 864  GLU A O   1 
ATOM   512  C CB  . GLU A 1 66  ? 8.287   4.638   0.820   1.00 15.83 ? 864  GLU A CB  1 
ATOM   513  C CG  . GLU A 1 66  ? 8.751   4.088   2.152   1.00 16.31 ? 864  GLU A CG  1 
ATOM   514  C CD  . GLU A 1 66  ? 9.709   4.985   2.930   1.00 18.76 ? 864  GLU A CD  1 
ATOM   515  O OE1 . GLU A 1 66  ? 9.964   6.142   2.476   1.00 19.40 ? 864  GLU A OE1 1 
ATOM   516  O OE2 . GLU A 1 66  ? 10.113  4.565   4.006   1.00 18.93 ? 864  GLU A OE2 1 
ATOM   517  N N   . PHE A 1 67  ? 5.663   5.106   -1.216  1.00 14.23 ? 865  PHE A N   1 
ATOM   518  C CA  . PHE A 1 67  ? 5.153   5.680   -2.443  1.00 13.49 ? 865  PHE A CA  1 
ATOM   519  C C   . PHE A 1 67  ? 4.587   7.071   -2.149  1.00 15.30 ? 865  PHE A C   1 
ATOM   520  O O   . PHE A 1 67  ? 3.786   7.221   -1.223  1.00 16.85 ? 865  PHE A O   1 
ATOM   521  C CB  . PHE A 1 67  ? 4.043   4.788   -3.013  1.00 14.46 ? 865  PHE A CB  1 
ATOM   522  C CG  . PHE A 1 67  ? 4.551   3.403   -3.309  1.00 14.00 ? 865  PHE A CG  1 
ATOM   523  C CD1 . PHE A 1 67  ? 5.157   3.120   -4.519  1.00 15.46 ? 865  PHE A CD1 1 
ATOM   524  C CD2 . PHE A 1 67  ? 4.494   2.403   -2.365  1.00 14.86 ? 865  PHE A CD2 1 
ATOM   525  C CE1 . PHE A 1 67  ? 5.747   1.870   -4.738  1.00 14.71 ? 865  PHE A CE1 1 
ATOM   526  C CE2 . PHE A 1 67  ? 5.055   1.145   -2.605  1.00 15.22 ? 865  PHE A CE2 1 
ATOM   527  C CZ  . PHE A 1 67  ? 5.697   0.906   -3.795  1.00 14.45 ? 865  PHE A CZ  1 
ATOM   528  N N   . VAL A 1 68  ? 5.002   8.054   -2.948  1.00 17.59 ? 866  VAL A N   1 
ATOM   529  C CA  . VAL A 1 68  ? 4.465   9.416   -2.892  1.00 17.74 ? 866  VAL A CA  1 
ATOM   530  C C   . VAL A 1 68  ? 3.901   9.770   -4.265  1.00 18.59 ? 866  VAL A C   1 
ATOM   531  O O   . VAL A 1 68  ? 4.293   9.223   -5.294  1.00 21.07 ? 866  VAL A O   1 
ATOM   532  C CB  . VAL A 1 68  ? 5.524   10.413  -2.397  1.00 19.27 ? 866  VAL A CB  1 
ATOM   533  C CG1 . VAL A 1 68  ? 5.944   10.069  -0.977  1.00 21.11 ? 866  VAL A CG1 1 
ATOM   534  C CG2 . VAL A 1 68  ? 6.730   10.431  -3.304  1.00 21.66 ? 866  VAL A CG2 1 
ATOM   535  N N   . GLY A 1 69  ? 2.964   10.698  -4.283  1.00 19.19 ? 867  GLY A N   1 
ATOM   536  C CA  . GLY A 1 69  ? 2.411   11.166  -5.545  1.00 19.82 ? 867  GLY A CA  1 
ATOM   537  C C   . GLY A 1 69  ? 1.605   10.070  -6.243  1.00 21.14 ? 867  GLY A C   1 
ATOM   538  O O   . GLY A 1 69  ? 0.958   9.251   -5.576  1.00 20.56 ? 867  GLY A O   1 
ATOM   539  N N   . ASN A 1 70  ? 1.630   10.125  -7.580  1.00 20.91 ? 868  ASN A N   1 
ATOM   540  C CA  . ASN A 1 70  ? 0.912   9.184   -8.400  1.00 21.13 ? 868  ASN A CA  1 
ATOM   541  C C   . ASN A 1 70  ? 1.906   8.196   -8.975  1.00 21.29 ? 868  ASN A C   1 
ATOM   542  O O   . ASN A 1 70  ? 2.837   8.608   -9.649  1.00 25.14 ? 868  ASN A O   1 
ATOM   543  C CB  . ASN A 1 70  ? 0.101   9.903   -9.482  1.00 25.85 ? 868  ASN A CB  1 
ATOM   544  C CG  . ASN A 1 70  ? -0.786  9.005   -10.333 1.00 34.97 ? 868  ASN A CG  1 
ATOM   545  O OD1 . ASN A 1 70  ? -1.503  8.116   -9.857  1.00 39.38 ? 868  ASN A OD1 1 
ATOM   546  N ND2 . ASN A 1 70  ? -0.774  9.269   -11.629 1.00 42.06 ? 868  ASN A ND2 1 
ATOM   547  N N   . VAL A 1 71  ? 1.721   6.894   -8.710  1.00 18.21 ? 869  VAL A N   1 
ATOM   548  C CA  . VAL A 1 71  ? 2.650   5.867   -9.131  1.00 17.49 ? 869  VAL A CA  1 
ATOM   549  C C   . VAL A 1 71  ? 1.855   4.789   -9.887  1.00 17.64 ? 869  VAL A C   1 
ATOM   550  O O   . VAL A 1 71  ? 0.889   4.239   -9.375  1.00 18.59 ? 869  VAL A O   1 
ATOM   551  C CB  . VAL A 1 71  ? 3.422   5.246   -7.947  1.00 17.23 ? 869  VAL A CB  1 
ATOM   552  C CG1 . VAL A 1 71  ? 4.504   4.293   -8.430  1.00 18.11 ? 869  VAL A CG1 1 
ATOM   553  C CG2 . VAL A 1 71  ? 4.026   6.320   -7.032  1.00 18.91 ? 869  VAL A CG2 1 
ATOM   554  N N   . ASN A 1 72  ? 2.312   4.430   -11.093 1.00 18.87 ? 870  ASN A N   1 
ATOM   555  C CA  . ASN A 1 72  ? 1.675   3.376   -11.847 1.00 18.56 ? 870  ASN A CA  1 
ATOM   556  C C   . ASN A 1 72  ? 2.262   2.020   -11.493 1.00 17.50 ? 870  ASN A C   1 
ATOM   557  O O   . ASN A 1 72  ? 3.430   1.951   -11.067 1.00 16.76 ? 870  ASN A O   1 
ATOM   558  C CB  . ASN A 1 72  ? 1.736   3.696   -13.341 1.00 26.97 ? 870  ASN A CB  1 
ATOM   559  C CG  . ASN A 1 72  ? 0.826   4.875   -13.644 1.00 32.72 ? 870  ASN A CG  1 
ATOM   560  O OD1 . ASN A 1 72  ? 1.254   5.845   -14.256 1.00 46.91 ? 870  ASN A OD1 1 
ATOM   561  N ND2 . ASN A 1 72  ? -0.415  4.820   -13.186 1.00 36.62 ? 870  ASN A ND2 1 
ATOM   562  N N   . PRO A 1 73  ? 1.476   0.921   -11.592 1.00 16.67 ? 871  PRO A N   1 
ATOM   563  C CA  . PRO A 1 73  ? 1.925   -0.386  -11.168 1.00 16.91 ? 871  PRO A CA  1 
ATOM   564  C C   . PRO A 1 73  ? 3.178   -0.866  -11.887 1.00 18.02 ? 871  PRO A C   1 
ATOM   565  O O   . PRO A 1 73  ? 3.976   -1.651  -11.341 1.00 17.35 ? 871  PRO A O   1 
ATOM   566  C CB  . PRO A 1 73  ? 0.716   -1.326  -11.395 1.00 18.52 ? 871  PRO A CB  1 
ATOM   567  C CG  . PRO A 1 73  ? -0.164  -0.551  -12.369 1.00 18.76 ? 871  PRO A CG  1 
ATOM   568  C CD  . PRO A 1 73  ? 0.045   0.895   -12.008 1.00 17.54 ? 871  PRO A CD  1 
ATOM   569  N N   . ALA A 1 74  ? 3.404   -0.394  -13.121 1.00 19.08 ? 872  ALA A N   1 
ATOM   570  C CA  . ALA A 1 74  ? 4.573   -0.875  -13.823 1.00 20.19 ? 872  ALA A CA  1 
ATOM   571  C C   . ALA A 1 74  ? 5.811   -0.427  -13.092 1.00 21.30 ? 872  ALA A C   1 
ATOM   572  O O   . ALA A 1 74  ? 6.859   -1.032  -13.280 1.00 24.80 ? 872  ALA A O   1 
ATOM   573  C CB  . ALA A 1 74  ? 4.598   -0.323  -15.247 1.00 22.60 ? 872  ALA A CB  1 
ATOM   574  N N   . ASP A 1 75  ? 5.727   0.637   -12.321 1.00 18.22 ? 873  ASP A N   1 
ATOM   575  C CA  . ASP A 1 75  ? 6.862   1.171   -11.605 1.00 18.93 ? 873  ASP A CA  1 
ATOM   576  C C   . ASP A 1 75  ? 6.937   0.634   -10.177 1.00 20.17 ? 873  ASP A C   1 
ATOM   577  O O   . ASP A 1 75  ? 7.748   1.130   -9.392  1.00 23.85 ? 873  ASP A O   1 
ATOM   578  C CB  . ASP A 1 75  ? 6.816   2.686   -11.616 1.00 21.19 ? 873  ASP A CB  1 
ATOM   579  C CG  . ASP A 1 75  ? 6.973   3.231   -13.028 1.00 27.71 ? 873  ASP A CG  1 
ATOM   580  O OD1 . ASP A 1 75  ? 7.822   2.703   -13.752 1.00 31.04 ? 873  ASP A OD1 1 
ATOM   581  O OD2 . ASP A 1 75  ? 6.187   4.110   -13.410 1.00 31.64 ? 873  ASP A OD2 1 
ATOM   582  N N   . MET A 1 76  ? 6.060   -0.308  -9.814  1.00 17.19 ? 874  MET A N   1 
ATOM   583  C CA  . MET A 1 76  ? 5.966   -0.819  -8.441  1.00 15.53 ? 874  MET A CA  1 
ATOM   584  C C   . MET A 1 76  ? 6.478   -2.241  -8.319  1.00 15.18 ? 874  MET A C   1 
ATOM   585  O O   . MET A 1 76  ? 6.277   -2.873  -7.290  1.00 16.15 ? 874  MET A O   1 
ATOM   586  C CB  . MET A 1 76  ? 4.503   -0.766  -7.968  1.00 15.13 ? 874  MET A CB  1 
ATOM   587  C CG  . MET A 1 76  ? 3.967   0.634   -7.855  1.00 16.56 ? 874  MET A CG  1 
ATOM   588  S SD  . MET A 1 76  ? 2.187   0.743   -7.621  1.00 17.62 ? 874  MET A SD  1 
ATOM   589  C CE  . MET A 1 76  ? 2.121   0.197   -5.897  1.00 16.27 ? 874  MET A CE  1 
ATOM   590  N N   . LYS A 1 77  ? 7.130   -2.787  -9.335  1.00 15.35 ? 875  LYS A N   1 
ATOM   591  C CA  . LYS A 1 77  ? 7.440   -4.197  -9.412  1.00 15.83 ? 875  LYS A CA  1 
ATOM   592  C C   . LYS A 1 77  ? 8.782   -4.598  -8.797  1.00 14.20 ? 875  LYS A C   1 
ATOM   593  O O   . LYS A 1 77  ? 8.962   -5.748  -8.434  1.00 15.08 ? 875  LYS A O   1 
ATOM   594  C CB  . LYS A 1 77  ? 7.444   -4.665  -10.866 1.00 17.94 ? 875  LYS A CB  1 
ATOM   595  C CG  . LYS A 1 77  ? 6.172   -4.388  -11.655 1.00 23.73 ? 875  LYS A CG  1 
ATOM   596  C CD  . LYS A 1 77  ? 5.012   -5.134  -11.182 1.00 25.08 ? 875  LYS A CD  1 
ATOM   597  C CE  . LYS A 1 77  ? 3.775   -4.873  -12.030 1.00 29.28 ? 875  LYS A CE  1 
ATOM   598  N NZ  . LYS A 1 77  ? 3.824   -5.525  -13.354 1.00 32.89 ? 875  LYS A NZ  1 
ATOM   599  N N   . LYS A 1 78  ? 9.708   -3.633  -8.703  1.00 15.17 ? 876  LYS A N   1 
ATOM   600  C CA  . LYS A 1 78  ? 11.048  -3.835  -8.185  1.00 13.46 ? 876  LYS A CA  1 
ATOM   601  C C   . LYS A 1 78  ? 11.410  -2.622  -7.343  1.00 16.37 ? 876  LYS A C   1 
ATOM   602  O O   . LYS A 1 78  ? 12.242  -1.786  -7.736  1.00 18.25 ? 876  LYS A O   1 
ATOM   603  C CB  . LYS A 1 78  ? 12.102  -4.107  -9.277  1.00 14.87 ? 876  LYS A CB  1 
ATOM   604  C CG  . LYS A 1 78  ? 11.846  -5.381  -10.041 1.00 15.70 ? 876  LYS A CG  1 
ATOM   605  C CD  . LYS A 1 78  ? 12.169  -6.626  -9.343  1.00 16.05 ? 876  LYS A CD  1 
ATOM   606  C CE  . LYS A 1 78  ? 11.918  -7.860  -10.195 1.00 18.66 ? 876  LYS A CE  1 
ATOM   607  N NZ  . LYS A 1 78  ? 12.218  -9.131  -9.511  1.00 21.75 ? 876  LYS A NZ  1 
ATOM   608  N N   . VAL A 1 79  ? 10.818  -2.534  -6.168  1.00 13.92 ? 877  VAL A N   1 
ATOM   609  C CA  . VAL A 1 79  ? 10.933  -1.367  -5.319  1.00 14.44 ? 877  VAL A CA  1 
ATOM   610  C C   . VAL A 1 79  ? 11.708  -1.742  -4.061  1.00 13.74 ? 877  VAL A C   1 
ATOM   611  O O   . VAL A 1 79  ? 11.457  -2.771  -3.455  1.00 13.42 ? 877  VAL A O   1 
ATOM   612  C CB  . VAL A 1 79  ? 9.537   -0.887  -4.927  1.00 15.67 ? 877  VAL A CB  1 
ATOM   613  C CG1 . VAL A 1 79  ? 9.600   0.213   -3.873  1.00 16.51 ? 877  VAL A CG1 1 
ATOM   614  C CG2 . VAL A 1 79  ? 8.790   -0.407  -6.139  1.00 18.72 ? 877  VAL A CG2 1 
ATOM   615  N N   . LYS A 1 80  ? 12.679  -0.903  -3.671  1.00 14.36 ? 878  LYS A N   1 
ATOM   616  C CA  . LYS A 1 80  ? 13.486  -1.158  -2.500  1.00 15.63 ? 878  LYS A CA  1 
ATOM   617  C C   . LYS A 1 80  ? 12.608  -1.140  -1.256  1.00 13.62 ? 878  LYS A C   1 
ATOM   618  O O   . LYS A 1 80  ? 11.962  -0.122  -0.968  1.00 18.72 ? 878  LYS A O   1 
ATOM   619  C CB  . LYS A 1 80  ? 14.553  -0.060  -2.335  1.00 19.07 ? 878  LYS A CB  1 
ATOM   620  C CG  . LYS A 1 80  ? 15.604  -0.406  -1.282  1.00 22.59 ? 878  LYS A CG  1 
ATOM   621  C CD  . LYS A 1 80  ? 16.416  0.737   -0.722  1.00 32.03 ? 878  LYS A CD  1 
ATOM   622  C CE  . LYS A 1 80  ? 17.463  1.271   -1.668  1.00 36.60 ? 878  LYS A CE  1 
ATOM   623  N NZ  . LYS A 1 80  ? 17.815  2.655   -1.298  1.00 41.40 ? 878  LYS A NZ  1 
ATOM   624  N N   . ALA A 1 81  ? 12.573  -2.248  -0.548  1.00 12.46 ? 879  ALA A N   1 
ATOM   625  C CA  . ALA A 1 81  ? 11.763  -2.447  0.638   1.00 13.42 ? 879  ALA A CA  1 
ATOM   626  C C   . ALA A 1 81  ? 12.576  -2.170  1.898   1.00 13.79 ? 879  ALA A C   1 
ATOM   627  O O   . ALA A 1 81  ? 13.827  -2.210  1.888   1.00 14.70 ? 879  ALA A O   1 
ATOM   628  C CB  . ALA A 1 81  ? 11.230  -3.854  0.666   1.00 13.25 ? 879  ALA A CB  1 
ATOM   629  N N   . TRP A 1 82  ? 11.880  -1.999  3.027   1.00 13.00 ? 880  TRP A N   1 
ATOM   630  C CA  . TRP A 1 82  ? 12.579  -1.835  4.301   1.00 13.40 ? 880  TRP A CA  1 
ATOM   631  C C   . TRP A 1 82  ? 13.458  -3.011  4.629   1.00 14.58 ? 880  TRP A C   1 
ATOM   632  O O   . TRP A 1 82  ? 14.393  -2.833  5.435   1.00 17.36 ? 880  TRP A O   1 
ATOM   633  C CB  . TRP A 1 82  ? 11.571  -1.595  5.431   1.00 14.19 ? 880  TRP A CB  1 
ATOM   634  C CG  . TRP A 1 82  ? 10.865  -0.273  5.336   1.00 13.09 ? 880  TRP A CG  1 
ATOM   635  C CD1 . TRP A 1 82  ? 10.973  0.712   4.403   1.00 13.61 ? 880  TRP A CD1 1 
ATOM   636  C CD2 . TRP A 1 82  ? 9.880   0.207   6.286   1.00 13.38 ? 880  TRP A CD2 1 
ATOM   637  N NE1 . TRP A 1 82  ? 10.151  1.770   4.701   1.00 14.93 ? 880  TRP A NE1 1 
ATOM   638  C CE2 . TRP A 1 82  ? 9.475   1.480   5.859   1.00 13.51 ? 880  TRP A CE2 1 
ATOM   639  C CE3 . TRP A 1 82  ? 9.340   -0.350  7.456   1.00 12.53 ? 880  TRP A CE3 1 
ATOM   640  C CZ2 . TRP A 1 82  ? 8.520   2.224   6.576   1.00 14.00 ? 880  TRP A CZ2 1 
ATOM   641  C CZ3 . TRP A 1 82  ? 8.380   0.369   8.157   1.00 13.81 ? 880  TRP A CZ3 1 
ATOM   642  C CH2 . TRP A 1 82  ? 8.006   1.618   7.690   1.00 14.13 ? 880  TRP A CH2 1 
ATOM   643  N N   . ASN A 1 83  ? 13.203  -4.184  4.100   1.00 13.85 ? 881  ASN A N   1 
ATOM   644  C CA  . ASN A 1 83  ? 13.959  -5.379  4.397   1.00 14.75 ? 881  ASN A CA  1 
ATOM   645  C C   . ASN A 1 83  ? 15.189  -5.496  3.492   1.00 15.36 ? 881  ASN A C   1 
ATOM   646  O O   . ASN A 1 83  ? 15.909  -6.511  3.614   1.00 18.47 ? 881  ASN A O   1 
ATOM   647  C CB  . ASN A 1 83  ? 13.100  -6.648  4.333   1.00 14.64 ? 881  ASN A CB  1 
ATOM   648  C CG  . ASN A 1 83  ? 12.792  -7.180  2.960   1.00 14.84 ? 881  ASN A CG  1 
ATOM   649  O OD1 . ASN A 1 83  ? 12.308  -8.326  2.821   1.00 18.18 ? 881  ASN A OD1 1 
ATOM   650  N ND2 . ASN A 1 83  ? 13.023  -6.406  1.980   1.00 11.88 ? 881  ASN A ND2 1 
ATOM   651  N N   . GLY A 1 84  ? 15.457  -4.535  2.616   1.00 14.82 ? 882  GLY A N   1 
ATOM   652  C CA  . GLY A 1 84  ? 16.669  -4.542  1.801   1.00 15.26 ? 882  GLY A CA  1 
ATOM   653  C C   . GLY A 1 84  ? 16.479  -5.216  0.450   1.00 16.69 ? 882  GLY A C   1 
ATOM   654  O O   . GLY A 1 84  ? 17.467  -5.277  -0.298  1.00 18.70 ? 882  GLY A O   1 
ATOM   655  N N   . GLN A 1 85  ? 15.357  -5.863  0.174   1.00 14.78 ? 883  GLN A N   1 
ATOM   656  C CA  . GLN A 1 85  ? 15.101  -6.529  -1.093  1.00 14.63 ? 883  GLN A CA  1 
ATOM   657  C C   . GLN A 1 85  ? 14.289  -5.628  -2.001  1.00 15.26 ? 883  GLN A C   1 
ATOM   658  O O   . GLN A 1 85  ? 13.706  -4.629  -1.559  1.00 16.36 ? 883  GLN A O   1 
ATOM   659  C CB  . GLN A 1 85  ? 14.339  -7.830  -0.831  1.00 14.81 ? 883  GLN A CB  1 
ATOM   660  C CG  . GLN A 1 85  ? 15.072  -8.785  0.071   1.00 16.53 ? 883  GLN A CG  1 
ATOM   661  C CD  . GLN A 1 85  ? 14.387  -10.108 0.247   1.00 17.40 ? 883  GLN A CD  1 
ATOM   662  O OE1 . GLN A 1 85  ? 14.986  -11.201 0.159   1.00 22.34 ? 883  GLN A OE1 1 
ATOM   663  N NE2 . GLN A 1 85  ? 13.112  -10.079 0.521   1.00 16.06 ? 883  GLN A NE2 1 
ATOM   664  N N   . TYR A 1 86  ? 14.220  -5.982  -3.267  1.00 15.03 ? 884  TYR A N   1 
ATOM   665  C CA  . TYR A 1 86  ? 13.426  -5.262  -4.252  1.00 13.85 ? 884  TYR A CA  1 
ATOM   666  C C   . TYR A 1 86  ? 12.200  -6.109  -4.523  1.00 15.51 ? 884  TYR A C   1 
ATOM   667  O O   . TYR A 1 86  ? 12.297  -7.191  -5.138  1.00 16.59 ? 884  TYR A O   1 
ATOM   668  C CB  . TYR A 1 86  ? 14.254  -4.955  -5.505  1.00 14.72 ? 884  TYR A CB  1 
ATOM   669  C CG  . TYR A 1 86  ? 15.306  -3.919  -5.280  1.00 14.04 ? 884  TYR A CG  1 
ATOM   670  C CD1 . TYR A 1 86  ? 16.487  -4.274  -4.624  1.00 16.40 ? 884  TYR A CD1 1 
ATOM   671  C CD2 . TYR A 1 86  ? 15.143  -2.605  -5.640  1.00 14.62 ? 884  TYR A CD2 1 
ATOM   672  C CE1 . TYR A 1 86  ? 17.476  -3.323  -4.358  1.00 17.89 ? 884  TYR A CE1 1 
ATOM   673  C CE2 . TYR A 1 86  ? 16.091  -1.632  -5.369  1.00 16.59 ? 884  TYR A CE2 1 
ATOM   674  C CZ  . TYR A 1 86  ? 17.266  -2.008  -4.726  1.00 16.61 ? 884  TYR A CZ  1 
ATOM   675  O OH  . TYR A 1 86  ? 18.216  -1.007  -4.465  1.00 20.92 ? 884  TYR A OH  1 
ATOM   676  N N   . LEU A 1 87  ? 11.058  -5.632  -4.027  1.00 13.96 ? 885  LEU A N   1 
ATOM   677  C CA  . LEU A 1 87  ? 9.815   -6.371  -4.017  1.00 13.67 ? 885  LEU A CA  1 
ATOM   678  C C   . LEU A 1 87  ? 8.815   -5.730  -4.966  1.00 12.44 ? 885  LEU A C   1 
ATOM   679  O O   . LEU A 1 87  ? 8.919   -4.587  -5.385  1.00 13.63 ? 885  LEU A O   1 
ATOM   680  C CB  . LEU A 1 87  ? 9.244   -6.454  -2.598  1.00 13.89 ? 885  LEU A CB  1 
ATOM   681  C CG  . LEU A 1 87  ? 10.193  -7.037  -1.536  1.00 14.95 ? 885  LEU A CG  1 
ATOM   682  C CD1 . LEU A 1 87  ? 9.494   -7.114  -0.180  1.00 16.13 ? 885  LEU A CD1 1 
ATOM   683  C CD2 . LEU A 1 87  ? 10.707  -8.388  -1.974  1.00 16.73 ? 885  LEU A CD2 1 
ATOM   684  N N   . ASP A 1 88  ? 7.787   -6.543  -5.237  1.00 14.52 ? 886  ASP A N   1 
ATOM   685  C CA  . ASP A 1 88  ? 6.652   -6.133  -6.057  1.00 14.58 ? 886  ASP A CA  1 
ATOM   686  C C   . ASP A 1 88  ? 5.459   -5.762  -5.176  1.00 12.93 ? 886  ASP A C   1 
ATOM   687  O O   . ASP A 1 88  ? 4.908   -6.632  -4.505  1.00 15.38 ? 886  ASP A O   1 
ATOM   688  C CB  . ASP A 1 88  ? 6.245   -7.262  -7.005  1.00 15.34 ? 886  ASP A CB  1 
ATOM   689  C CG  . ASP A 1 88  ? 5.101   -6.977  -7.934  1.00 15.47 ? 886  ASP A CG  1 
ATOM   690  O OD1 . ASP A 1 88  ? 4.515   -5.929  -7.914  1.00 15.38 ? 886  ASP A OD1 1 
ATOM   691  O OD2 . ASP A 1 88  ? 4.791   -7.924  -8.725  1.00 21.92 ? 886  ASP A OD2 1 
ATOM   692  N N   . PHE A 1 89  ? 5.151   -4.480  -5.150  1.00 12.85 ? 887  PHE A N   1 
ATOM   693  C CA  . PHE A 1 89  ? 4.039   -3.918  -4.393  1.00 12.87 ? 887  PHE A CA  1 
ATOM   694  C C   . PHE A 1 89  ? 2.801   -3.619  -5.243  1.00 12.74 ? 887  PHE A C   1 
ATOM   695  O O   . PHE A 1 89  ? 1.860   -2.988  -4.725  1.00 13.97 ? 887  PHE A O   1 
ATOM   696  C CB  . PHE A 1 89  ? 4.481   -2.655  -3.664  1.00 13.14 ? 887  PHE A CB  1 
ATOM   697  C CG  . PHE A 1 89  ? 5.605   -2.888  -2.703  1.00 12.80 ? 887  PHE A CG  1 
ATOM   698  C CD1 . PHE A 1 89  ? 5.346   -3.449  -1.460  1.00 14.48 ? 887  PHE A CD1 1 
ATOM   699  C CD2 . PHE A 1 89  ? 6.930   -2.648  -3.062  1.00 14.21 ? 887  PHE A CD2 1 
ATOM   700  C CE1 . PHE A 1 89  ? 6.381   -3.714  -0.593  1.00 14.71 ? 887  PHE A CE1 1 
ATOM   701  C CE2 . PHE A 1 89  ? 7.955   -2.899  -2.163  1.00 14.30 ? 887  PHE A CE2 1 
ATOM   702  C CZ  . PHE A 1 89  ? 7.678   -3.433  -0.949  1.00 14.02 ? 887  PHE A CZ  1 
ATOM   703  N N   . SER A 1 90  ? 2.764   -4.045  -6.502  1.00 13.79 ? 888  SER A N   1 
ATOM   704  C CA  . SER A 1 90  ? 1.665   -3.692  -7.399  1.00 13.47 ? 888  SER A CA  1 
ATOM   705  C C   . SER A 1 90  ? 0.344   -4.354  -7.017  1.00 13.71 ? 888  SER A C   1 
ATOM   706  O O   . SER A 1 90  ? -0.701  -3.851  -7.463  1.00 13.88 ? 888  SER A O   1 
ATOM   707  C CB  . SER A 1 90  ? 2.021   -4.026  -8.843  1.00 15.11 ? 888  SER A CB  1 
ATOM   708  O OG  . SER A 1 90  ? 2.176   -5.401  -9.044  1.00 15.72 ? 888  SER A OG  1 
ATOM   709  N N   . LYS A 1 91  ? 0.398   -5.427  -6.231  1.00 13.88 ? 889  LYS A N   1 
ATOM   710  C CA  . LYS A 1 91  ? -0.791  -6.120  -5.773  1.00 14.40 ? 889  LYS A CA  1 
ATOM   711  C C   . LYS A 1 91  ? -0.726  -6.208  -4.269  1.00 14.56 ? 889  LYS A C   1 
ATOM   712  O O   . LYS A 1 91  ? -0.501  -7.293  -3.705  1.00 17.59 ? 889  LYS A O   1 
ATOM   713  C CB  . LYS A 1 91  ? -0.948  -7.507  -6.427  1.00 16.17 ? 889  LYS A CB  1 
ATOM   714  C CG  . LYS A 1 91  ? -1.171  -7.479  -7.932  1.00 18.11 ? 889  LYS A CG  1 
ATOM   715  C CD  . LYS A 1 91  ? -1.316  -8.876  -8.556  1.00 23.34 ? 889  LYS A CD  1 
ATOM   716  C CE  . LYS A 1 91  ? -1.846  -8.850  -9.961  1.00 27.63 ? 889  LYS A CE  1 
ATOM   717  N NZ  . LYS A 1 91  ? -1.910  -10.215 -10.511 1.00 32.96 ? 889  LYS A NZ  1 
ATOM   718  N N   . PRO A 1 92  ? -0.890  -5.085  -3.581  1.00 13.33 ? 890  PRO A N   1 
ATOM   719  C CA  . PRO A 1 92  ? -0.608  -5.091  -2.144  1.00 12.93 ? 890  PRO A CA  1 
ATOM   720  C C   . PRO A 1 92  ? -1.679  -5.777  -1.329  1.00 14.42 ? 890  PRO A C   1 
ATOM   721  O O   . PRO A 1 92  ? -2.835  -5.897  -1.788  1.00 15.22 ? 890  PRO A O   1 
ATOM   722  C CB  . PRO A 1 92  ? -0.568  -3.586  -1.843  1.00 14.29 ? 890  PRO A CB  1 
ATOM   723  C CG  . PRO A 1 92  ? -1.595  -2.993  -2.809  1.00 14.08 ? 890  PRO A CG  1 
ATOM   724  C CD  . PRO A 1 92  ? -1.320  -3.786  -4.080  1.00 14.10 ? 890  PRO A CD  1 
ATOM   725  N N   . ARG A 1 93  ? -1.306  -6.229  -0.136  1.00 13.30 ? 891  ARG A N   1 
ATOM   726  C CA  . ARG A 1 93  ? -2.271  -6.848  0.754   1.00 13.34 ? 891  ARG A CA  1 
ATOM   727  C C   . ARG A 1 93  ? -2.478  -6.065  2.044   1.00 13.80 ? 891  ARG A C   1 
ATOM   728  O O   . ARG A 1 93  ? -3.391  -6.403  2.822   1.00 13.87 ? 891  ARG A O   1 
ATOM   729  C CB  . ARG A 1 93  ? -1.889  -8.267  1.124   1.00 14.38 ? 891  ARG A CB  1 
ATOM   730  C CG  . ARG A 1 93  ? -1.868  -9.204  -0.088  1.00 14.82 ? 891  ARG A CG  1 
ATOM   731  C CD  . ARG A 1 93  ? -1.790  -10.648 0.331   1.00 16.48 ? 891  ARG A CD  1 
ATOM   732  N NE  . ARG A 1 93  ? -3.000  -11.156 0.944   1.00 18.09 ? 891  ARG A NE  1 
ATOM   733  C CZ  . ARG A 1 93  ? -4.095  -11.544 0.273   1.00 20.66 ? 891  ARG A CZ  1 
ATOM   734  N NH1 . ARG A 1 93  ? -5.122  -11.998 0.964   1.00 23.70 ? 891  ARG A NH1 1 
ATOM   735  N NH2 . ARG A 1 93  ? -4.152  -11.416 -1.038  1.00 21.66 ? 891  ARG A NH2 1 
ATOM   736  N N   . SER A 1 94  ? -1.702  -5.000  2.300   1.00 13.26 ? 892  SER A N   1 
ATOM   737  C CA  . SER A 1 94  ? -1.849  -4.185  3.514   1.00 12.88 ? 892  SER A CA  1 
ATOM   738  C C   . SER A 1 94  ? -1.228  -2.832  3.235   1.00 12.88 ? 892  SER A C   1 
ATOM   739  O O   . SER A 1 94  ? -0.439  -2.682  2.289   1.00 12.79 ? 892  SER A O   1 
ATOM   740  C CB  . SER A 1 94  ? -1.309  -4.857  4.735   1.00 12.64 ? 892  SER A CB  1 
ATOM   741  O OG  . SER A 1 94  ? 0.055   -5.291  4.559   1.00 12.89 ? 892  SER A OG  1 
ATOM   742  N N   . MET A 1 95  ? -1.561  -1.845  4.046   1.00 12.46 ? 893  MET A N   1 
ATOM   743  C CA  . MET A 1 95  ? -1.265  -0.451  3.750   1.00 11.77 ? 893  MET A CA  1 
ATOM   744  C C   . MET A 1 95  ? -1.256  0.399   5.005   1.00 12.40 ? 893  MET A C   1 
ATOM   745  O O   . MET A 1 95  ? -2.050  0.159   5.910   1.00 12.87 ? 893  MET A O   1 
ATOM   746  C CB  . MET A 1 95  ? -2.309  0.105   2.773   1.00 12.97 ? 893  MET A CB  1 
ATOM   747  C CG  . MET A 1 95  ? -2.133  1.523   2.358   1.00 12.82 ? 893  MET A CG  1 
ATOM   748  S SD  . MET A 1 95  ? -3.259  1.877   0.938   1.00 13.87 ? 893  MET A SD  1 
ATOM   749  C CE  . MET A 1 95  ? -3.674  3.600   1.160   1.00 16.01 ? 893  MET A CE  1 
ATOM   750  N N   . ARG A 1 96  ? -0.422  1.430   5.021   1.00 12.87 ? 894  ARG A N   1 
ATOM   751  C CA  . ARG A 1 96  ? -0.445  2.445   6.062   1.00 13.42 ? 894  ARG A CA  1 
ATOM   752  C C   . ARG A 1 96  ? -0.204  3.786   5.407   1.00 13.52 ? 894  ARG A C   1 
ATOM   753  O O   . ARG A 1 96  ? 0.549   3.880   4.441   1.00 14.40 ? 894  ARG A O   1 
ATOM   754  C CB  . ARG A 1 96  ? 0.613   2.164   7.138   1.00 13.55 ? 894  ARG A CB  1 
ATOM   755  C CG  . ARG A 1 96  ? 0.772   3.287   8.177   1.00 14.29 ? 894  ARG A CG  1 
ATOM   756  C CD  . ARG A 1 96  ? 1.796   2.953   9.268   1.00 15.64 ? 894  ARG A CD  1 
ATOM   757  N NE  . ARG A 1 96  ? 1.473   1.847   10.113  1.00 15.52 ? 894  ARG A NE  1 
ATOM   758  C CZ  . ARG A 1 96  ? 0.767   1.912   11.219  1.00 15.71 ? 894  ARG A CZ  1 
ATOM   759  N NH1 . ARG A 1 96  ? 0.835   0.917   12.087  1.00 17.02 ? 894  ARG A NH1 1 
ATOM   760  N NH2 . ARG A 1 96  ? 0.102   3.011   11.488  1.00 17.04 ? 894  ARG A NH2 1 
ATOM   761  N N   . VAL A 1 97  ? -0.787  4.868   5.941   1.00 14.35 ? 895  VAL A N   1 
ATOM   762  C CA  . VAL A 1 97  ? -0.515  6.199   5.453   1.00 14.06 ? 895  VAL A CA  1 
ATOM   763  C C   . VAL A 1 97  ? 0.110   7.058   6.539   1.00 14.18 ? 895  VAL A C   1 
ATOM   764  O O   . VAL A 1 97  ? -0.390  7.000   7.667   1.00 16.41 ? 895  VAL A O   1 
ATOM   765  C CB  . VAL A 1 97  ? -1.791  6.835   4.851   1.00 14.04 ? 895  VAL A CB  1 
ATOM   766  C CG1 . VAL A 1 97  ? -1.516  8.216   4.293   1.00 15.18 ? 895  VAL A CG1 1 
ATOM   767  C CG2 . VAL A 1 97  ? -2.343  5.911   3.752   1.00 14.37 ? 895  VAL A CG2 1 
ATOM   768  N N   . VAL A 1 98  ? 1.157   7.783   6.171   1.00 14.08 ? 896  VAL A N   1 
ATOM   769  C CA  . VAL A 1 98  ? 1.884   8.660   7.103   1.00 14.50 ? 896  VAL A CA  1 
ATOM   770  C C   . VAL A 1 98  ? 2.067   10.014  6.437   1.00 16.21 ? 896  VAL A C   1 
ATOM   771  O O   . VAL A 1 98  ? 1.941   10.213  5.233   1.00 17.18 ? 896  VAL A O   1 
ATOM   772  C CB  . VAL A 1 98  ? 3.241   8.018   7.483   1.00 14.98 ? 896  VAL A CB  1 
ATOM   773  C CG1 . VAL A 1 98  ? 3.077   6.692   8.197   1.00 15.30 ? 896  VAL A CG1 1 
ATOM   774  C CG2 . VAL A 1 98  ? 4.168   7.867   6.287   1.00 15.67 ? 896  VAL A CG2 1 
ATOM   775  N N   . TYR A 1 99  ? 2.539   10.993  7.250   1.00 17.66 ? 897  TYR A N   1 
ATOM   776  C CA  . TYR A 1 99  ? 2.926   12.247  6.641   1.00 19.46 ? 897  TYR A CA  1 
ATOM   777  C C   . TYR A 1 99  ? 4.212   12.072  5.860   1.00 19.29 ? 897  TYR A C   1 
ATOM   778  O O   . TYR A 1 99  ? 5.169   11.471  6.330   1.00 18.61 ? 897  TYR A O   1 
ATOM   779  C CB  . TYR A 1 99  ? 3.240   13.325  7.695   1.00 22.52 ? 897  TYR A CB  1 
ATOM   780  C CG  . TYR A 1 99  ? 2.010   13.923  8.312   1.00 22.71 ? 897  TYR A CG  1 
ATOM   781  C CD1 . TYR A 1 99  ? 1.158   14.681  7.532   1.00 27.45 ? 897  TYR A CD1 1 
ATOM   782  C CD2 . TYR A 1 99  ? 1.696   13.735  9.640   1.00 24.96 ? 897  TYR A CD2 1 
ATOM   783  C CE1 . TYR A 1 99  ? 0.021   15.263  8.066   1.00 31.22 ? 897  TYR A CE1 1 
ATOM   784  C CE2 . TYR A 1 99  ? 0.571   14.326  10.203  1.00 27.80 ? 897  TYR A CE2 1 
ATOM   785  C CZ  . TYR A 1 99  ? -0.271  15.078  9.400   1.00 30.21 ? 897  TYR A CZ  1 
ATOM   786  O OH  . TYR A 1 99  ? -1.417  15.708  9.845   1.00 37.31 ? 897  TYR A OH  1 
ATOM   787  N N   . LYS A 1 100 ? 4.260   12.654  4.674   1.00 19.64 ? 898  LYS A N   1 
ATOM   788  C CA  . LYS A 1 100 ? 5.439   12.748  3.868   1.00 22.80 ? 898  LYS A CA  1 
ATOM   789  C C   . LYS A 1 100 ? 6.449   13.682  4.561   1.00 23.35 ? 898  LYS A C   1 
ATOM   790  O O   . LYS A 1 100 ? 7.615   13.361  4.293   1.00 26.54 ? 898  LYS A O   1 
ATOM   791  C CB  . LYS A 1 100 ? 4.989   13.284  2.497   1.00 30.40 ? 898  LYS A CB  1 
ATOM   792  C CG  . LYS A 1 100 ? 5.977   13.127  1.367   1.00 37.11 ? 898  LYS A CG  1 
ATOM   793  C CD  . LYS A 1 100 ? 5.487   13.764  0.088   1.00 37.79 ? 898  LYS A CD  1 
ATOM   794  C CE  . LYS A 1 100 ? 5.404   15.264  0.212   1.00 44.54 ? 898  LYS A CE  1 
ATOM   795  N NZ  . LYS A 1 100 ? 5.401   15.906  -1.122  1.00 48.11 ? 898  LYS A NZ  1 
ATOM   796  C C   . ALA B 2 3   ? 14.001  -7.375  13.942  1.00 62.95 ? 3    ALA M C   1 
ATOM   797  O O   . ALA B 2 3   ? 14.023  -8.599  13.827  1.00 74.03 ? 3    ALA M O   1 
ATOM   798  N N   . PRO B 2 4   ? 13.462  -6.732  14.995  1.00 60.85 ? 4    PRO M N   1 
ATOM   799  C CA  . PRO B 2 4   ? 12.863  -7.364  16.207  1.00 59.47 ? 4    PRO M CA  1 
ATOM   800  C C   . PRO B 2 4   ? 11.470  -7.132  16.322  1.00 48.84 ? 4    PRO M C   1 
ATOM   801  O O   . PRO B 2 4   ? 10.663  -8.038  16.225  1.00 38.70 ? 4    PRO M O   1 
ATOM   802  C CB  . PRO B 2 4   ? 13.641  -6.642  17.341  1.00 65.33 ? 4    PRO M CB  1 
ATOM   803  C CG  . PRO B 2 4   ? 14.105  -5.266  16.683  1.00 65.18 ? 4    PRO M CG  1 
ATOM   804  C CD  . PRO B 2 4   ? 13.537  -5.252  15.197  1.00 61.44 ? 4    PRO M CD  1 
ATOM   805  N N   . THR B 2 5   ? 11.132  -5.838  16.508  1.00 39.91 ? 5    THR M N   1 
ATOM   806  C CA  . THR B 2 5   ? 9.812   -5.321  16.788  1.00 35.01 ? 5    THR M CA  1 
ATOM   807  C C   . THR B 2 5   ? 9.173   -4.960  15.419  1.00 32.40 ? 5    THR M C   1 
ATOM   808  O O   . THR B 2 5   ? 8.702   -3.866  15.201  1.00 29.61 ? 5    THR M O   1 
ATOM   809  C CB  . THR B 2 5   ? 10.095  -4.169  17.777  1.00 34.19 ? 5    THR M CB  1 
ATOM   810  O OG1 . THR B 2 5   ? 11.293  -3.428  17.347  1.00 33.15 ? 5    THR M OG1 1 
ATOM   811  C CG2 . THR B 2 5   ? 10.515  -4.809  19.142  1.00 32.84 ? 5    THR M CG2 1 
ATOM   812  N N   . THR B 2 6   ? 9.130   -6.000  14.612  1.00 26.46 ? 6    THR M N   1 
ATOM   813  C CA  . THR B 2 6   ? 8.481   -6.036  13.258  1.00 21.30 ? 6    THR M CA  1 
ATOM   814  C C   . THR B 2 6   ? 7.154   -6.752  13.457  1.00 19.74 ? 6    THR M C   1 
ATOM   815  O O   . THR B 2 6   ? 7.033   -7.762  14.160  1.00 20.63 ? 6    THR M O   1 
ATOM   816  C CB  . THR B 2 6   ? 9.294   -6.755  12.164  1.00 22.18 ? 6    THR M CB  1 
ATOM   817  O OG1 . THR B 2 6   ? 9.828   -7.940  12.760  1.00 20.52 ? 6    THR M OG1 1 
ATOM   818  C CG2 . THR B 2 6   ? 10.440  -5.844  11.702  1.00 25.58 ? 6    THR M CG2 1 
ATOM   819  N N   . SER B 2 7   ? 6.175   -6.377  12.610  1.00 16.50 ? 7    SER M N   1 
ATOM   820  C CA  . SER B 2 7   ? 4.903   -7.096  12.526  1.00 15.67 ? 7    SER M CA  1 
ATOM   821  C C   . SER B 2 7   ? 5.120   -8.427  11.829  1.00 15.02 ? 7    SER M C   1 
ATOM   822  O O   . SER B 2 7   ? 6.095   -8.579  11.079  1.00 15.51 ? 7    SER M O   1 
ATOM   823  C CB  . SER B 2 7   ? 3.920   -6.313  11.656  1.00 14.42 ? 7    SER M CB  1 
ATOM   824  O OG  . SER B 2 7   ? 3.693   -5.034  12.274  1.00 14.56 ? 7    SER M OG  1 
ATOM   825  N N   . THR B 2 8   ? 4.238   -9.356  12.109  1.00 15.59 ? 8    THR M N   1 
ATOM   826  C CA  . THR B 2 8   ? 4.304   -10.718 11.583  1.00 16.33 ? 8    THR M CA  1 
ATOM   827  C C   . THR B 2 8   ? 2.917   -11.101 11.050  1.00 16.07 ? 8    THR M C   1 
ATOM   828  O O   . THR B 2 8   ? 1.928   -10.358 11.183  1.00 16.58 ? 8    THR M O   1 
ATOM   829  C CB  . THR B 2 8   ? 4.834   -11.735 12.641  1.00 18.72 ? 8    THR M CB  1 
ATOM   830  O OG1 . THR B 2 8   ? 3.960   -11.599 13.760  1.00 19.82 ? 8    THR M OG1 1 
ATOM   831  C CG2 . THR B 2 8   ? 6.238   -11.336 13.062  1.00 18.74 ? 8    THR M CG2 1 
ATOM   832  N N   . THR B 2 9   ? 2.856   -12.323 10.448  1.00 15.70 ? 9    THR M N   1 
ATOM   833  C CA  . THR B 2 9   ? 1.578   -12.910 10.038  1.00 16.00 ? 9    THR M CA  1 
ATOM   834  C C   . THR B 2 9   ? 1.456   -14.290 10.760  1.00 17.15 ? 9    THR M C   1 
ATOM   835  O O   . THR B 2 9   ? 2.457   -14.818 11.222  1.00 18.35 ? 9    THR M O   1 
ATOM   836  C CB  . THR B 2 9   ? 1.500   -13.042 8.540   1.00 15.70 ? 9    THR M CB  1 
ATOM   837  O OG1 . THR B 2 9   ? 2.511   -13.872 8.030   1.00 16.11 ? 9    THR M OG1 1 
ATOM   838  C CG2 . THR B 2 9   ? 1.571   -11.635 7.863   1.00 16.08 ? 9    THR M CG2 1 
ATOM   839  N N   . SER B 2 10  ? 0.235   -14.800 10.625  1.00 19.24 ? 10   SER M N   1 
ATOM   840  C CA  . SER B 2 10  ? -0.095  -16.147 11.130  1.00 21.33 ? 10   SER M CA  1 
ATOM   841  C C   . SER B 2 10  ? -0.169  -17.076 9.952   1.00 20.19 ? 10   SER M C   1 
ATOM   842  O O   . SER B 2 10  ? -0.632  -16.707 8.853   1.00 19.73 ? 10   SER M O   1 
ATOM   843  C CB  . SER B 2 10  ? -1.506  -16.040 11.780  1.00 24.67 ? 10   SER M CB  1 
ATOM   844  O OG  . SER B 2 10  ? -1.985  -17.371 12.181  1.00 32.05 ? 10   SER M OG  1 
ATOM   845  N N   . ALA B 2 11  ? 0.295   -18.334 10.121  1.00 22.62 ? 11   ALA M N   1 
ATOM   846  C CA  . ALA B 2 11  ? -0.004  -19.314 9.103   1.00 23.72 ? 11   ALA M CA  1 
ATOM   847  C C   . ALA B 2 11  ? -1.523  -19.613 9.094   1.00 23.40 ? 11   ALA M C   1 
ATOM   848  O O   . ALA B 2 11  ? -2.274  -19.295 10.049  1.00 23.62 ? 11   ALA M O   1 
ATOM   849  C CB  . ALA B 2 11  ? 0.755   -20.642 9.410   1.00 25.30 ? 11   ALA M CB  1 
ATOM   850  N N   . PRO B 2 12  ? -2.025  -20.093 7.990   1.00 20.78 ? 12   PRO M N   1 
ATOM   851  C CA  . PRO B 2 12  ? -3.489  -20.381 7.880   1.00 25.04 ? 12   PRO M CA  1 
ATOM   852  C C   . PRO B 2 12  ? -3.975  -21.236 8.946   1.00 26.24 ? 12   PRO M C   1 
ATOM   853  O O   . PRO B 2 12  ? -3.313  -22.173 9.450   1.00 25.91 ? 12   PRO M O   1 
ATOM   854  C CB  . PRO B 2 12  ? -3.690  -21.056 6.489   1.00 26.24 ? 12   PRO M CB  1 
ATOM   855  C CG  . PRO B 2 12  ? -2.459  -20.593 5.689   1.00 24.93 ? 12   PRO M CG  1 
ATOM   856  C CD  . PRO B 2 12  ? -1.353  -20.532 6.722   1.00 23.37 ? 12   PRO M CD  1 
ATOM   857  N N   . LYS B 2 13  ? -5.151  -20.862 9.442   1.00 28.17 ? 13   LYS M N   1 
ATOM   858  C CA  . LYS B 2 13  ? -5.793  -21.624 10.537  1.00 36.90 ? 13   LYS M CA  1 
ATOM   859  C C   . LYS B 2 13  ? -7.185  -22.095 10.112  1.00 41.91 ? 13   LYS M C   1 
ATOM   860  O O   . LYS B 2 13  ? -7.703  -21.501 9.160   1.00 47.02 ? 13   LYS M O   1 
ATOM   861  C CB  . LYS B 2 13  ? -5.937  -20.751 11.794  1.00 41.34 ? 13   LYS M CB  1 
ATOM   862  C CG  . LYS B 2 13  ? -4.635  -20.697 12.621  1.00 50.44 ? 13   LYS M CG  1 
ATOM   863  C CD  . LYS B 2 13  ? -4.937  -20.949 14.114  1.00 56.15 ? 13   LYS M CD  1 
ATOM   864  C CE  . LYS B 2 13  ? -4.759  -22.450 14.458  1.00 61.94 ? 13   LYS M CE  1 
ATOM   865  N NZ  . LYS B 2 13  ? -5.847  -23.030 15.288  1.00 61.68 ? 13   LYS M NZ  1 
ATOM   866  O OXT . LYS B 2 13  ? -7.725  -23.035 10.777  1.00 46.73 ? 13   LYS M OXT 1 
HETATM 867  C C1  . GOL C 3 .   ? 1.601   -0.131  15.849  1.00 23.86 ? 901  GOL A C1  1 
HETATM 868  O O1  . GOL C 3 .   ? 1.997   -0.862  17.006  1.00 45.16 ? 901  GOL A O1  1 
HETATM 869  C C2  . GOL C 3 .   ? 0.127   0.180   15.840  1.00 18.65 ? 901  GOL A C2  1 
HETATM 870  O O2  . GOL C 3 .   ? -0.702  -0.964  15.564  1.00 29.24 ? 901  GOL A O2  1 
HETATM 871  C C3  . GOL C 3 .   ? -0.248  1.264   14.872  1.00 30.04 ? 901  GOL A C3  1 
HETATM 872  O O3  . GOL C 3 .   ? -1.587  1.109   14.414  1.00 43.29 ? 901  GOL A O3  1 
HETATM 873  C C1  . GOL D 3 .   ? 14.803  1.469   2.971   1.00 49.22 ? 902  GOL A C1  1 
HETATM 874  O O1  . GOL D 3 .   ? 15.328  0.147   2.921   1.00 53.49 ? 902  GOL A O1  1 
HETATM 875  C C2  . GOL D 3 .   ? 13.986  1.794   1.738   1.00 49.61 ? 902  GOL A C2  1 
HETATM 876  O O2  . GOL D 3 .   ? 12.955  0.832   1.534   1.00 40.48 ? 902  GOL A O2  1 
HETATM 877  C C3  . GOL D 3 .   ? 13.325  3.144   1.806   1.00 50.08 ? 902  GOL A C3  1 
HETATM 878  O O3  . GOL D 3 .   ? 11.914  2.991   1.816   1.00 42.32 ? 902  GOL A O3  1 
HETATM 879  C C1  . GOL E 3 .   ? 8.714   -18.907 4.035   1.00 24.18 ? 903  GOL A C1  1 
HETATM 880  O O1  . GOL E 3 .   ? 8.089   -19.167 5.287   1.00 22.63 ? 903  GOL A O1  1 
HETATM 881  C C2  . GOL E 3 .   ? 8.740   -17.437 3.714   1.00 24.73 ? 903  GOL A C2  1 
HETATM 882  O O2  . GOL E 3 .   ? 9.426   -16.739 4.748   1.00 25.60 ? 903  GOL A O2  1 
HETATM 883  C C3  . GOL E 3 .   ? 9.396   -17.170 2.377   1.00 27.08 ? 903  GOL A C3  1 
HETATM 884  O O3  . GOL E 3 .   ? 9.237   -15.822 1.946   1.00 30.75 ? 903  GOL A O3  1 
HETATM 885  O O5  . A2G F 4 .   ? 10.899  -1.565  18.559  1.00 25.63 ? 101  A2G M O5  1 
HETATM 886  C C1  . A2G F 4 .   ? 10.918  -2.091  17.208  1.00 28.34 ? 101  A2G M C1  1 
HETATM 887  C C2  . A2G F 4 .   ? 11.875  -1.280  16.329  1.00 30.08 ? 101  A2G M C2  1 
HETATM 888  N N2  . A2G F 4 .   ? 11.939  -1.933  14.993  1.00 33.83 ? 101  A2G M N2  1 
HETATM 889  C C3  . A2G F 4 .   ? 13.280  -1.163  17.032  1.00 27.24 ? 101  A2G M C3  1 
HETATM 890  O O3  . A2G F 4 .   ? 14.129  -0.353  16.219  1.00 34.67 ? 101  A2G M O3  1 
HETATM 891  C C4  . A2G F 4 .   ? 13.133  -0.620  18.479  1.00 27.18 ? 101  A2G M C4  1 
HETATM 892  O O4  . A2G F 4 .   ? 12.469  0.668   18.442  1.00 27.18 ? 101  A2G M O4  1 
HETATM 893  C C5  . A2G F 4 .   ? 12.204  -1.543  19.204  1.00 24.67 ? 101  A2G M C5  1 
HETATM 894  C C6  . A2G F 4 .   ? 12.068  -1.180  20.669  1.00 26.36 ? 101  A2G M C6  1 
HETATM 895  O O6  . A2G F 4 .   ? 13.319  -1.359  21.286  1.00 22.73 ? 101  A2G M O6  1 
HETATM 896  C C7  . A2G F 4 .   ? 11.103  -1.610  13.958  1.00 35.87 ? 101  A2G M C7  1 
HETATM 897  O O7  . A2G F 4 .   ? 10.247  -0.725  14.014  1.00 30.76 ? 101  A2G M O7  1 
HETATM 898  C C8  . A2G F 4 .   ? 11.297  -2.435  12.662  1.00 32.99 ? 101  A2G M C8  1 
HETATM 899  O O5  . A2G G 4 .   ? 10.104  -9.249  10.952  1.00 23.47 ? 102  A2G M O5  1 
HETATM 900  C C1  . A2G G 4 .   ? 9.488   -9.092  12.288  1.00 23.32 ? 102  A2G M C1  1 
HETATM 901  C C2  . A2G G 4 .   ? 9.812   -10.287 13.207  1.00 23.16 ? 102  A2G M C2  1 
HETATM 902  N N2  . A2G G 4 .   ? 9.232   -9.992  14.499  1.00 26.97 ? 102  A2G M N2  1 
HETATM 903  C C3  . A2G G 4 .   ? 11.358  -10.436 13.193  1.00 26.27 ? 102  A2G M C3  1 
HETATM 904  O O3  . A2G G 4 .   ? 11.698  -11.616 13.909  1.00 32.80 ? 102  A2G M O3  1 
HETATM 905  C C4  . A2G G 4 .   ? 11.970  -10.557 11.778  1.00 28.46 ? 102  A2G M C4  1 
HETATM 906  O O4  . A2G G 4 .   ? 11.499  -11.788 11.149  1.00 31.17 ? 102  A2G M O4  1 
HETATM 907  C C5  . A2G G 4 .   ? 11.589  -9.307  11.006  1.00 25.73 ? 102  A2G M C5  1 
HETATM 908  C C6  . A2G G 4 .   ? 12.001  -9.346  9.553   1.00 26.95 ? 102  A2G M C6  1 
HETATM 909  O O6  . A2G G 4 .   ? 13.467  -9.274  9.481   1.00 32.59 ? 102  A2G M O6  1 
HETATM 910  C C7  . A2G G 4 .   ? 8.761   -10.957 15.284  1.00 28.35 ? 102  A2G M C7  1 
HETATM 911  O O7  . A2G G 4 .   ? 8.793   -12.167 14.996  1.00 31.66 ? 102  A2G M O7  1 
HETATM 912  C C8  . A2G G 4 .   ? 8.104   -10.420 16.528  1.00 29.65 ? 102  A2G M C8  1 
HETATM 913  O O5  . A2G H 4 .   ? 1.326   -4.986  12.438  1.00 15.14 ? 103  A2G M O5  1 
HETATM 914  C C1  . A2G H 4 .   ? 2.511   -4.463  11.830  1.00 14.88 ? 103  A2G M C1  1 
HETATM 915  C C2  . A2G H 4 .   ? 2.586   -2.979  11.990  1.00 15.12 ? 103  A2G M C2  1 
HETATM 916  N N2  . A2G H 4 .   ? 3.802   -2.435  11.378  1.00 14.14 ? 103  A2G M N2  1 
HETATM 917  C C3  . A2G H 4 .   ? 2.529   -2.606  13.532  1.00 15.51 ? 103  A2G M C3  1 
HETATM 918  O O3  . A2G H 4 .   ? 2.518   -1.153  13.640  1.00 16.53 ? 103  A2G M O3  1 
HETATM 919  C C4  . A2G H 4 .   ? 1.303   -3.249  14.139  1.00 15.00 ? 103  A2G M C4  1 
HETATM 920  O O4  . A2G H 4 .   ? 0.109   -2.625  13.620  1.00 16.51 ? 103  A2G M O4  1 
HETATM 921  C C5  . A2G H 4 .   ? 1.323   -4.716  13.882  1.00 14.85 ? 103  A2G M C5  1 
HETATM 922  C C6  . A2G H 4 .   ? 0.094   -5.495  14.398  1.00 15.73 ? 103  A2G M C6  1 
HETATM 923  O O6  . A2G H 4 .   ? 0.275   -6.911  14.319  1.00 17.24 ? 103  A2G M O6  1 
HETATM 924  C C7  . A2G H 4 .   ? 3.755   -1.338  10.588  1.00 15.12 ? 103  A2G M C7  1 
HETATM 925  O O7  . A2G H 4 .   ? 2.710   -0.708  10.388  1.00 16.58 ? 103  A2G M O7  1 
HETATM 926  C C8  . A2G H 4 .   ? 5.064   -0.930  9.994   1.00 16.94 ? 103  A2G M C8  1 
HETATM 927  O O5  . A2G I 4 .   ? 4.280   -13.727 14.753  1.00 25.04 ? 104  A2G M O5  1 
HETATM 928  C C1  . A2G I 4 .   ? 3.328   -12.822 14.137  1.00 22.48 ? 104  A2G M C1  1 
HETATM 929  C C2  . A2G I 4 .   ? 2.236   -12.407 15.170  1.00 24.99 ? 104  A2G M C2  1 
HETATM 930  N N2  . A2G I 4 .   ? 1.307   -11.422 14.564  1.00 21.32 ? 104  A2G M N2  1 
HETATM 931  C C3  . A2G I 4 .   ? 2.882   -11.828 16.418  1.00 26.65 ? 104  A2G M C3  1 
HETATM 932  O O3  . A2G I 4 .   ? 1.819   -11.567 17.390  1.00 28.02 ? 104  A2G M O3  1 
HETATM 933  C C4  . A2G I 4 .   ? 3.938   -12.751 16.978  1.00 27.34 ? 104  A2G M C4  1 
HETATM 934  O O4  . A2G I 4 .   ? 3.257   -13.978 17.426  1.00 29.73 ? 104  A2G M O4  1 
HETATM 935  C C5  . A2G I 4 .   ? 4.952   -13.101 15.870  1.00 26.08 ? 104  A2G M C5  1 
HETATM 936  C C6  . A2G I 4 .   ? 5.932   -14.193 16.317  1.00 29.70 ? 104  A2G M C6  1 
HETATM 937  O O6  . A2G I 4 .   ? 7.097   -14.172 15.557  1.00 34.80 ? 104  A2G M O6  1 
HETATM 938  C C7  . A2G I 4 .   ? 0.131   -11.754 14.128  1.00 22.33 ? 104  A2G M C7  1 
HETATM 939  O O7  . A2G I 4 .   ? -0.279  -12.938 14.076  1.00 26.74 ? 104  A2G M O7  1 
HETATM 940  C C8  . A2G I 4 .   ? -0.723  -10.668 13.605  1.00 22.84 ? 104  A2G M C8  1 
HETATM 941  O O5  . A2G J 4 .   ? 1.491   -14.528 6.011   1.00 16.19 ? 105  A2G M O5  1 
HETATM 942  C C1  . A2G J 4 .   ? 2.029   -14.956 7.282   1.00 15.81 ? 105  A2G M C1  1 
HETATM 943  C C2  . A2G J 4 .   ? 3.145   -15.953 7.100   1.00 16.36 ? 105  A2G M C2  1 
HETATM 944  N N2  . A2G J 4 .   ? 3.755   -16.297 8.390   1.00 19.00 ? 105  A2G M N2  1 
HETATM 945  C C3  . A2G J 4 .   ? 4.228   -15.389 6.165   1.00 16.19 ? 105  A2G M C3  1 
HETATM 946  O O3  . A2G J 4 .   ? 5.246   -16.365 5.913   1.00 18.41 ? 105  A2G M O3  1 
HETATM 947  C C4  . A2G J 4 .   ? 3.595   -14.957 4.852   1.00 15.81 ? 105  A2G M C4  1 
HETATM 948  O O4  . A2G J 4 .   ? 3.018   -16.079 4.161   1.00 16.96 ? 105  A2G M O4  1 
HETATM 949  C C5  . A2G J 4 .   ? 2.473   -13.953 5.143   1.00 16.65 ? 105  A2G M C5  1 
HETATM 950  C C6  . A2G J 4 .   ? 1.705   -13.543 3.906   1.00 16.80 ? 105  A2G M C6  1 
HETATM 951  O O6  . A2G J 4 .   ? 0.728   -12.536 4.175   1.00 16.07 ? 105  A2G M O6  1 
HETATM 952  C C7  . A2G J 4 .   ? 3.696   -17.543 8.895   1.00 19.77 ? 105  A2G M C7  1 
HETATM 953  O O7  . A2G J 4 .   ? 3.217   -18.485 8.274   1.00 17.65 ? 105  A2G M O7  1 
HETATM 954  C C8  . A2G J 4 .   ? 4.283   -17.683 10.284  1.00 18.91 ? 105  A2G M C8  1 
HETATM 955  C C1  . GOL K 3 .   ? -4.249  -17.234 9.578   1.00 59.36 ? 106  GOL M C1  1 
HETATM 956  O O1  . GOL K 3 .   ? -4.360  -16.947 10.967  1.00 67.92 ? 106  GOL M O1  1 
HETATM 957  C C2  . GOL K 3 .   ? -5.336  -16.558 8.777   1.00 61.96 ? 106  GOL M C2  1 
HETATM 958  O O2  . GOL K 3 .   ? -5.885  -17.489 7.845   1.00 57.14 ? 106  GOL M O2  1 
HETATM 959  C C3  . GOL K 3 .   ? -4.849  -15.323 8.054   1.00 62.05 ? 106  GOL M C3  1 
HETATM 960  O O3  . GOL K 3 .   ? -5.934  -14.463 7.717   1.00 66.70 ? 106  GOL M O3  1 
HETATM 961  O O   . HOH L 5 .   ? -1.134  3.345   14.072  1.00 49.58 ? 1001 HOH A O   1 
HETATM 962  O O   . HOH L 5 .   ? 17.616  1.344   -5.128  1.00 21.80 ? 1002 HOH A O   1 
HETATM 963  O O   . HOH L 5 .   ? -10.560 12.024  -1.728  1.00 38.01 ? 1003 HOH A O   1 
HETATM 964  O O   . HOH L 5 .   ? -1.729  -14.167 6.408   1.00 28.14 ? 1004 HOH A O   1 
HETATM 965  O O   . HOH L 5 .   ? -6.525  -12.357 5.248   1.00 34.36 ? 1005 HOH A O   1 
HETATM 966  O O   . HOH L 5 .   ? 10.257  2.322   -12.964 1.00 34.43 ? 1006 HOH A O   1 
HETATM 967  O O   . HOH L 5 .   ? 8.772   -1.813  -11.714 1.00 30.28 ? 1007 HOH A O   1 
HETATM 968  O O   . HOH L 5 .   ? 0.777   -9.444  -3.020  1.00 25.77 ? 1008 HOH A O   1 
HETATM 969  O O   . HOH L 5 .   ? 4.736   5.713   -11.964 1.00 26.75 ? 1009 HOH A O   1 
HETATM 970  O O   . HOH L 5 .   ? -11.731 9.604   0.864   1.00 44.30 ? 1010 HOH A O   1 
HETATM 971  O O   . HOH L 5 .   ? -9.606  -9.347  3.038   1.00 30.33 ? 1011 HOH A O   1 
HETATM 972  O O   . HOH L 5 .   ? 0.864   -6.494  -11.160 1.00 32.68 ? 1012 HOH A O   1 
HETATM 973  O O   . HOH L 5 .   ? -10.166 -8.323  -4.334  1.00 32.16 ? 1013 HOH A O   1 
HETATM 974  O O   . HOH L 5 .   ? 6.602   -15.177 12.027  1.00 23.41 ? 1014 HOH A O   1 
HETATM 975  O O   . HOH L 5 .   ? -1.117  11.815  -6.254  1.00 31.47 ? 1015 HOH A O   1 
HETATM 976  O O   . HOH L 5 .   ? 10.495  2.115   -0.882  1.00 20.78 ? 1016 HOH A O   1 
HETATM 977  O O   . HOH L 5 .   ? 2.341   -7.264  -5.019  1.00 20.38 ? 1017 HOH A O   1 
HETATM 978  O O   . HOH L 5 .   ? 3.486   -7.978  -11.093 1.00 36.95 ? 1018 HOH A O   1 
HETATM 979  O O   . HOH L 5 .   ? 10.050  7.542   0.163   1.00 38.98 ? 1019 HOH A O   1 
HETATM 980  O O   . HOH L 5 .   ? 7.118   -4.986  9.295   1.00 17.80 ? 1020 HOH A O   1 
HETATM 981  O O   . HOH L 5 .   ? 11.120  -9.103  -6.692  1.00 27.78 ? 1021 HOH A O   1 
HETATM 982  O O   . HOH L 5 .   ? 2.377   12.331  -1.895  1.00 22.61 ? 1022 HOH A O   1 
HETATM 983  O O   . HOH L 5 .   ? 4.841   -11.870 -2.428  1.00 29.08 ? 1023 HOH A O   1 
HETATM 984  O O   . HOH L 5 .   ? -7.022  -4.275  -10.470 1.00 19.34 ? 1024 HOH A O   1 
HETATM 985  O O   . HOH L 5 .   ? 11.754  -9.742  5.312   1.00 18.06 ? 1025 HOH A O   1 
HETATM 986  O O   . HOH L 5 .   ? 15.039  -0.807  7.165   1.00 27.26 ? 1026 HOH A O   1 
HETATM 987  O O   . HOH L 5 .   ? -11.251 -12.596 3.532   1.00 52.35 ? 1027 HOH A O   1 
HETATM 988  O O   . HOH L 5 .   ? 8.671   -15.046 -0.635  1.00 33.46 ? 1028 HOH A O   1 
HETATM 989  O O   . HOH L 5 .   ? 19.572  -3.500  -0.225  1.00 21.95 ? 1029 HOH A O   1 
HETATM 990  O O   . HOH L 5 .   ? 9.578   6.294   6.092   1.00 22.14 ? 1030 HOH A O   1 
HETATM 991  O O   . HOH L 5 .   ? 12.334  7.292   3.308   1.00 40.00 ? 1031 HOH A O   1 
HETATM 992  O O   . HOH L 5 .   ? -8.314  -3.484  5.752   1.00 23.58 ? 1032 HOH A O   1 
HETATM 993  O O   . HOH L 5 .   ? 7.432   9.916   5.993   1.00 24.63 ? 1033 HOH A O   1 
HETATM 994  O O   . HOH L 5 .   ? 11.221  -14.143 2.921   1.00 33.46 ? 1034 HOH A O   1 
HETATM 995  O O   . HOH L 5 .   ? -9.596  8.503   3.663   1.00 32.42 ? 1035 HOH A O   1 
HETATM 996  O O   . HOH L 5 .   ? -7.844  8.466   -6.565  1.00 33.63 ? 1036 HOH A O   1 
HETATM 997  O O   . HOH L 5 .   ? 8.461   -2.614  10.377  1.00 20.44 ? 1037 HOH A O   1 
HETATM 998  O O   . HOH L 5 .   ? 7.313   -9.147  -3.984  1.00 22.90 ? 1038 HOH A O   1 
HETATM 999  O O   . HOH L 5 .   ? -7.350  -9.355  -13.032 1.00 23.38 ? 1039 HOH A O   1 
HETATM 1000 O O   . HOH L 5 .   ? 16.972  -3.853  5.871   1.00 36.81 ? 1040 HOH A O   1 
HETATM 1001 O O   . HOH L 5 .   ? -4.721  -13.240 3.547   1.00 29.49 ? 1041 HOH A O   1 
HETATM 1002 O O   . HOH L 5 .   ? 3.738   15.910  5.161   1.00 29.39 ? 1042 HOH A O   1 
HETATM 1003 O O   . HOH L 5 .   ? -3.298  -6.826  12.569  1.00 27.94 ? 1043 HOH A O   1 
HETATM 1004 O O   . HOH L 5 .   ? 8.381   -8.051  -9.964  1.00 34.80 ? 1044 HOH A O   1 
HETATM 1005 O O   . HOH L 5 .   ? 8.998   11.529  2.630   1.00 38.61 ? 1045 HOH A O   1 
HETATM 1006 O O   . HOH L 5 .   ? -2.534  6.594   -12.535 1.00 38.87 ? 1046 HOH A O   1 
HETATM 1007 O O   . HOH L 5 .   ? 15.891  -8.047  -4.276  1.00 18.07 ? 1047 HOH A O   1 
HETATM 1008 O O   . HOH L 5 .   ? 2.116   10.174  9.962   1.00 25.66 ? 1048 HOH A O   1 
HETATM 1009 O O   . HOH L 5 .   ? -6.882  18.461  0.199   1.00 36.12 ? 1049 HOH A O   1 
HETATM 1010 O O   . HOH L 5 .   ? 1.700   1.033   -14.942 1.00 31.82 ? 1050 HOH A O   1 
HETATM 1011 O O   . HOH L 5 .   ? 11.201  -11.223 -11.201 1.00 44.93 ? 1051 HOH A O   1 
HETATM 1012 O O   . HOH L 5 .   ? -7.648  -6.880  10.981  1.00 29.40 ? 1052 HOH A O   1 
HETATM 1013 O O   . HOH L 5 .   ? -4.974  12.620  9.252   1.00 41.01 ? 1053 HOH A O   1 
HETATM 1014 O O   . HOH L 5 .   ? -13.534 -7.351  3.445   1.00 29.35 ? 1054 HOH A O   1 
HETATM 1015 O O   . HOH L 5 .   ? 9.951   -0.880  -9.539  1.00 27.39 ? 1055 HOH A O   1 
HETATM 1016 O O   . HOH L 5 .   ? -0.007  5.647   10.192  1.00 16.52 ? 1056 HOH A O   1 
HETATM 1017 O O   . HOH L 5 .   ? -5.848  -6.921  -10.727 1.00 21.71 ? 1057 HOH A O   1 
HETATM 1018 O O   . HOH L 5 .   ? -8.009  2.488   -12.666 1.00 28.12 ? 1058 HOH A O   1 
HETATM 1019 O O   . HOH L 5 .   ? -1.754  -2.264  -15.742 1.00 35.68 ? 1059 HOH A O   1 
HETATM 1020 O O   . HOH L 5 .   ? 18.185  -5.796  5.259   1.00 36.72 ? 1060 HOH A O   1 
HETATM 1021 O O   . HOH L 5 .   ? -2.176  -10.949 -3.107  1.00 32.51 ? 1061 HOH A O   1 
HETATM 1022 O O   . HOH L 5 .   ? 5.774   -14.026 -1.393  1.00 25.93 ? 1062 HOH A O   1 
HETATM 1023 O O   . HOH L 5 .   ? -5.216  2.489   11.970  1.00 27.57 ? 1063 HOH A O   1 
HETATM 1024 O O   . HOH L 5 .   ? 10.437  -11.811 4.085   1.00 23.36 ? 1064 HOH A O   1 
HETATM 1025 O O   . HOH L 5 .   ? -3.633  16.261  -2.349  1.00 29.58 ? 1065 HOH A O   1 
HETATM 1026 O O   . HOH L 5 .   ? -9.817  -7.829  5.465   1.00 46.66 ? 1066 HOH A O   1 
HETATM 1027 O O   . HOH L 5 .   ? -8.284  -8.182  7.790   1.00 25.51 ? 1067 HOH A O   1 
HETATM 1028 O O   . HOH L 5 .   ? 14.400  -6.745  7.827   1.00 27.98 ? 1068 HOH A O   1 
HETATM 1029 O O   . HOH L 5 .   ? 10.118  -21.137 6.604   1.00 46.39 ? 1069 HOH A O   1 
HETATM 1030 O O   . HOH L 5 .   ? -2.956  2.537   -13.659 1.00 36.18 ? 1070 HOH A O   1 
HETATM 1031 O O   . HOH L 5 .   ? -10.369 2.374   -14.285 1.00 36.00 ? 1071 HOH A O   1 
HETATM 1032 O O   . HOH L 5 .   ? 0.014   13.502  -7.481  1.00 47.28 ? 1072 HOH A O   1 
HETATM 1033 O O   . HOH L 5 .   ? -12.200 6.449   2.141   1.00 44.82 ? 1073 HOH A O   1 
HETATM 1034 O O   . HOH L 5 .   ? -12.531 4.007   -13.869 1.00 39.07 ? 1074 HOH A O   1 
HETATM 1035 O O   . HOH L 5 .   ? 13.318  -11.165 -3.356  1.00 45.35 ? 1075 HOH A O   1 
HETATM 1036 O O   . HOH L 5 .   ? -3.908  -7.465  -13.207 1.00 41.71 ? 1076 HOH A O   1 
HETATM 1037 O O   . HOH L 5 .   ? -16.657 -7.448  -0.299  1.00 39.67 ? 1077 HOH A O   1 
HETATM 1038 O O   . HOH L 5 .   ? 0.353   10.948  12.062  1.00 29.85 ? 1078 HOH A O   1 
HETATM 1039 O O   . HOH L 5 .   ? 19.923  -3.094  2.546   1.00 30.65 ? 1079 HOH A O   1 
HETATM 1040 O O   . HOH M 5 .   ? 6.862   -2.729  14.671  1.00 34.55 ? 201  HOH M O   1 
HETATM 1041 O O   . HOH M 5 .   ? -8.141  -23.175 7.463   1.00 44.76 ? 202  HOH M O   1 
HETATM 1042 O O   . HOH M 5 .   ? 8.893   1.077   15.245  1.00 22.04 ? 203  HOH M O   1 
HETATM 1043 O O   . HOH M 5 .   ? 9.014   -0.300  11.707  1.00 24.78 ? 204  HOH M O   1 
HETATM 1044 O O   . HOH M 5 .   ? -2.774  -13.620 13.419  1.00 37.98 ? 205  HOH M O   1 
HETATM 1045 O O   . HOH M 5 .   ? -1.831  -7.806  15.703  1.00 34.19 ? 206  HOH M O   1 
HETATM 1046 O O   . HOH M 5 .   ? -0.450  -10.144 17.462  1.00 44.84 ? 207  HOH M O   1 
HETATM 1047 O O   . HOH M 5 .   ? 13.989  -3.977  21.754  1.00 36.42 ? 208  HOH M O   1 
HETATM 1048 O O   . HOH M 5 .   ? -1.196  -16.902 6.163   1.00 21.14 ? 209  HOH M O   1 
HETATM 1049 O O   . HOH M 5 .   ? 9.832   1.473   18.178  1.00 32.48 ? 210  HOH M O   1 
HETATM 1050 O O   . HOH M 5 .   ? 2.897   -16.601 13.311  1.00 24.76 ? 211  HOH M O   1 
HETATM 1051 O O   . HOH M 5 .   ? 2.424   -8.691  14.367  1.00 18.72 ? 212  HOH M O   1 
HETATM 1052 O O   . HOH M 5 .   ? 8.958   -14.208 13.031  1.00 38.99 ? 213  HOH M O   1 
HETATM 1053 O O   . HOH M 5 .   ? 1.661   -19.097 12.527  1.00 25.35 ? 214  HOH M O   1 
HETATM 1054 O O   . HOH M 5 .   ? 6.544   -3.539  12.022  1.00 22.06 ? 215  HOH M O   1 
HETATM 1055 O O   . HOH M 5 .   ? 4.780   -8.498  15.872  1.00 28.43 ? 216  HOH M O   1 
HETATM 1056 O O   . HOH M 5 .   ? 1.140   -8.309  18.237  1.00 53.65 ? 217  HOH M O   1 
HETATM 1057 O O   . HOH M 5 .   ? -3.735  -17.267 5.089   1.00 35.09 ? 218  HOH M O   1 
HETATM 1058 O O   . HOH M 5 .   ? 4.942   -4.026  16.237  1.00 45.68 ? 219  HOH M O   1 
HETATM 1059 O O   . HOH M 5 .   ? 5.551   -17.412 13.405  1.00 39.89 ? 220  HOH M O   1 
# 
